data_2GVC
#
_entry.id   2GVC
#
_cell.length_a   72.700
_cell.length_b   84.450
_cell.length_c   113.510
_cell.angle_alpha   107.73
_cell.angle_beta   90.76
_cell.angle_gamma   106.50
#
_symmetry.space_group_name_H-M   'P 1'
#
loop_
_entity.id
_entity.type
_entity.pdbx_description
1 polymer monooxygenase
2 non-polymer 'HYDROGEN PEROXIDE'
3 non-polymer 'FLAVIN-ADENINE DINUCLEOTIDE'
4 non-polymer 1-METHYL-1,3-DIHYDRO-2H-IMIDAZOLE-2-THIONE
5 non-polymer GLYCEROL
6 water water
#
_entity_poly.entity_id   1
_entity_poly.type   'polypeptide(L)'
_entity_poly.pdbx_seq_one_letter_code
;(MSE)CLPTIRKIAIIGAGPSGLVTAKALLAEKAFDQVTLFERRGSPGGVWNYTSTLSNKLPVPSTNPILTTEPIVGPAA
LPVYPSPLYRDLQTNTPIEL(MSE)GYCDQSFKPQTLQFPHRHTIQEYQRIYAQPLLPFIKLATDVLDIEKKDGSWVVTY
KGTKAGSPISKDIFDAVSICNGHYEVPYIPNIKGLDEYAKAVPGSVLHSSLFREPELFVGESVLVVGGASSANDLVRHLT
PVAKHPIYQSLLGGGDIQNESLQQVPEITKFDPTTREIYLKGGKVLSNIDRVIYCTGYLYSVPFPSLAKLKSPETKLIDD
GSHVHNVYQHIFYIPDPTLAFVGLALHVVPFPTSQAQAAFLARVWSGRLKLPSKEEQLKWQDEL(MSE)FSLSGANN
(MSE)YHSLDYPKDATYINKLHDWCKQATPVLEEEFPSPYWGEKERSIREN(MSE)WSIRAKFFGIEPPK
;
_entity_poly.pdbx_strand_id   A,B,D,E
#
loop_
_chem_comp.id
_chem_comp.type
_chem_comp.name
_chem_comp.formula
FAD non-polymer 'FLAVIN-ADENINE DINUCLEOTIDE' 'C27 H33 N9 O15 P2'
GOL non-polymer GLYCEROL 'C3 H8 O3'
MMZ non-polymer 1-METHYL-1,3-DIHYDRO-2H-IMIDAZOLE-2-THIONE 'C4 H6 N2 S'
PEO non-polymer 'HYDROGEN PEROXIDE' 'H2 O2'
#
# COMPACT_ATOMS: atom_id res chain seq x y z
N LEU A 3 15.48 -77.07 -20.57
CA LEU A 3 16.77 -77.73 -20.18
C LEU A 3 17.14 -77.41 -18.73
N PRO A 4 17.58 -78.43 -17.97
CA PRO A 4 17.95 -78.18 -16.56
C PRO A 4 19.24 -77.38 -16.36
N THR A 5 20.31 -77.69 -17.10
CA THR A 5 21.55 -76.92 -16.90
C THR A 5 21.47 -75.58 -17.61
N ILE A 6 21.08 -74.57 -16.83
CA ILE A 6 20.92 -73.21 -17.29
C ILE A 6 22.24 -72.45 -17.29
N ARG A 7 22.56 -71.77 -18.39
CA ARG A 7 23.79 -70.98 -18.49
C ARG A 7 23.51 -69.54 -18.95
N LYS A 8 22.51 -69.39 -19.82
CA LYS A 8 22.14 -68.08 -20.34
C LYS A 8 20.73 -67.74 -19.92
N ILE A 9 20.60 -66.63 -19.22
CA ILE A 9 19.32 -66.17 -18.70
C ILE A 9 18.97 -64.78 -19.21
N ALA A 10 17.71 -64.61 -19.61
CA ALA A 10 17.23 -63.31 -20.08
C ALA A 10 16.29 -62.80 -19.00
N ILE A 11 16.39 -61.50 -18.70
CA ILE A 11 15.54 -60.86 -17.71
C ILE A 11 14.78 -59.75 -18.43
N ILE A 12 13.45 -59.80 -18.41
CA ILE A 12 12.65 -58.79 -19.09
C ILE A 12 12.25 -57.66 -18.14
N GLY A 13 12.90 -56.51 -18.29
CA GLY A 13 12.61 -55.36 -17.45
C GLY A 13 13.78 -55.05 -16.54
N ALA A 14 14.16 -53.78 -16.44
CA ALA A 14 15.27 -53.40 -15.57
C ALA A 14 14.78 -52.45 -14.48
N GLY A 15 13.66 -52.83 -13.88
CA GLY A 15 13.09 -52.07 -12.80
C GLY A 15 13.53 -52.75 -11.52
N PRO A 16 13.01 -52.32 -10.37
CA PRO A 16 13.37 -52.92 -9.08
C PRO A 16 13.37 -54.45 -9.10
N SER A 17 12.38 -55.04 -9.78
CA SER A 17 12.31 -56.51 -9.82
C SER A 17 13.39 -57.15 -10.70
N GLY A 18 13.52 -56.68 -11.94
CA GLY A 18 14.53 -57.22 -12.83
C GLY A 18 15.96 -56.98 -12.36
N LEU A 19 16.17 -55.86 -11.68
CA LEU A 19 17.50 -55.52 -11.17
C LEU A 19 17.92 -56.43 -10.00
N VAL A 20 17.01 -56.67 -9.06
CA VAL A 20 17.40 -57.53 -7.94
C VAL A 20 17.49 -58.98 -8.38
N THR A 21 16.83 -59.32 -9.49
CA THR A 21 16.89 -60.67 -10.02
C THR A 21 18.25 -60.85 -10.67
N ALA A 22 18.78 -59.79 -11.28
CA ALA A 22 20.08 -59.84 -11.92
C ALA A 22 21.20 -60.09 -10.88
N LYS A 23 21.21 -59.30 -9.82
CA LYS A 23 22.22 -59.48 -8.76
C LYS A 23 22.14 -60.83 -8.08
N ALA A 24 20.93 -61.34 -7.85
CA ALA A 24 20.80 -62.64 -7.22
C ALA A 24 21.35 -63.73 -8.15
N LEU A 25 21.06 -63.63 -9.45
CA LEU A 25 21.53 -64.62 -10.43
C LEU A 25 23.05 -64.60 -10.56
N LEU A 26 23.60 -63.40 -10.76
CA LEU A 26 25.05 -63.26 -10.89
C LEU A 26 25.78 -63.78 -9.65
N ALA A 27 25.18 -63.59 -8.47
CA ALA A 27 25.79 -64.04 -7.22
C ALA A 27 25.93 -65.55 -7.11
N GLU A 28 25.23 -66.31 -7.94
CA GLU A 28 25.34 -67.77 -7.92
C GLU A 28 26.65 -68.22 -8.56
N LYS A 29 27.25 -67.36 -9.37
CA LYS A 29 28.50 -67.69 -10.06
C LYS A 29 28.32 -68.99 -10.82
N ALA A 30 27.15 -69.19 -11.40
CA ALA A 30 26.89 -70.41 -12.12
C ALA A 30 26.38 -70.18 -13.54
N PHE A 31 26.14 -68.93 -13.89
CA PHE A 31 25.63 -68.64 -15.21
C PHE A 31 26.67 -67.95 -16.09
N ASP A 32 26.70 -68.31 -17.35
CA ASP A 32 27.66 -67.70 -18.28
C ASP A 32 27.11 -66.41 -18.86
N GLN A 33 25.80 -66.21 -18.79
CA GLN A 33 25.20 -65.00 -19.35
C GLN A 33 23.89 -64.54 -18.73
N VAL A 34 23.88 -63.32 -18.20
CA VAL A 34 22.68 -62.74 -17.61
C VAL A 34 22.47 -61.43 -18.34
N THR A 35 21.37 -61.35 -19.07
CA THR A 35 21.06 -60.16 -19.86
C THR A 35 19.68 -59.58 -19.56
N LEU A 36 19.66 -58.31 -19.14
CA LEU A 36 18.41 -57.60 -18.87
C LEU A 36 18.03 -56.77 -20.10
N PHE A 37 16.74 -56.78 -20.45
CA PHE A 37 16.23 -56.01 -21.59
C PHE A 37 15.35 -54.92 -20.97
N GLU A 38 15.45 -53.70 -21.46
CA GLU A 38 14.64 -52.61 -20.92
C GLU A 38 14.34 -51.57 -21.99
N ARG A 39 13.05 -51.37 -22.26
CA ARG A 39 12.58 -50.42 -23.25
C ARG A 39 12.95 -48.97 -22.90
N ARG A 40 13.00 -48.67 -21.62
CA ARG A 40 13.37 -47.31 -21.18
C ARG A 40 14.89 -47.07 -21.37
N GLY A 41 15.27 -45.80 -21.45
CA GLY A 41 16.67 -45.47 -21.64
C GLY A 41 17.50 -45.75 -20.41
N SER A 42 16.85 -45.83 -19.26
CA SER A 42 17.52 -46.09 -18.00
C SER A 42 16.77 -47.11 -17.14
N PRO A 43 17.49 -47.75 -16.20
CA PRO A 43 16.88 -48.73 -15.30
C PRO A 43 16.05 -48.00 -14.23
N GLY A 44 15.45 -48.74 -13.31
CA GLY A 44 14.67 -48.10 -12.27
C GLY A 44 13.17 -48.22 -12.37
N GLY A 45 12.68 -48.82 -13.45
CA GLY A 45 11.24 -48.98 -13.62
C GLY A 45 10.41 -47.72 -13.48
N VAL A 46 9.26 -47.84 -12.81
CA VAL A 46 8.38 -46.68 -12.65
C VAL A 46 9.04 -45.52 -11.92
N TRP A 47 10.19 -45.75 -11.31
CA TRP A 47 10.84 -44.67 -10.58
C TRP A 47 11.52 -43.62 -11.48
N ASN A 48 11.27 -43.73 -12.78
CA ASN A 48 11.76 -42.76 -13.75
C ASN A 48 10.59 -41.78 -13.92
N TYR A 49 10.56 -40.73 -13.11
CA TYR A 49 9.48 -39.75 -13.20
C TYR A 49 9.40 -39.08 -14.57
N THR A 50 8.19 -39.05 -15.12
CA THR A 50 7.96 -38.46 -16.44
C THR A 50 6.87 -37.41 -16.46
N SER A 51 7.24 -36.18 -16.79
CA SER A 51 6.26 -35.11 -16.88
C SER A 51 5.40 -35.43 -18.10
N THR A 52 5.85 -36.40 -18.88
CA THR A 52 5.15 -36.83 -20.09
C THR A 52 3.99 -37.77 -19.78
N LEU A 53 2.81 -37.48 -20.30
CA LEU A 53 1.67 -38.37 -20.04
C LEU A 53 1.52 -39.38 -21.16
N SER A 54 0.76 -40.44 -20.88
CA SER A 54 0.50 -41.48 -21.86
C SER A 54 -0.22 -40.73 -22.97
N ASN A 55 0.07 -41.09 -24.21
CA ASN A 55 -0.55 -40.42 -25.34
C ASN A 55 -2.07 -40.58 -25.44
N LYS A 56 -2.57 -41.79 -25.22
CA LYS A 56 -4.00 -42.03 -25.34
C LYS A 56 -4.54 -43.02 -24.27
N LEU A 57 -5.36 -42.52 -23.36
CA LEU A 57 -5.94 -43.35 -22.30
C LEU A 57 -7.11 -44.18 -22.82
N PRO A 58 -7.01 -45.52 -22.75
CA PRO A 58 -8.15 -46.29 -23.25
C PRO A 58 -9.30 -46.22 -22.24
N VAL A 59 -10.42 -45.64 -22.66
CA VAL A 59 -11.59 -45.52 -21.79
C VAL A 59 -12.83 -46.10 -22.47
N PRO A 60 -13.35 -47.24 -21.95
CA PRO A 60 -12.91 -48.03 -20.80
C PRO A 60 -11.67 -48.85 -21.18
N SER A 61 -11.10 -49.53 -20.21
CA SER A 61 -9.91 -50.35 -20.46
C SER A 61 -10.10 -51.68 -19.76
N THR A 62 -10.24 -52.75 -20.55
CA THR A 62 -10.48 -54.09 -20.00
C THR A 62 -9.62 -55.16 -20.67
N ASN A 63 -8.82 -54.77 -21.65
CA ASN A 63 -7.97 -55.74 -22.33
C ASN A 63 -6.54 -55.67 -21.83
N PRO A 64 -6.07 -56.73 -21.14
CA PRO A 64 -4.72 -56.86 -20.57
C PRO A 64 -3.58 -57.00 -21.57
N ILE A 65 -3.89 -57.17 -22.84
CA ILE A 65 -2.84 -57.33 -23.85
C ILE A 65 -2.45 -56.00 -24.49
N LEU A 66 -3.21 -54.95 -24.20
CA LEU A 66 -2.97 -53.62 -24.75
C LEU A 66 -1.50 -53.21 -24.81
N THR A 67 -1.03 -52.89 -26.01
CA THR A 67 0.35 -52.47 -26.24
C THR A 67 0.64 -51.07 -25.70
N THR A 68 1.74 -50.92 -24.97
CA THR A 68 2.10 -49.61 -24.43
C THR A 68 2.77 -48.81 -25.55
N GLU A 69 2.20 -47.67 -25.88
CA GLU A 69 2.73 -46.79 -26.92
C GLU A 69 3.59 -45.69 -26.30
N PRO A 70 4.90 -45.69 -26.59
CA PRO A 70 5.80 -44.67 -26.04
C PRO A 70 5.69 -43.36 -26.82
N ILE A 71 5.89 -42.25 -26.13
CA ILE A 71 5.86 -40.94 -26.78
C ILE A 71 7.15 -40.78 -27.56
N VAL A 72 7.03 -40.53 -28.87
CA VAL A 72 8.21 -40.40 -29.70
C VAL A 72 8.31 -39.03 -30.35
N GLY A 73 9.53 -38.70 -30.73
CA GLY A 73 9.80 -37.42 -31.38
C GLY A 73 11.13 -37.54 -32.11
N PRO A 74 11.42 -36.65 -33.05
CA PRO A 74 12.67 -36.71 -33.80
C PRO A 74 13.92 -36.32 -33.00
N ALA A 75 13.73 -35.64 -31.87
CA ALA A 75 14.85 -35.17 -31.06
C ALA A 75 15.04 -35.86 -29.72
N ALA A 76 14.39 -37.00 -29.50
CA ALA A 76 14.56 -37.68 -28.22
C ALA A 76 14.35 -39.18 -28.34
N LEU A 77 14.83 -39.88 -27.32
CA LEU A 77 14.69 -41.32 -27.26
C LEU A 77 13.23 -41.54 -26.84
N PRO A 78 12.58 -42.58 -27.38
CA PRO A 78 11.18 -42.82 -26.99
C PRO A 78 11.03 -42.87 -25.47
N VAL A 79 10.02 -42.19 -24.96
CA VAL A 79 9.73 -42.14 -23.54
C VAL A 79 8.50 -42.96 -23.19
N TYR A 80 8.65 -43.80 -22.17
CA TYR A 80 7.56 -44.63 -21.67
C TYR A 80 7.14 -43.97 -20.37
N PRO A 81 6.04 -43.22 -20.39
CA PRO A 81 5.54 -42.52 -19.20
C PRO A 81 5.33 -43.42 -17.99
N SER A 82 5.69 -42.88 -16.83
CA SER A 82 5.55 -43.58 -15.57
C SER A 82 4.35 -43.02 -14.86
N PRO A 83 3.66 -43.84 -14.07
CA PRO A 83 2.47 -43.37 -13.36
C PRO A 83 2.76 -42.55 -12.09
N LEU A 84 4.04 -42.41 -11.72
CA LEU A 84 4.35 -41.65 -10.50
C LEU A 84 3.98 -40.16 -10.64
N TYR A 85 3.43 -39.58 -9.58
CA TYR A 85 3.07 -38.18 -9.62
C TYR A 85 4.09 -37.30 -8.92
N ARG A 86 4.03 -36.00 -9.20
CA ARG A 86 5.00 -35.04 -8.68
C ARG A 86 5.33 -35.02 -7.19
N ASP A 87 4.32 -34.91 -6.33
CA ASP A 87 4.58 -34.84 -4.90
C ASP A 87 4.58 -36.18 -4.17
N LEU A 88 4.59 -37.27 -4.93
CA LEU A 88 4.56 -38.61 -4.35
C LEU A 88 5.62 -38.90 -3.30
N GLN A 89 5.17 -39.45 -2.19
CA GLN A 89 6.04 -39.89 -1.12
C GLN A 89 5.60 -41.35 -0.93
N THR A 90 6.50 -42.20 -0.43
CA THR A 90 6.19 -43.61 -0.29
C THR A 90 5.04 -43.93 0.68
N ASN A 91 4.49 -45.13 0.56
CA ASN A 91 3.47 -45.55 1.50
C ASN A 91 4.05 -46.73 2.25
N THR A 92 5.36 -46.91 2.09
CA THR A 92 6.14 -47.97 2.75
C THR A 92 7.27 -47.27 3.50
N PRO A 93 7.43 -47.56 4.80
CA PRO A 93 8.49 -46.96 5.64
C PRO A 93 9.88 -47.49 5.29
N ILE A 94 10.93 -46.69 5.47
CA ILE A 94 12.30 -47.13 5.15
C ILE A 94 12.72 -48.37 5.95
N GLU A 95 12.11 -48.56 7.12
CA GLU A 95 12.43 -49.72 7.96
C GLU A 95 12.10 -51.04 7.27
N LEU A 96 11.37 -50.99 6.16
CA LEU A 96 10.96 -52.22 5.47
C LEU A 96 11.17 -52.23 3.95
N MSE A 97 11.00 -51.09 3.28
CA MSE A 97 11.16 -51.07 1.84
C MSE A 97 12.65 -51.11 1.52
O MSE A 97 13.49 -50.97 2.40
CB MSE A 97 10.49 -49.82 1.25
CG MSE A 97 11.31 -48.54 1.37
SE MSE A 97 10.43 -47.04 0.47
CE MSE A 97 10.49 -45.78 1.90
N GLY A 98 12.99 -51.29 0.26
CA GLY A 98 14.42 -51.34 -0.02
C GLY A 98 14.99 -52.72 0.25
N TYR A 99 16.07 -53.03 -0.46
CA TYR A 99 16.72 -54.32 -0.34
C TYR A 99 17.47 -54.43 0.97
N CYS A 100 17.51 -55.63 1.54
CA CYS A 100 18.17 -55.82 2.83
C CYS A 100 19.69 -55.58 2.78
N ASP A 101 20.28 -55.54 1.59
CA ASP A 101 21.70 -55.28 1.51
C ASP A 101 22.08 -53.88 0.96
N GLN A 102 21.13 -52.95 1.01
CA GLN A 102 21.39 -51.56 0.61
C GLN A 102 20.49 -50.68 1.45
N SER A 103 21.05 -50.00 2.43
CA SER A 103 20.20 -49.17 3.23
C SER A 103 20.06 -47.77 2.71
N PHE A 104 19.24 -46.97 3.36
CA PHE A 104 19.03 -45.60 2.98
C PHE A 104 20.03 -44.76 3.72
N LYS A 105 20.44 -43.66 3.10
CA LYS A 105 21.41 -42.77 3.73
C LYS A 105 20.83 -42.23 5.02
N PRO A 106 21.67 -41.73 5.92
CA PRO A 106 21.16 -41.21 7.18
C PRO A 106 20.33 -39.96 6.96
N GLN A 107 19.42 -39.67 7.89
CA GLN A 107 18.56 -38.52 7.83
C GLN A 107 17.45 -38.66 6.77
N THR A 108 17.24 -39.87 6.28
CA THR A 108 16.19 -40.11 5.29
C THR A 108 14.83 -40.15 6.00
N LEU A 109 13.84 -39.50 5.39
CA LEU A 109 12.49 -39.44 5.93
C LEU A 109 11.92 -40.85 5.95
N GLN A 110 11.15 -41.18 6.99
CA GLN A 110 10.56 -42.52 7.09
C GLN A 110 9.78 -42.93 5.85
N PHE A 111 9.02 -42.00 5.29
CA PHE A 111 8.23 -42.21 4.07
C PHE A 111 8.74 -41.10 3.14
N PRO A 112 9.91 -41.33 2.51
CA PRO A 112 10.56 -40.38 1.61
C PRO A 112 9.86 -40.08 0.29
N HIS A 113 10.21 -38.93 -0.28
CA HIS A 113 9.70 -38.46 -1.57
C HIS A 113 10.34 -39.38 -2.61
N ARG A 114 9.73 -39.49 -3.77
CA ARG A 114 10.23 -40.37 -4.83
C ARG A 114 11.68 -40.04 -5.21
N HIS A 115 12.09 -38.78 -4.99
CA HIS A 115 13.45 -38.36 -5.30
C HIS A 115 14.41 -39.35 -4.63
N THR A 116 14.24 -39.53 -3.32
CA THR A 116 15.06 -40.45 -2.54
C THR A 116 15.06 -41.87 -3.12
N ILE A 117 13.88 -42.36 -3.51
CA ILE A 117 13.77 -43.70 -4.07
C ILE A 117 14.33 -43.81 -5.49
N GLN A 118 14.26 -42.74 -6.28
CA GLN A 118 14.79 -42.76 -7.64
C GLN A 118 16.31 -42.83 -7.53
N GLU A 119 16.85 -42.11 -6.56
CA GLU A 119 18.28 -42.08 -6.31
C GLU A 119 18.72 -43.45 -5.79
N TYR A 120 17.89 -44.05 -4.94
CA TYR A 120 18.20 -45.36 -4.38
C TYR A 120 18.34 -46.36 -5.52
N GLN A 121 17.34 -46.40 -6.40
CA GLN A 121 17.37 -47.31 -7.54
C GLN A 121 18.57 -47.03 -8.44
N ARG A 122 18.91 -45.76 -8.66
CA ARG A 122 20.05 -45.40 -9.52
C ARG A 122 21.35 -45.99 -8.96
N ILE A 123 21.55 -45.85 -7.65
CA ILE A 123 22.72 -46.38 -6.97
C ILE A 123 22.73 -47.91 -7.08
N TYR A 124 21.57 -48.52 -6.86
CA TYR A 124 21.46 -49.97 -6.91
C TYR A 124 21.70 -50.52 -8.32
N ALA A 125 21.20 -49.83 -9.35
CA ALA A 125 21.34 -50.32 -10.72
C ALA A 125 22.65 -50.01 -11.45
N GLN A 126 23.41 -49.03 -10.96
CA GLN A 126 24.65 -48.65 -11.63
C GLN A 126 25.61 -49.78 -12.02
N PRO A 127 26.01 -50.64 -11.06
CA PRO A 127 26.92 -51.75 -11.40
C PRO A 127 26.36 -52.81 -12.33
N LEU A 128 25.09 -52.65 -12.71
CA LEU A 128 24.44 -53.59 -13.62
C LEU A 128 24.25 -53.04 -15.02
N LEU A 129 24.62 -51.78 -15.23
CA LEU A 129 24.46 -51.15 -16.54
C LEU A 129 25.07 -51.93 -17.70
N PRO A 130 26.23 -52.57 -17.49
CA PRO A 130 26.80 -53.32 -18.62
C PRO A 130 26.12 -54.64 -18.91
N PHE A 131 25.15 -55.03 -18.08
CA PHE A 131 24.42 -56.28 -18.27
C PHE A 131 23.02 -55.99 -18.83
N ILE A 132 22.72 -54.71 -19.04
CA ILE A 132 21.41 -54.31 -19.52
C ILE A 132 21.43 -53.76 -20.93
N LYS A 133 20.54 -54.28 -21.78
CA LYS A 133 20.40 -53.76 -23.13
C LYS A 133 19.30 -52.71 -22.96
N LEU A 134 19.72 -51.45 -22.87
CA LEU A 134 18.82 -50.32 -22.69
C LEU A 134 18.09 -49.94 -23.97
N ALA A 135 17.01 -49.19 -23.84
CA ALA A 135 16.22 -48.74 -24.98
C ALA A 135 15.99 -49.91 -25.95
N THR A 136 15.57 -51.05 -25.41
CA THR A 136 15.31 -52.24 -26.21
C THR A 136 14.00 -52.86 -25.72
N ASP A 137 13.06 -53.01 -26.65
CA ASP A 137 11.73 -53.55 -26.37
C ASP A 137 11.62 -55.03 -26.78
N VAL A 138 11.25 -55.89 -25.84
CA VAL A 138 11.09 -57.31 -26.12
C VAL A 138 9.71 -57.50 -26.73
N LEU A 139 9.67 -58.03 -27.95
CA LEU A 139 8.42 -58.21 -28.69
C LEU A 139 7.71 -59.54 -28.44
N ASP A 140 8.48 -60.60 -28.28
CA ASP A 140 7.87 -61.90 -28.06
C ASP A 140 8.84 -62.83 -27.33
N ILE A 141 8.29 -63.90 -26.74
CA ILE A 141 9.07 -64.88 -26.00
C ILE A 141 8.44 -66.25 -26.21
N GLU A 142 9.14 -67.17 -26.86
CA GLU A 142 8.59 -68.50 -27.06
C GLU A 142 9.61 -69.63 -27.03
N LYS A 143 9.15 -70.76 -26.51
CA LYS A 143 9.96 -71.96 -26.42
C LYS A 143 10.08 -72.53 -27.83
N LYS A 144 11.32 -72.58 -28.33
CA LYS A 144 11.58 -73.10 -29.68
C LYS A 144 12.70 -74.11 -29.55
N ASP A 145 12.43 -75.33 -29.96
CA ASP A 145 13.41 -76.41 -29.84
C ASP A 145 13.58 -76.58 -28.33
N GLY A 146 14.81 -76.59 -27.83
CA GLY A 146 14.97 -76.75 -26.39
C GLY A 146 15.21 -75.47 -25.61
N SER A 147 15.21 -74.33 -26.27
CA SER A 147 15.45 -73.06 -25.60
C SER A 147 14.36 -72.02 -25.79
N TRP A 148 14.53 -70.88 -25.13
CA TRP A 148 13.60 -69.77 -25.24
C TRP A 148 14.16 -68.76 -26.24
N VAL A 149 13.33 -68.41 -27.22
CA VAL A 149 13.72 -67.43 -28.21
C VAL A 149 13.08 -66.11 -27.80
N VAL A 150 13.88 -65.09 -27.53
CA VAL A 150 13.29 -63.80 -27.17
C VAL A 150 13.54 -62.82 -28.31
N THR A 151 12.45 -62.29 -28.86
CA THR A 151 12.53 -61.36 -29.97
C THR A 151 12.47 -59.96 -29.42
N TYR A 152 13.34 -59.09 -29.92
CA TYR A 152 13.39 -57.72 -29.44
C TYR A 152 13.81 -56.76 -30.52
N LYS A 153 13.50 -55.49 -30.30
CA LYS A 153 13.81 -54.43 -31.24
C LYS A 153 14.28 -53.23 -30.47
N GLY A 154 15.40 -52.65 -30.90
CA GLY A 154 15.89 -51.48 -30.23
C GLY A 154 14.86 -50.37 -30.34
N THR A 155 14.58 -49.71 -29.22
CA THR A 155 13.66 -48.60 -29.19
C THR A 155 14.44 -47.54 -29.93
N LYS A 156 13.83 -46.92 -30.94
CA LYS A 156 14.54 -45.92 -31.74
C LYS A 156 14.19 -46.24 -33.18
N ALA A 157 13.59 -45.28 -33.86
CA ALA A 157 13.19 -45.47 -35.24
C ALA A 157 14.24 -46.23 -36.05
N GLY A 158 13.77 -47.15 -36.87
CA GLY A 158 14.65 -47.92 -37.73
C GLY A 158 15.39 -49.12 -37.17
N SER A 159 15.44 -49.28 -35.85
CA SER A 159 16.15 -50.44 -35.29
C SER A 159 15.55 -51.72 -35.87
N PRO A 160 16.41 -52.72 -36.13
CA PRO A 160 16.03 -54.02 -36.68
C PRO A 160 15.55 -55.03 -35.63
N ILE A 161 14.58 -55.85 -35.99
CA ILE A 161 14.06 -56.88 -35.10
C ILE A 161 15.14 -57.95 -34.96
N SER A 162 15.52 -58.26 -33.72
CA SER A 162 16.58 -59.22 -33.46
C SER A 162 16.12 -60.42 -32.60
N LYS A 163 16.85 -61.53 -32.67
CA LYS A 163 16.49 -62.74 -31.90
C LYS A 163 17.68 -63.41 -31.21
N ASP A 164 17.52 -63.74 -29.93
CA ASP A 164 18.56 -64.43 -29.15
C ASP A 164 17.92 -65.53 -28.30
N ILE A 165 18.61 -66.66 -28.15
CA ILE A 165 18.05 -67.75 -27.38
C ILE A 165 18.69 -67.82 -25.99
N PHE A 166 17.89 -68.28 -25.03
CA PHE A 166 18.33 -68.40 -23.64
C PHE A 166 17.79 -69.70 -23.09
N ASP A 167 18.40 -70.18 -22.01
CA ASP A 167 17.96 -71.42 -21.37
C ASP A 167 16.83 -71.14 -20.39
N ALA A 168 16.71 -69.89 -19.95
CA ALA A 168 15.68 -69.48 -19.00
C ALA A 168 15.34 -68.01 -19.18
N VAL A 169 14.13 -67.63 -18.81
CA VAL A 169 13.70 -66.25 -18.93
C VAL A 169 12.92 -65.81 -17.70
N SER A 170 13.31 -64.68 -17.11
CA SER A 170 12.62 -64.15 -15.95
C SER A 170 11.89 -62.88 -16.35
N ILE A 171 10.56 -62.95 -16.32
CA ILE A 171 9.73 -61.80 -16.68
C ILE A 171 9.49 -60.91 -15.46
N CYS A 172 9.94 -59.66 -15.55
CA CYS A 172 9.81 -58.66 -14.49
C CYS A 172 9.29 -57.37 -15.10
N ASN A 173 8.34 -57.50 -16.03
CA ASN A 173 7.75 -56.37 -16.77
C ASN A 173 6.81 -55.44 -15.99
N GLY A 174 6.62 -55.70 -14.69
CA GLY A 174 5.74 -54.88 -13.89
C GLY A 174 4.27 -55.14 -14.17
N HIS A 175 3.38 -54.60 -13.32
CA HIS A 175 1.95 -54.77 -13.50
C HIS A 175 1.12 -53.53 -13.23
N TYR A 176 1.73 -52.36 -13.37
CA TYR A 176 1.02 -51.10 -13.16
C TYR A 176 1.15 -50.22 -14.40
N GLU A 177 1.02 -50.85 -15.56
CA GLU A 177 1.13 -50.14 -16.82
C GLU A 177 -0.22 -50.06 -17.58
N VAL A 178 -0.87 -51.21 -17.73
CA VAL A 178 -2.15 -51.26 -18.42
C VAL A 178 -3.27 -50.87 -17.48
N PRO A 179 -3.93 -49.73 -17.74
CA PRO A 179 -5.02 -49.23 -16.91
C PRO A 179 -6.24 -50.13 -16.91
N TYR A 180 -6.92 -50.18 -15.77
CA TYR A 180 -8.16 -50.92 -15.67
C TYR A 180 -9.24 -49.89 -15.43
N ILE A 181 -10.17 -49.78 -16.37
CA ILE A 181 -11.30 -48.87 -16.24
C ILE A 181 -12.50 -49.70 -16.70
N PRO A 182 -13.37 -50.07 -15.74
CA PRO A 182 -14.56 -50.88 -16.03
C PRO A 182 -15.48 -50.24 -17.04
N ASN A 183 -16.00 -51.06 -17.95
CA ASN A 183 -16.91 -50.58 -18.98
C ASN A 183 -18.29 -50.30 -18.41
N ILE A 184 -18.58 -49.05 -18.08
CA ILE A 184 -19.87 -48.67 -17.54
C ILE A 184 -20.73 -48.09 -18.66
N LYS A 185 -22.05 -48.18 -18.48
CA LYS A 185 -22.99 -47.67 -19.49
C LYS A 185 -22.80 -46.18 -19.83
N GLY A 186 -22.44 -45.90 -21.08
CA GLY A 186 -22.26 -44.53 -21.51
C GLY A 186 -20.91 -43.86 -21.20
N LEU A 187 -20.01 -44.57 -20.52
CA LEU A 187 -18.70 -44.02 -20.17
C LEU A 187 -17.94 -43.56 -21.42
N ASP A 188 -17.77 -44.48 -22.37
CA ASP A 188 -17.07 -44.20 -23.61
C ASP A 188 -17.52 -42.89 -24.25
N GLU A 189 -18.82 -42.75 -24.47
CA GLU A 189 -19.34 -41.54 -25.09
C GLU A 189 -19.04 -40.34 -24.20
N TYR A 190 -19.41 -40.45 -22.93
CA TYR A 190 -19.16 -39.39 -21.97
C TYR A 190 -17.69 -38.95 -21.96
N ALA A 191 -16.78 -39.91 -22.18
CA ALA A 191 -15.35 -39.62 -22.18
C ALA A 191 -14.94 -38.87 -23.45
N LYS A 192 -15.35 -39.37 -24.61
CA LYS A 192 -15.02 -38.76 -25.89
C LYS A 192 -15.65 -37.39 -26.13
N ALA A 193 -16.75 -37.08 -25.45
CA ALA A 193 -17.40 -35.78 -25.61
C ALA A 193 -16.47 -34.66 -25.18
N VAL A 194 -15.90 -34.82 -23.98
CA VAL A 194 -14.99 -33.84 -23.41
C VAL A 194 -13.65 -34.55 -23.12
N PRO A 195 -12.66 -34.40 -24.02
CA PRO A 195 -11.31 -34.97 -23.98
C PRO A 195 -10.60 -35.18 -22.64
N GLY A 196 -10.73 -34.25 -21.71
CA GLY A 196 -10.06 -34.44 -20.44
C GLY A 196 -11.00 -34.61 -19.27
N SER A 197 -12.23 -35.01 -19.55
CA SER A 197 -13.22 -35.19 -18.49
C SER A 197 -13.00 -36.48 -17.72
N VAL A 198 -12.51 -37.50 -18.41
CA VAL A 198 -12.27 -38.78 -17.76
C VAL A 198 -10.79 -39.15 -17.76
N LEU A 199 -10.20 -39.26 -16.57
CA LEU A 199 -8.79 -39.59 -16.42
C LEU A 199 -8.61 -40.89 -15.64
N HIS A 200 -7.36 -41.33 -15.52
CA HIS A 200 -7.01 -42.53 -14.76
C HIS A 200 -5.87 -42.10 -13.82
N SER A 201 -5.73 -42.77 -12.69
CA SER A 201 -4.66 -42.38 -11.76
C SER A 201 -3.29 -42.30 -12.44
N SER A 202 -3.03 -43.13 -13.45
CA SER A 202 -1.73 -43.09 -14.11
C SER A 202 -1.43 -41.78 -14.85
N LEU A 203 -2.42 -40.91 -15.03
CA LEU A 203 -2.21 -39.63 -15.69
C LEU A 203 -1.98 -38.52 -14.68
N PHE A 204 -2.27 -38.77 -13.41
CA PHE A 204 -2.09 -37.73 -12.41
C PHE A 204 -0.61 -37.32 -12.32
N ARG A 205 -0.38 -36.01 -12.19
CA ARG A 205 0.97 -35.49 -12.07
C ARG A 205 0.97 -34.26 -11.16
N GLU A 206 0.34 -33.19 -11.61
CA GLU A 206 0.30 -31.96 -10.83
C GLU A 206 -1.14 -31.63 -10.44
N PRO A 207 -1.40 -31.48 -9.14
CA PRO A 207 -2.73 -31.16 -8.62
C PRO A 207 -3.27 -29.78 -8.96
N GLU A 208 -2.39 -28.84 -9.32
CA GLU A 208 -2.84 -27.49 -9.63
C GLU A 208 -3.75 -27.46 -10.85
N LEU A 209 -3.80 -28.57 -11.57
CA LEU A 209 -4.64 -28.66 -12.75
C LEU A 209 -6.11 -28.74 -12.36
N PHE A 210 -6.36 -29.07 -11.09
CA PHE A 210 -7.73 -29.24 -10.61
C PHE A 210 -8.24 -28.11 -9.75
N VAL A 211 -7.47 -27.03 -9.62
CA VAL A 211 -7.90 -25.91 -8.81
C VAL A 211 -9.28 -25.47 -9.28
N GLY A 212 -10.20 -25.35 -8.32
CA GLY A 212 -11.54 -24.92 -8.65
C GLY A 212 -12.47 -25.91 -9.34
N GLU A 213 -11.95 -27.05 -9.80
CA GLU A 213 -12.79 -28.03 -10.49
C GLU A 213 -13.54 -28.99 -9.55
N SER A 214 -14.69 -29.49 -10.02
CA SER A 214 -15.49 -30.44 -9.24
C SER A 214 -15.04 -31.83 -9.65
N VAL A 215 -14.56 -32.60 -8.69
CA VAL A 215 -14.02 -33.91 -9.00
C VAL A 215 -14.64 -35.14 -8.35
N LEU A 216 -14.75 -36.18 -9.15
CA LEU A 216 -15.29 -37.46 -8.71
C LEU A 216 -14.14 -38.46 -8.78
N VAL A 217 -13.73 -38.96 -7.63
CA VAL A 217 -12.66 -39.95 -7.57
C VAL A 217 -13.37 -41.29 -7.43
N VAL A 218 -13.16 -42.20 -8.38
CA VAL A 218 -13.81 -43.49 -8.33
C VAL A 218 -12.87 -44.62 -7.92
N GLY A 219 -13.08 -45.10 -6.70
CA GLY A 219 -12.26 -46.18 -6.17
C GLY A 219 -12.11 -46.02 -4.67
N GLY A 220 -11.87 -47.12 -3.97
CA GLY A 220 -11.69 -47.04 -2.53
C GLY A 220 -10.34 -47.50 -2.04
N ALA A 221 -9.45 -47.88 -2.96
CA ALA A 221 -8.11 -48.36 -2.59
C ALA A 221 -7.22 -47.19 -2.17
N SER A 222 -6.01 -47.50 -1.73
CA SER A 222 -5.07 -46.48 -1.26
C SER A 222 -4.89 -45.35 -2.27
N SER A 223 -4.61 -45.71 -3.51
CA SER A 223 -4.43 -44.69 -4.55
C SER A 223 -5.58 -43.69 -4.59
N ALA A 224 -6.81 -44.18 -4.50
CA ALA A 224 -7.97 -43.29 -4.53
C ALA A 224 -8.00 -42.35 -3.32
N ASN A 225 -7.72 -42.89 -2.15
CA ASN A 225 -7.73 -42.07 -0.93
C ASN A 225 -6.60 -41.05 -0.95
N ASP A 226 -5.47 -41.43 -1.53
CA ASP A 226 -4.32 -40.51 -1.62
C ASP A 226 -4.70 -39.35 -2.53
N LEU A 227 -5.32 -39.67 -3.66
CA LEU A 227 -5.73 -38.66 -4.63
C LEU A 227 -6.70 -37.68 -3.98
N VAL A 228 -7.65 -38.20 -3.20
CA VAL A 228 -8.62 -37.38 -2.50
C VAL A 228 -7.93 -36.33 -1.63
N ARG A 229 -6.97 -36.77 -0.83
CA ARG A 229 -6.23 -35.84 0.03
C ARG A 229 -5.47 -34.79 -0.78
N HIS A 230 -4.80 -35.24 -1.84
CA HIS A 230 -4.02 -34.36 -2.69
C HIS A 230 -4.86 -33.32 -3.44
N LEU A 231 -6.12 -33.65 -3.73
CA LEU A 231 -7.01 -32.73 -4.42
C LEU A 231 -7.77 -31.80 -3.47
N THR A 232 -7.83 -32.20 -2.20
CA THR A 232 -8.56 -31.44 -1.20
C THR A 232 -8.20 -29.95 -1.08
N PRO A 233 -6.91 -29.62 -1.15
CA PRO A 233 -6.57 -28.20 -1.05
C PRO A 233 -6.74 -27.40 -2.33
N VAL A 234 -7.07 -28.08 -3.43
CA VAL A 234 -7.21 -27.37 -4.70
C VAL A 234 -8.56 -27.48 -5.41
N ALA A 235 -9.13 -28.67 -5.46
CA ALA A 235 -10.41 -28.86 -6.13
C ALA A 235 -11.53 -28.13 -5.39
N LYS A 236 -12.61 -27.81 -6.12
CA LYS A 236 -13.75 -27.15 -5.49
C LYS A 236 -14.34 -28.14 -4.50
N HIS A 237 -14.73 -27.67 -3.33
CA HIS A 237 -15.33 -28.55 -2.34
C HIS A 237 -16.81 -28.77 -2.64
N PRO A 238 -17.32 -29.98 -2.39
CA PRO A 238 -16.58 -31.13 -1.85
C PRO A 238 -16.05 -32.06 -2.93
N ILE A 239 -15.14 -32.95 -2.56
CA ILE A 239 -14.59 -33.93 -3.48
C ILE A 239 -15.43 -35.19 -3.37
N TYR A 240 -15.88 -35.69 -4.52
CA TYR A 240 -16.69 -36.89 -4.53
C TYR A 240 -15.85 -38.14 -4.73
N GLN A 241 -16.14 -39.18 -3.96
CA GLN A 241 -15.43 -40.44 -4.06
C GLN A 241 -16.45 -41.57 -4.16
N SER A 242 -16.46 -42.26 -5.29
CA SER A 242 -17.38 -43.36 -5.51
C SER A 242 -16.85 -44.70 -4.97
N LEU A 243 -17.37 -45.11 -3.82
CA LEU A 243 -17.00 -46.38 -3.18
C LEU A 243 -18.00 -47.45 -3.63
N LEU A 244 -17.52 -48.68 -3.81
CA LEU A 244 -18.37 -49.78 -4.22
C LEU A 244 -19.59 -49.92 -3.31
N GLY A 245 -19.36 -49.99 -2.00
CA GLY A 245 -20.48 -50.10 -1.09
C GLY A 245 -20.84 -48.76 -0.46
N GLY A 246 -20.43 -47.66 -1.09
CA GLY A 246 -20.72 -46.36 -0.52
C GLY A 246 -19.74 -46.16 0.62
N GLY A 247 -19.85 -45.06 1.35
CA GLY A 247 -18.93 -44.84 2.45
C GLY A 247 -19.56 -44.10 3.61
N ASP A 248 -18.82 -43.97 4.71
CA ASP A 248 -19.32 -43.29 5.91
C ASP A 248 -18.90 -41.83 6.07
N ILE A 249 -18.16 -41.30 5.09
CA ILE A 249 -17.73 -39.92 5.16
C ILE A 249 -18.52 -39.03 4.22
N GLN A 250 -19.24 -38.08 4.82
CA GLN A 250 -20.05 -37.12 4.09
C GLN A 250 -19.98 -35.79 4.82
N ASN A 251 -19.06 -34.94 4.41
CA ASN A 251 -18.91 -33.62 5.02
C ASN A 251 -18.71 -32.56 3.95
N GLU A 252 -18.26 -31.38 4.36
CA GLU A 252 -18.06 -30.26 3.45
C GLU A 252 -16.97 -30.47 2.39
N SER A 253 -15.91 -31.18 2.76
CA SER A 253 -14.80 -31.41 1.85
C SER A 253 -14.79 -32.77 1.13
N LEU A 254 -15.49 -33.75 1.68
CA LEU A 254 -15.54 -35.08 1.05
C LEU A 254 -16.88 -35.78 1.13
N GLN A 255 -17.46 -36.06 -0.04
CA GLN A 255 -18.75 -36.73 -0.13
C GLN A 255 -18.62 -38.13 -0.76
N GLN A 256 -18.47 -39.16 0.08
CA GLN A 256 -18.36 -40.53 -0.44
C GLN A 256 -19.74 -40.98 -0.92
N VAL A 257 -19.78 -41.60 -2.09
CA VAL A 257 -21.03 -42.07 -2.67
C VAL A 257 -20.90 -43.49 -3.17
N PRO A 258 -22.02 -44.14 -3.52
CA PRO A 258 -21.96 -45.51 -4.02
C PRO A 258 -21.40 -45.58 -5.45
N GLU A 259 -21.27 -46.80 -5.95
CA GLU A 259 -20.77 -47.09 -7.28
C GLU A 259 -21.56 -46.39 -8.37
N ILE A 260 -20.96 -46.28 -9.55
CA ILE A 260 -21.59 -45.64 -10.71
C ILE A 260 -22.44 -46.63 -11.51
N THR A 261 -23.64 -46.18 -11.88
CA THR A 261 -24.59 -46.98 -12.64
C THR A 261 -24.51 -46.69 -14.14
N LYS A 262 -24.54 -45.42 -14.49
CA LYS A 262 -24.47 -45.00 -15.89
C LYS A 262 -23.90 -43.60 -16.02
N PHE A 263 -23.46 -43.27 -17.23
CA PHE A 263 -22.96 -41.93 -17.52
C PHE A 263 -23.94 -41.41 -18.55
N ASP A 264 -24.56 -40.27 -18.28
CA ASP A 264 -25.50 -39.72 -19.24
C ASP A 264 -24.77 -38.76 -20.17
N PRO A 265 -24.42 -39.22 -21.39
CA PRO A 265 -23.71 -38.33 -22.30
C PRO A 265 -24.40 -36.99 -22.52
N THR A 266 -25.71 -37.04 -22.79
CA THR A 266 -26.50 -35.84 -23.07
C THR A 266 -26.59 -34.79 -21.95
N THR A 267 -26.78 -35.22 -20.70
CA THR A 267 -26.86 -34.25 -19.61
C THR A 267 -25.59 -34.27 -18.77
N ARG A 268 -24.62 -35.07 -19.21
CA ARG A 268 -23.35 -35.21 -18.50
C ARG A 268 -23.62 -35.46 -17.03
N GLU A 269 -24.55 -36.34 -16.72
CA GLU A 269 -24.87 -36.67 -15.32
C GLU A 269 -24.34 -38.04 -14.98
N ILE A 270 -23.99 -38.24 -13.71
CA ILE A 270 -23.45 -39.50 -13.26
C ILE A 270 -24.39 -40.18 -12.26
N TYR A 271 -24.96 -41.30 -12.66
CA TYR A 271 -25.90 -42.01 -11.81
C TYR A 271 -25.20 -42.97 -10.85
N LEU A 272 -25.55 -42.87 -9.58
CA LEU A 272 -24.98 -43.71 -8.55
C LEU A 272 -26.01 -44.72 -8.00
N LYS A 273 -25.55 -45.92 -7.68
CA LYS A 273 -26.45 -46.94 -7.16
C LYS A 273 -27.15 -46.42 -5.91
N GLY A 274 -28.47 -46.30 -6.00
CA GLY A 274 -29.24 -45.80 -4.87
C GLY A 274 -30.04 -44.59 -5.30
N GLY A 275 -29.94 -44.24 -6.57
CA GLY A 275 -30.68 -43.11 -7.09
C GLY A 275 -29.94 -41.78 -7.08
N LYS A 276 -28.93 -41.65 -6.19
CA LYS A 276 -28.16 -40.41 -6.08
C LYS A 276 -27.52 -40.07 -7.42
N VAL A 277 -27.76 -38.84 -7.88
CA VAL A 277 -27.21 -38.42 -9.16
C VAL A 277 -26.32 -37.18 -9.03
N LEU A 278 -25.16 -37.25 -9.67
CA LEU A 278 -24.20 -36.14 -9.67
C LEU A 278 -24.24 -35.46 -11.04
N SER A 279 -23.95 -34.16 -11.05
CA SER A 279 -23.94 -33.38 -12.29
C SER A 279 -22.93 -32.24 -12.10
N ASN A 280 -22.40 -31.72 -13.20
CA ASN A 280 -21.40 -30.65 -13.13
C ASN A 280 -20.10 -31.18 -12.52
N ILE A 281 -19.66 -32.33 -13.02
CA ILE A 281 -18.42 -32.93 -12.57
C ILE A 281 -17.39 -32.62 -13.64
N ASP A 282 -16.42 -31.78 -13.28
CA ASP A 282 -15.40 -31.38 -14.22
C ASP A 282 -14.45 -32.52 -14.55
N ARG A 283 -14.04 -33.25 -13.51
CA ARG A 283 -13.11 -34.36 -13.72
C ARG A 283 -13.55 -35.65 -13.04
N VAL A 284 -13.49 -36.75 -13.78
CA VAL A 284 -13.79 -38.07 -13.25
C VAL A 284 -12.43 -38.79 -13.31
N ILE A 285 -11.86 -39.11 -12.15
CA ILE A 285 -10.57 -39.80 -12.11
C ILE A 285 -10.65 -41.25 -11.60
N TYR A 286 -10.55 -42.20 -12.54
CA TYR A 286 -10.61 -43.62 -12.21
C TYR A 286 -9.36 -44.11 -11.47
N CYS A 287 -9.54 -44.46 -10.20
CA CYS A 287 -8.44 -44.98 -9.41
C CYS A 287 -8.74 -46.46 -9.19
N THR A 288 -9.13 -47.11 -10.27
CA THR A 288 -9.50 -48.51 -10.29
C THR A 288 -8.34 -49.47 -10.59
N GLY A 289 -7.12 -48.99 -10.43
CA GLY A 289 -5.96 -49.85 -10.63
C GLY A 289 -5.54 -50.27 -12.02
N TYR A 290 -4.79 -51.35 -12.09
CA TYR A 290 -4.27 -51.85 -13.36
C TYR A 290 -4.55 -53.32 -13.63
N LEU A 291 -4.13 -53.79 -14.80
CA LEU A 291 -4.31 -55.18 -15.20
C LEU A 291 -2.93 -55.81 -15.36
N TYR A 292 -2.81 -57.08 -14.99
CA TYR A 292 -1.55 -57.78 -15.17
C TYR A 292 -1.50 -57.98 -16.67
N SER A 293 -0.29 -57.98 -17.23
CA SER A 293 -0.15 -58.12 -18.67
C SER A 293 1.06 -58.93 -19.10
N VAL A 294 0.85 -59.82 -20.06
CA VAL A 294 1.92 -60.63 -20.62
C VAL A 294 1.80 -60.41 -22.14
N PRO A 295 2.23 -59.23 -22.61
CA PRO A 295 2.18 -58.82 -24.02
C PRO A 295 3.18 -59.51 -24.94
N PHE A 296 3.23 -60.83 -24.91
CA PHE A 296 4.13 -61.55 -25.79
C PHE A 296 3.25 -62.59 -26.46
N PRO A 297 2.98 -62.41 -27.77
CA PRO A 297 2.14 -63.27 -28.62
C PRO A 297 2.22 -64.77 -28.38
N SER A 298 3.43 -65.31 -28.32
CA SER A 298 3.58 -66.74 -28.09
C SER A 298 3.13 -67.18 -26.71
N LEU A 299 3.06 -66.21 -25.79
CA LEU A 299 2.63 -66.49 -24.42
C LEU A 299 1.18 -66.07 -24.17
N ALA A 300 0.75 -65.03 -24.87
CA ALA A 300 -0.62 -64.52 -24.71
C ALA A 300 -1.67 -65.38 -25.42
N LYS A 301 -1.22 -66.18 -26.38
CA LYS A 301 -2.11 -67.05 -27.16
C LYS A 301 -2.49 -68.30 -26.39
N LEU A 302 -1.65 -68.68 -25.43
CA LEU A 302 -1.88 -69.85 -24.60
C LEU A 302 -3.20 -69.65 -23.84
N LYS A 303 -4.14 -70.56 -24.02
CA LYS A 303 -5.42 -70.40 -23.35
C LYS A 303 -5.95 -71.61 -22.58
N SER A 304 -5.31 -72.76 -22.74
CA SER A 304 -5.76 -73.96 -22.03
C SER A 304 -5.52 -73.75 -20.53
N PRO A 305 -6.37 -74.36 -19.68
CA PRO A 305 -6.25 -74.24 -18.22
C PRO A 305 -4.88 -74.54 -17.63
N GLU A 306 -4.17 -75.49 -18.25
CA GLU A 306 -2.86 -75.89 -17.76
C GLU A 306 -1.66 -75.14 -18.36
N THR A 307 -1.89 -74.32 -19.37
CA THR A 307 -0.79 -73.59 -20.00
C THR A 307 -0.99 -72.09 -20.08
N LYS A 308 -2.19 -71.61 -19.77
CA LYS A 308 -2.46 -70.18 -19.86
C LYS A 308 -1.71 -69.34 -18.82
N LEU A 309 -1.38 -68.12 -19.20
CA LEU A 309 -0.71 -67.20 -18.31
C LEU A 309 -1.68 -66.08 -17.98
N ILE A 310 -2.26 -65.50 -19.03
CA ILE A 310 -3.20 -64.40 -18.87
C ILE A 310 -4.55 -64.67 -19.48
N ASP A 311 -5.59 -64.21 -18.78
CA ASP A 311 -6.98 -64.35 -19.25
C ASP A 311 -7.66 -62.97 -19.17
N ASP A 312 -8.06 -62.57 -17.98
CA ASP A 312 -8.73 -61.28 -17.81
C ASP A 312 -7.83 -60.23 -17.17
N GLY A 313 -6.57 -60.58 -16.95
CA GLY A 313 -5.61 -59.64 -16.36
C GLY A 313 -5.76 -59.42 -14.87
N SER A 314 -6.47 -60.32 -14.20
CA SER A 314 -6.70 -60.23 -12.76
C SER A 314 -5.46 -60.75 -12.04
N HIS A 315 -4.70 -61.56 -12.75
CA HIS A 315 -3.50 -62.18 -12.22
C HIS A 315 -2.85 -62.99 -13.33
N VAL A 316 -1.69 -63.57 -13.03
CA VAL A 316 -0.98 -64.41 -13.98
C VAL A 316 -1.17 -65.83 -13.46
N HIS A 317 -1.75 -66.70 -14.28
CA HIS A 317 -2.03 -68.07 -13.87
C HIS A 317 -0.83 -69.03 -14.02
N ASN A 318 -0.97 -70.20 -13.42
CA ASN A 318 0.03 -71.25 -13.48
C ASN A 318 1.46 -70.90 -13.07
N VAL A 319 1.61 -70.14 -12.00
CA VAL A 319 2.93 -69.79 -11.49
C VAL A 319 3.13 -70.26 -10.04
N TYR A 320 3.85 -71.36 -9.88
CA TYR A 320 4.13 -71.94 -8.57
C TYR A 320 4.82 -70.93 -7.67
N GLN A 321 4.20 -70.63 -6.53
CA GLN A 321 4.73 -69.64 -5.58
C GLN A 321 4.79 -68.24 -6.22
N HIS A 322 3.94 -68.04 -7.24
CA HIS A 322 3.86 -66.76 -7.95
C HIS A 322 5.11 -66.48 -8.74
N ILE A 323 5.94 -67.51 -8.89
CA ILE A 323 7.22 -67.40 -9.59
C ILE A 323 7.38 -68.33 -10.80
N PHE A 324 7.45 -69.63 -10.57
CA PHE A 324 7.66 -70.60 -11.64
C PHE A 324 6.45 -71.07 -12.45
N TYR A 325 6.57 -70.92 -13.76
CA TYR A 325 5.54 -71.36 -14.69
C TYR A 325 5.53 -72.88 -14.55
N ILE A 326 4.45 -73.43 -14.01
CA ILE A 326 4.38 -74.87 -13.77
C ILE A 326 4.76 -75.79 -14.93
N PRO A 327 4.20 -75.55 -16.13
CA PRO A 327 4.52 -76.37 -17.30
C PRO A 327 6.00 -76.41 -17.68
N ASP A 328 6.70 -75.29 -17.48
CA ASP A 328 8.13 -75.18 -17.83
C ASP A 328 8.76 -74.17 -16.86
N PRO A 329 9.34 -74.65 -15.76
CA PRO A 329 9.95 -73.72 -14.80
C PRO A 329 11.14 -72.87 -15.29
N THR A 330 11.57 -73.05 -16.53
CA THR A 330 12.66 -72.23 -17.06
C THR A 330 12.09 -70.85 -17.41
N LEU A 331 10.78 -70.69 -17.16
CA LEU A 331 10.10 -69.41 -17.37
C LEU A 331 9.59 -69.00 -15.99
N ALA A 332 10.05 -67.84 -15.50
CA ALA A 332 9.64 -67.38 -14.18
C ALA A 332 9.28 -65.91 -14.16
N PHE A 333 8.57 -65.53 -13.09
CA PHE A 333 8.10 -64.17 -12.89
C PHE A 333 8.50 -63.66 -11.51
N VAL A 334 8.96 -62.41 -11.46
CA VAL A 334 9.34 -61.79 -10.21
C VAL A 334 8.61 -60.44 -10.15
N GLY A 335 7.97 -60.16 -9.03
CA GLY A 335 7.26 -58.89 -8.89
C GLY A 335 5.74 -58.94 -9.01
N LEU A 336 5.18 -60.13 -9.10
CA LEU A 336 3.73 -60.28 -9.21
C LEU A 336 2.97 -59.96 -7.93
N ALA A 337 3.61 -60.18 -6.78
CA ALA A 337 2.99 -59.95 -5.48
C ALA A 337 2.19 -58.65 -5.39
N LEU A 338 1.05 -58.73 -4.72
CA LEU A 338 0.15 -57.60 -4.55
C LEU A 338 0.01 -57.32 -3.05
N HIS A 339 -0.15 -56.05 -2.68
CA HIS A 339 -0.28 -55.67 -1.27
C HIS A 339 0.96 -56.07 -0.47
N VAL A 340 2.12 -55.89 -1.07
CA VAL A 340 3.38 -56.23 -0.44
C VAL A 340 4.30 -55.01 -0.42
N VAL A 341 5.48 -55.17 0.17
CA VAL A 341 6.48 -54.10 0.18
C VAL A 341 7.37 -54.66 -0.94
N PRO A 342 7.26 -54.09 -2.15
CA PRO A 342 7.94 -54.42 -3.41
C PRO A 342 9.40 -54.86 -3.44
N PHE A 343 10.31 -53.99 -2.99
CA PHE A 343 11.74 -54.30 -3.03
C PHE A 343 12.10 -55.59 -2.32
N PRO A 344 11.84 -55.69 -1.01
CA PRO A 344 12.17 -56.89 -0.25
C PRO A 344 11.50 -58.14 -0.82
N THR A 345 10.21 -58.04 -1.11
CA THR A 345 9.49 -59.19 -1.62
C THR A 345 10.05 -59.71 -2.94
N SER A 346 10.51 -58.82 -3.81
CA SER A 346 11.08 -59.27 -5.08
C SER A 346 12.46 -59.84 -4.87
N GLN A 347 13.12 -59.40 -3.81
CA GLN A 347 14.46 -59.90 -3.50
C GLN A 347 14.30 -61.33 -2.96
N ALA A 348 13.29 -61.52 -2.12
CA ALA A 348 13.00 -62.83 -1.53
C ALA A 348 12.75 -63.83 -2.64
N GLN A 349 12.07 -63.38 -3.70
CA GLN A 349 11.79 -64.27 -4.82
C GLN A 349 13.06 -64.54 -5.62
N ALA A 350 13.77 -63.46 -5.95
CA ALA A 350 15.01 -63.57 -6.71
C ALA A 350 16.03 -64.49 -6.03
N ALA A 351 16.13 -64.39 -4.72
CA ALA A 351 17.07 -65.24 -3.97
C ALA A 351 16.73 -66.72 -4.21
N PHE A 352 15.45 -67.03 -4.15
CA PHE A 352 14.96 -68.40 -4.34
C PHE A 352 15.10 -68.82 -5.79
N LEU A 353 14.67 -67.96 -6.71
CA LEU A 353 14.73 -68.25 -8.14
C LEU A 353 16.16 -68.57 -8.58
N ALA A 354 17.12 -67.80 -8.08
CA ALA A 354 18.53 -67.97 -8.41
C ALA A 354 19.12 -69.32 -7.97
N ARG A 355 18.75 -69.77 -6.78
CA ARG A 355 19.23 -71.04 -6.25
C ARG A 355 18.60 -72.23 -6.96
N VAL A 356 17.36 -72.04 -7.41
CA VAL A 356 16.63 -73.08 -8.11
C VAL A 356 17.20 -73.27 -9.51
N TRP A 357 17.44 -72.15 -10.20
CA TRP A 357 17.95 -72.19 -11.57
C TRP A 357 19.41 -72.59 -11.70
N SER A 358 20.19 -72.45 -10.63
CA SER A 358 21.59 -72.86 -10.71
C SER A 358 21.70 -74.30 -10.20
N GLY A 359 20.59 -74.83 -9.71
CA GLY A 359 20.55 -76.19 -9.22
C GLY A 359 20.87 -76.38 -7.74
N ARG A 360 21.18 -75.32 -7.01
CA ARG A 360 21.50 -75.47 -5.59
C ARG A 360 20.28 -75.81 -4.73
N LEU A 361 19.10 -75.69 -5.33
CA LEU A 361 17.82 -76.01 -4.66
C LEU A 361 16.97 -76.70 -5.72
N LYS A 362 16.04 -77.54 -5.28
CA LYS A 362 15.18 -78.26 -6.19
C LYS A 362 13.72 -78.00 -5.91
N LEU A 363 12.93 -77.82 -6.96
CA LEU A 363 11.50 -77.56 -6.80
C LEU A 363 10.79 -78.87 -6.50
N PRO A 364 9.59 -78.80 -5.90
CA PRO A 364 8.86 -80.02 -5.59
C PRO A 364 8.31 -80.58 -6.90
N SER A 365 7.65 -81.74 -6.85
CA SER A 365 7.10 -82.36 -8.05
C SER A 365 6.09 -81.45 -8.73
N LYS A 366 5.89 -81.69 -10.02
CA LYS A 366 4.94 -80.91 -10.79
C LYS A 366 3.53 -81.07 -10.25
N GLU A 367 3.17 -82.28 -9.81
CA GLU A 367 1.83 -82.49 -9.27
C GLU A 367 1.69 -81.74 -7.95
N GLU A 368 2.78 -81.63 -7.20
CA GLU A 368 2.72 -80.93 -5.93
C GLU A 368 2.61 -79.42 -6.14
N GLN A 369 3.14 -78.94 -7.26
CA GLN A 369 3.07 -77.51 -7.58
C GLN A 369 1.63 -77.19 -7.95
N LEU A 370 1.03 -78.05 -8.76
CA LEU A 370 -0.34 -77.86 -9.19
C LEU A 370 -1.27 -77.91 -7.98
N LYS A 371 -0.93 -78.74 -7.00
CA LYS A 371 -1.77 -78.83 -5.81
C LYS A 371 -1.69 -77.51 -5.07
N TRP A 372 -0.48 -76.94 -4.97
CA TRP A 372 -0.29 -75.66 -4.30
C TRP A 372 -1.19 -74.63 -4.97
N GLN A 373 -1.31 -74.71 -6.29
CA GLN A 373 -2.16 -73.76 -7.00
C GLN A 373 -3.65 -74.04 -6.74
N ASP A 374 -4.06 -75.32 -6.82
CA ASP A 374 -5.46 -75.68 -6.59
C ASP A 374 -5.92 -75.13 -5.25
N GLU A 375 -5.11 -75.34 -4.22
CA GLU A 375 -5.44 -74.87 -2.88
C GLU A 375 -5.55 -73.36 -2.82
N LEU A 376 -4.73 -72.66 -3.60
CA LEU A 376 -4.79 -71.20 -3.63
C LEU A 376 -6.09 -70.77 -4.28
N MSE A 377 -6.41 -71.38 -5.41
CA MSE A 377 -7.63 -71.08 -6.14
C MSE A 377 -8.87 -71.33 -5.29
O MSE A 377 -9.86 -70.61 -5.36
CB MSE A 377 -7.70 -71.91 -7.41
CG MSE A 377 -6.79 -71.41 -8.53
SE MSE A 377 -7.24 -69.64 -9.13
CE MSE A 377 -8.65 -70.06 -10.37
N PHE A 378 -8.80 -72.39 -4.48
CA PHE A 378 -9.90 -72.75 -3.60
C PHE A 378 -10.09 -71.69 -2.53
N SER A 379 -9.00 -71.29 -1.90
CA SER A 379 -9.05 -70.26 -0.85
C SER A 379 -9.50 -68.89 -1.37
N LEU A 380 -9.35 -68.66 -2.68
CA LEU A 380 -9.74 -67.39 -3.28
C LEU A 380 -11.26 -67.21 -3.41
N SER A 381 -11.97 -68.34 -3.46
CA SER A 381 -13.43 -68.32 -3.59
C SER A 381 -13.92 -67.49 -4.78
N GLY A 382 -13.24 -67.63 -5.91
CA GLY A 382 -13.64 -66.90 -7.09
C GLY A 382 -13.10 -65.48 -7.25
N ALA A 383 -12.47 -64.95 -6.21
CA ALA A 383 -11.89 -63.60 -6.27
C ALA A 383 -10.46 -63.71 -6.81
N ASN A 384 -10.34 -63.97 -8.12
CA ASN A 384 -9.04 -64.14 -8.76
C ASN A 384 -8.08 -62.96 -8.73
N ASN A 385 -8.61 -61.74 -8.59
CA ASN A 385 -7.75 -60.58 -8.54
C ASN A 385 -7.00 -60.55 -7.20
N MSE A 386 -7.27 -61.52 -6.32
CA MSE A 386 -6.60 -61.61 -5.03
C MSE A 386 -5.57 -62.74 -5.08
O MSE A 386 -4.95 -63.08 -4.07
CB MSE A 386 -7.60 -61.89 -3.91
CG MSE A 386 -8.44 -60.70 -3.50
SE MSE A 386 -7.41 -59.17 -2.92
CE MSE A 386 -7.08 -59.72 -1.10
N TYR A 387 -5.43 -63.33 -6.26
CA TYR A 387 -4.49 -64.45 -6.47
C TYR A 387 -3.07 -64.18 -5.97
N HIS A 388 -2.49 -63.04 -6.36
CA HIS A 388 -1.12 -62.70 -5.96
C HIS A 388 -1.06 -61.81 -4.72
N SER A 389 -2.19 -61.65 -4.04
CA SER A 389 -2.24 -60.83 -2.84
C SER A 389 -1.59 -61.52 -1.65
N LEU A 390 -0.63 -60.87 -1.02
CA LEU A 390 0.05 -61.43 0.14
C LEU A 390 -0.03 -60.44 1.31
N ASP A 391 -1.20 -59.87 1.51
CA ASP A 391 -1.36 -58.91 2.59
C ASP A 391 -0.97 -59.52 3.93
N TYR A 392 -0.20 -58.78 4.72
CA TYR A 392 0.25 -59.27 6.03
C TYR A 392 -0.88 -60.04 6.72
N PRO A 393 -0.55 -61.15 7.40
CA PRO A 393 0.76 -61.77 7.60
C PRO A 393 1.25 -62.65 6.46
N LYS A 394 0.51 -62.68 5.35
CA LYS A 394 0.92 -63.52 4.24
C LYS A 394 2.29 -63.19 3.65
N ASP A 395 2.60 -61.90 3.50
CA ASP A 395 3.90 -61.54 2.95
C ASP A 395 5.01 -61.92 3.93
N ALA A 396 4.82 -61.56 5.19
CA ALA A 396 5.78 -61.89 6.24
C ALA A 396 6.13 -63.39 6.22
N THR A 397 5.10 -64.22 6.22
CA THR A 397 5.26 -65.67 6.20
C THR A 397 5.93 -66.14 4.91
N TYR A 398 5.50 -65.55 3.80
CA TYR A 398 6.03 -65.91 2.50
C TYR A 398 7.52 -65.57 2.38
N ILE A 399 7.91 -64.33 2.70
CA ILE A 399 9.32 -63.98 2.55
C ILE A 399 10.20 -64.81 3.50
N ASN A 400 9.69 -65.10 4.69
CA ASN A 400 10.44 -65.88 5.66
C ASN A 400 10.52 -67.33 5.24
N LYS A 401 9.51 -67.80 4.53
CA LYS A 401 9.50 -69.16 4.04
C LYS A 401 10.60 -69.27 2.98
N LEU A 402 10.67 -68.29 2.08
CA LEU A 402 11.68 -68.33 1.03
C LEU A 402 13.08 -68.14 1.62
N HIS A 403 13.16 -67.39 2.71
CA HIS A 403 14.43 -67.15 3.39
C HIS A 403 14.98 -68.47 3.93
N ASP A 404 14.09 -69.22 4.58
CA ASP A 404 14.46 -70.48 5.17
C ASP A 404 14.79 -71.56 4.12
N TRP A 405 14.15 -71.49 2.96
CA TRP A 405 14.42 -72.46 1.90
C TRP A 405 15.81 -72.20 1.31
N CYS A 406 16.08 -70.93 1.04
CA CYS A 406 17.37 -70.53 0.46
C CYS A 406 18.53 -70.93 1.38
N LYS A 407 18.26 -70.98 2.67
CA LYS A 407 19.27 -71.32 3.64
C LYS A 407 19.73 -72.78 3.48
N GLN A 408 18.91 -73.58 2.80
CA GLN A 408 19.19 -75.00 2.55
C GLN A 408 19.97 -75.26 1.27
N ALA A 409 20.22 -74.23 0.49
CA ALA A 409 20.93 -74.40 -0.75
C ALA A 409 22.32 -74.99 -0.51
N THR A 410 22.77 -75.79 -1.47
CA THR A 410 24.10 -76.41 -1.40
C THR A 410 24.64 -76.51 -2.82
N PRO A 411 25.97 -76.39 -2.98
CA PRO A 411 26.92 -76.19 -1.90
C PRO A 411 26.90 -74.76 -1.38
N VAL A 412 27.48 -74.54 -0.21
CA VAL A 412 27.53 -73.19 0.34
C VAL A 412 28.53 -72.41 -0.49
N LEU A 413 28.18 -71.16 -0.81
CA LEU A 413 29.05 -70.30 -1.60
C LEU A 413 29.74 -69.34 -0.66
N GLU A 414 30.94 -68.90 -1.03
CA GLU A 414 31.69 -67.98 -0.18
C GLU A 414 30.91 -66.69 0.07
N GLU A 415 30.23 -66.21 -0.97
CA GLU A 415 29.42 -65.00 -0.88
C GLU A 415 27.99 -65.36 -1.21
N GLU A 416 27.16 -65.41 -0.18
CA GLU A 416 25.75 -65.76 -0.34
C GLU A 416 24.83 -64.56 -0.51
N PHE A 417 24.21 -64.43 -1.68
CA PHE A 417 23.27 -63.33 -1.91
C PHE A 417 22.21 -63.47 -0.80
N PRO A 418 21.98 -62.42 0.00
CA PRO A 418 21.00 -62.45 1.10
C PRO A 418 19.51 -62.53 0.76
N SER A 419 18.77 -63.20 1.63
CA SER A 419 17.33 -63.35 1.53
C SER A 419 16.78 -62.51 2.67
N PRO A 420 15.97 -61.49 2.37
CA PRO A 420 15.46 -60.70 3.49
C PRO A 420 14.70 -61.58 4.48
N TYR A 421 14.59 -61.11 5.72
CA TYR A 421 13.90 -61.85 6.77
C TYR A 421 13.21 -60.87 7.68
N TRP A 422 11.96 -61.15 8.04
CA TRP A 422 11.22 -60.25 8.92
C TRP A 422 10.98 -60.83 10.30
N GLY A 423 11.76 -60.36 11.26
CA GLY A 423 11.63 -60.81 12.62
C GLY A 423 10.47 -60.15 13.34
N GLU A 424 10.45 -60.31 14.64
CA GLU A 424 9.39 -59.75 15.48
C GLU A 424 9.20 -58.26 15.27
N LYS A 425 10.30 -57.52 15.23
CA LYS A 425 10.29 -56.08 15.03
C LYS A 425 9.71 -55.71 13.66
N GLU A 426 10.28 -56.28 12.59
CA GLU A 426 9.83 -56.01 11.24
C GLU A 426 8.34 -56.29 11.07
N ARG A 427 7.91 -57.49 11.44
CA ARG A 427 6.51 -57.86 11.29
C ARG A 427 5.62 -56.82 11.96
N SER A 428 6.06 -56.32 13.11
CA SER A 428 5.30 -55.32 13.84
C SER A 428 5.05 -54.08 13.00
N ILE A 429 6.11 -53.57 12.39
CA ILE A 429 6.01 -52.39 11.54
C ILE A 429 5.13 -52.69 10.34
N ARG A 430 5.30 -53.87 9.75
CA ARG A 430 4.47 -54.24 8.60
C ARG A 430 2.98 -54.29 9.00
N GLU A 431 2.70 -54.87 10.16
CA GLU A 431 1.32 -54.99 10.63
C GLU A 431 0.62 -53.66 10.83
N ASN A 432 1.32 -52.69 11.44
CA ASN A 432 0.75 -51.36 11.70
C ASN A 432 1.24 -50.32 10.69
N MSE A 433 1.68 -50.80 9.54
CA MSE A 433 2.20 -49.94 8.48
C MSE A 433 1.32 -48.75 8.11
O MSE A 433 1.81 -47.62 8.01
CB MSE A 433 2.51 -50.77 7.23
CG MSE A 433 3.19 -50.00 6.10
SE MSE A 433 3.80 -51.10 4.64
CE MSE A 433 5.41 -51.78 5.43
N TRP A 434 0.04 -48.98 7.88
CA TRP A 434 -0.84 -47.88 7.49
C TRP A 434 -1.12 -46.89 8.62
N SER A 435 -0.96 -47.35 9.86
CA SER A 435 -1.16 -46.47 11.01
C SER A 435 0.09 -45.62 11.18
N ILE A 436 1.26 -46.26 11.08
CA ILE A 436 2.52 -45.56 11.21
C ILE A 436 2.55 -44.48 10.12
N ARG A 437 2.14 -44.88 8.92
CA ARG A 437 2.08 -43.97 7.79
C ARG A 437 1.12 -42.80 8.06
N ALA A 438 -0.08 -43.13 8.54
CA ALA A 438 -1.08 -42.10 8.84
C ALA A 438 -0.56 -41.10 9.83
N LYS A 439 0.13 -41.59 10.86
CA LYS A 439 0.68 -40.71 11.89
C LYS A 439 1.82 -39.88 11.31
N PHE A 440 2.55 -40.43 10.34
CA PHE A 440 3.67 -39.70 9.72
C PHE A 440 3.17 -38.50 8.93
N PHE A 441 2.10 -38.71 8.17
CA PHE A 441 1.52 -37.63 7.37
C PHE A 441 0.37 -36.98 8.12
N GLY A 442 0.25 -37.27 9.41
CA GLY A 442 -0.80 -36.70 10.21
C GLY A 442 -2.19 -36.83 9.60
N ILE A 443 -2.57 -38.04 9.20
CA ILE A 443 -3.89 -38.24 8.61
C ILE A 443 -4.79 -39.23 9.37
N GLU A 444 -5.80 -39.77 8.69
CA GLU A 444 -6.83 -40.70 9.22
C GLU A 444 -7.50 -40.20 10.51
N LEU B 3 8.41 4.45 -5.29
CA LEU B 3 8.17 4.87 -3.88
C LEU B 3 9.24 4.24 -2.98
N PRO B 4 9.83 5.03 -2.06
CA PRO B 4 10.85 4.44 -1.19
C PRO B 4 10.30 3.41 -0.20
N THR B 5 9.23 3.77 0.54
CA THR B 5 8.66 2.83 1.52
C THR B 5 8.00 1.66 0.79
N ILE B 6 8.68 0.52 0.81
CA ILE B 6 8.17 -0.66 0.12
C ILE B 6 7.42 -1.58 1.07
N ARG B 7 6.19 -1.92 0.70
CA ARG B 7 5.35 -2.80 1.51
C ARG B 7 4.93 -4.06 0.76
N LYS B 8 4.69 -3.96 -0.54
CA LYS B 8 4.24 -5.08 -1.35
C LYS B 8 5.22 -5.44 -2.46
N ILE B 9 5.78 -6.64 -2.40
CA ILE B 9 6.76 -7.08 -3.39
C ILE B 9 6.33 -8.27 -4.24
N ALA B 10 6.66 -8.20 -5.53
CA ALA B 10 6.34 -9.26 -6.47
C ALA B 10 7.65 -9.90 -6.94
N ILE B 11 7.72 -11.22 -6.85
CA ILE B 11 8.91 -11.95 -7.28
C ILE B 11 8.55 -12.79 -8.49
N ILE B 12 9.21 -12.54 -9.61
CA ILE B 12 8.91 -13.29 -10.81
C ILE B 12 9.78 -14.55 -10.87
N GLY B 13 9.18 -15.71 -10.56
CA GLY B 13 9.91 -16.98 -10.59
C GLY B 13 10.12 -17.58 -9.21
N ALA B 14 9.89 -18.89 -9.09
CA ALA B 14 10.05 -19.59 -7.82
C ALA B 14 11.15 -20.65 -7.94
N GLY B 15 12.24 -20.27 -8.58
CA GLY B 15 13.36 -21.18 -8.72
C GLY B 15 14.32 -20.87 -7.59
N PRO B 16 15.54 -21.43 -7.62
CA PRO B 16 16.52 -21.16 -6.57
C PRO B 16 16.70 -19.67 -6.24
N SER B 17 16.67 -18.82 -7.26
CA SER B 17 16.85 -17.39 -7.04
C SER B 17 15.65 -16.67 -6.44
N GLY B 18 14.46 -16.96 -6.96
CA GLY B 18 13.25 -16.36 -6.44
C GLY B 18 12.98 -16.83 -5.02
N LEU B 19 13.20 -18.13 -4.78
CA LEU B 19 12.98 -18.72 -3.46
C LEU B 19 13.86 -18.06 -2.39
N VAL B 20 15.18 -17.98 -2.60
CA VAL B 20 16.04 -17.38 -1.58
C VAL B 20 15.77 -15.88 -1.43
N THR B 21 15.22 -15.27 -2.48
CA THR B 21 14.89 -13.85 -2.43
C THR B 21 13.69 -13.68 -1.49
N ALA B 22 12.75 -14.61 -1.56
CA ALA B 22 11.57 -14.55 -0.70
C ALA B 22 11.95 -14.69 0.77
N LYS B 23 12.75 -15.70 1.10
CA LYS B 23 13.15 -15.89 2.48
C LYS B 23 13.86 -14.67 3.05
N ALA B 24 14.76 -14.07 2.28
CA ALA B 24 15.48 -12.89 2.75
C ALA B 24 14.52 -11.73 2.96
N LEU B 25 13.64 -11.49 1.99
CA LEU B 25 12.67 -10.41 2.10
C LEU B 25 11.79 -10.61 3.33
N LEU B 26 11.24 -11.82 3.48
CA LEU B 26 10.38 -12.13 4.61
C LEU B 26 11.11 -12.01 5.95
N ALA B 27 12.44 -12.15 5.95
CA ALA B 27 13.21 -12.05 7.19
C ALA B 27 13.40 -10.61 7.69
N GLU B 28 13.06 -9.65 6.83
CA GLU B 28 13.18 -8.23 7.17
C GLU B 28 12.04 -7.81 8.11
N LYS B 29 10.98 -8.62 8.15
CA LYS B 29 9.84 -8.29 8.98
C LYS B 29 9.46 -6.83 8.72
N ALA B 30 9.55 -6.44 7.44
CA ALA B 30 9.24 -5.06 7.07
C ALA B 30 8.23 -4.96 5.94
N PHE B 31 7.94 -6.08 5.29
CA PHE B 31 7.01 -6.06 4.17
C PHE B 31 5.68 -6.71 4.53
N ASP B 32 4.58 -6.16 4.02
CA ASP B 32 3.25 -6.69 4.31
C ASP B 32 2.86 -7.78 3.32
N GLN B 33 3.53 -7.80 2.18
CA GLN B 33 3.19 -8.79 1.17
C GLN B 33 4.39 -9.16 0.31
N VAL B 34 4.57 -10.45 0.11
CA VAL B 34 5.65 -10.97 -0.73
C VAL B 34 5.02 -12.11 -1.51
N THR B 35 4.83 -11.89 -2.80
CA THR B 35 4.19 -12.88 -3.66
C THR B 35 5.07 -13.39 -4.78
N LEU B 36 5.25 -14.71 -4.84
CA LEU B 36 6.03 -15.29 -5.92
C LEU B 36 5.11 -15.78 -7.02
N PHE B 37 5.53 -15.54 -8.26
CA PHE B 37 4.78 -15.96 -9.42
C PHE B 37 5.60 -17.04 -10.09
N GLU B 38 4.95 -18.16 -10.41
CA GLU B 38 5.64 -19.27 -11.04
C GLU B 38 4.73 -19.91 -12.08
N ARG B 39 5.22 -20.04 -13.30
CA ARG B 39 4.45 -20.65 -14.40
C ARG B 39 4.37 -22.18 -14.25
N ARG B 40 5.37 -22.77 -13.61
CA ARG B 40 5.38 -24.21 -13.38
C ARG B 40 4.41 -24.50 -12.22
N GLY B 41 3.96 -25.74 -12.11
CA GLY B 41 3.06 -26.09 -11.04
C GLY B 41 3.75 -26.26 -9.70
N SER B 42 5.08 -26.20 -9.72
CA SER B 42 5.90 -26.34 -8.51
C SER B 42 7.18 -25.50 -8.56
N PRO B 43 7.75 -25.16 -7.39
CA PRO B 43 8.97 -24.36 -7.33
C PRO B 43 10.20 -25.22 -7.67
N GLY B 44 11.38 -24.61 -7.73
CA GLY B 44 12.58 -25.38 -8.04
C GLY B 44 13.30 -24.99 -9.32
N GLY B 45 12.65 -24.15 -10.13
CA GLY B 45 13.27 -23.71 -11.35
C GLY B 45 13.63 -24.85 -12.28
N VAL B 46 14.84 -24.81 -12.84
CA VAL B 46 15.27 -25.85 -13.77
C VAL B 46 15.42 -27.21 -13.09
N TRP B 47 15.39 -27.25 -11.77
CA TRP B 47 15.52 -28.54 -11.10
C TRP B 47 14.26 -29.40 -11.19
N ASN B 48 13.32 -29.00 -12.04
CA ASN B 48 12.12 -29.78 -12.26
C ASN B 48 12.45 -30.61 -13.51
N TYR B 49 13.09 -31.77 -13.34
CA TYR B 49 13.46 -32.62 -14.49
C TYR B 49 12.25 -33.01 -15.30
N THR B 50 12.29 -32.75 -16.60
CA THR B 50 11.19 -33.06 -17.48
C THR B 50 11.62 -33.92 -18.66
N SER B 51 11.03 -35.11 -18.76
CA SER B 51 11.36 -36.01 -19.85
C SER B 51 10.87 -35.37 -21.14
N THR B 52 10.02 -34.38 -20.98
CA THR B 52 9.42 -33.62 -22.08
C THR B 52 10.43 -32.65 -22.68
N LEU B 53 10.49 -32.58 -24.01
CA LEU B 53 11.38 -31.67 -24.71
C LEU B 53 10.58 -30.49 -25.19
N SER B 54 11.28 -29.38 -25.43
CA SER B 54 10.62 -28.18 -25.94
C SER B 54 9.97 -28.62 -27.25
N ASN B 55 8.80 -28.07 -27.52
CA ASN B 55 8.06 -28.43 -28.72
C ASN B 55 8.74 -28.06 -30.05
N LYS B 56 9.32 -26.86 -30.11
CA LYS B 56 9.96 -26.41 -31.35
C LYS B 56 11.24 -25.62 -31.14
N LEU B 57 12.38 -26.21 -31.48
CA LEU B 57 13.64 -25.51 -31.31
C LEU B 57 13.89 -24.49 -32.42
N PRO B 58 14.13 -23.23 -32.06
CA PRO B 58 14.38 -22.23 -33.11
C PRO B 58 15.81 -22.39 -33.64
N VAL B 59 15.94 -22.76 -34.92
CA VAL B 59 17.24 -22.95 -35.55
C VAL B 59 17.34 -22.11 -36.82
N PRO B 60 18.13 -21.02 -36.79
CA PRO B 60 18.92 -20.53 -35.66
C PRO B 60 18.08 -19.81 -34.61
N SER B 61 18.72 -19.43 -33.50
CA SER B 61 18.05 -18.74 -32.41
C SER B 61 18.92 -17.58 -31.96
N THR B 62 18.50 -16.37 -32.32
CA THR B 62 19.26 -15.17 -31.99
C THR B 62 18.41 -14.10 -31.32
N ASN B 63 17.10 -14.33 -31.21
CA ASN B 63 16.22 -13.36 -30.58
C ASN B 63 15.97 -13.66 -29.10
N PRO B 64 16.38 -12.73 -28.22
CA PRO B 64 16.21 -12.90 -26.77
C PRO B 64 14.78 -12.74 -26.25
N ILE B 65 13.89 -12.19 -27.08
CA ILE B 65 12.52 -11.99 -26.61
C ILE B 65 11.58 -13.19 -26.86
N LEU B 66 12.11 -14.25 -27.47
CA LEU B 66 11.34 -15.45 -27.78
C LEU B 66 10.49 -15.97 -26.62
N THR B 67 9.20 -16.14 -26.87
CA THR B 67 8.28 -16.65 -25.85
C THR B 67 8.40 -18.17 -25.69
N THR B 68 8.48 -18.62 -24.45
CA THR B 68 8.57 -20.04 -24.20
C THR B 68 7.17 -20.67 -24.30
N GLU B 69 7.03 -21.65 -25.19
CA GLU B 69 5.76 -22.33 -25.39
C GLU B 69 5.73 -23.61 -24.56
N PRO B 70 4.79 -23.71 -23.60
CA PRO B 70 4.74 -24.93 -22.79
C PRO B 70 4.01 -26.04 -23.52
N ILE B 71 4.35 -27.29 -23.19
CA ILE B 71 3.69 -28.44 -23.79
C ILE B 71 2.36 -28.56 -23.05
N VAL B 72 1.26 -28.54 -23.79
CA VAL B 72 -0.07 -28.61 -23.17
C VAL B 72 -0.90 -29.77 -23.67
N GLY B 73 -1.88 -30.15 -22.86
CA GLY B 73 -2.73 -31.27 -23.21
C GLY B 73 -4.02 -31.19 -22.42
N PRO B 74 -5.04 -31.98 -22.79
CA PRO B 74 -6.31 -31.95 -22.08
C PRO B 74 -6.27 -32.65 -20.72
N ALA B 75 -5.28 -33.50 -20.51
CA ALA B 75 -5.18 -34.23 -19.26
C ALA B 75 -4.04 -33.82 -18.35
N ALA B 76 -3.44 -32.67 -18.59
CA ALA B 76 -2.33 -32.28 -17.73
C ALA B 76 -2.09 -30.78 -17.63
N LEU B 77 -1.48 -30.38 -16.52
CA LEU B 77 -1.14 -28.98 -16.33
C LEU B 77 -0.03 -28.69 -17.36
N PRO B 78 -0.01 -27.47 -17.94
CA PRO B 78 1.04 -27.18 -18.93
C PRO B 78 2.43 -27.36 -18.33
N VAL B 79 3.31 -28.00 -19.09
CA VAL B 79 4.68 -28.26 -18.69
C VAL B 79 5.71 -27.37 -19.38
N TYR B 80 6.59 -26.77 -18.60
CA TYR B 80 7.66 -25.93 -19.13
C TYR B 80 8.93 -26.78 -19.02
N PRO B 81 9.39 -27.31 -20.15
CA PRO B 81 10.58 -28.15 -20.12
C PRO B 81 11.82 -27.50 -19.52
N SER B 82 12.54 -28.29 -18.74
CA SER B 82 13.78 -27.88 -18.11
C SER B 82 14.89 -28.48 -18.94
N PRO B 83 16.02 -27.80 -19.02
CA PRO B 83 17.16 -28.29 -19.80
C PRO B 83 18.04 -29.32 -19.08
N LEU B 84 17.66 -29.73 -17.87
CA LEU B 84 18.48 -30.72 -17.17
C LEU B 84 18.36 -32.08 -17.84
N TYR B 85 19.47 -32.82 -17.92
CA TYR B 85 19.42 -34.12 -18.57
C TYR B 85 19.41 -35.23 -17.55
N ARG B 86 19.05 -36.43 -18.00
CA ARG B 86 18.91 -37.58 -17.12
C ARG B 86 20.03 -37.89 -16.13
N ASP B 87 21.24 -38.13 -16.63
CA ASP B 87 22.34 -38.50 -15.75
C ASP B 87 23.18 -37.38 -15.17
N LEU B 88 22.63 -36.17 -15.16
CA LEU B 88 23.35 -35.01 -14.67
C LEU B 88 23.78 -35.05 -13.20
N GLN B 89 25.03 -34.67 -12.97
CA GLN B 89 25.61 -34.56 -11.64
C GLN B 89 26.19 -33.15 -11.64
N THR B 90 26.21 -32.52 -10.47
CA THR B 90 26.68 -31.13 -10.39
C THR B 90 28.13 -30.90 -10.79
N ASN B 91 28.45 -29.66 -11.15
CA ASN B 91 29.82 -29.32 -11.49
C ASN B 91 30.29 -28.38 -10.38
N THR B 92 29.50 -28.34 -9.30
CA THR B 92 29.80 -27.53 -8.13
C THR B 92 29.74 -28.46 -6.92
N PRO B 93 30.76 -28.43 -6.05
CA PRO B 93 30.86 -29.26 -4.83
C PRO B 93 29.90 -28.86 -3.71
N ILE B 94 29.49 -29.83 -2.90
CA ILE B 94 28.57 -29.55 -1.81
C ILE B 94 29.20 -28.62 -0.76
N GLU B 95 30.52 -28.43 -0.83
CA GLU B 95 31.20 -27.53 0.10
C GLU B 95 30.80 -26.09 -0.19
N LEU B 96 30.50 -25.81 -1.45
CA LEU B 96 30.13 -24.45 -1.88
C LEU B 96 28.70 -24.22 -2.34
N MSE B 97 28.16 -25.13 -3.14
CA MSE B 97 26.80 -24.92 -3.63
C MSE B 97 25.78 -24.98 -2.49
O MSE B 97 26.09 -25.36 -1.38
CB MSE B 97 26.47 -25.95 -4.72
CG MSE B 97 25.99 -27.30 -4.22
SE MSE B 97 25.56 -28.48 -5.69
CE MSE B 97 26.59 -29.98 -5.13
N GLY B 98 24.56 -24.57 -2.77
CA GLY B 98 23.59 -24.59 -1.68
C GLY B 98 23.72 -23.42 -0.72
N TYR B 99 22.57 -23.00 -0.22
CA TYR B 99 22.48 -21.88 0.71
C TYR B 99 23.30 -22.16 1.96
N CYS B 100 23.83 -21.10 2.55
CA CYS B 100 24.67 -21.23 3.75
C CYS B 100 23.93 -21.71 5.01
N ASP B 101 22.61 -21.61 5.01
CA ASP B 101 21.84 -22.03 6.16
C ASP B 101 21.00 -23.31 5.98
N GLN B 102 21.31 -24.13 4.99
CA GLN B 102 20.66 -25.42 4.76
C GLN B 102 21.76 -26.29 4.16
N SER B 103 22.34 -27.15 5.00
CA SER B 103 23.41 -27.99 4.53
C SER B 103 22.90 -29.27 3.90
N PHE B 104 23.76 -30.00 3.23
CA PHE B 104 23.36 -31.27 2.60
C PHE B 104 23.41 -32.36 3.64
N LYS B 105 22.58 -33.38 3.49
CA LYS B 105 22.56 -34.49 4.46
C LYS B 105 23.91 -35.19 4.40
N PRO B 106 24.28 -35.91 5.47
CA PRO B 106 25.55 -36.63 5.54
C PRO B 106 25.61 -37.82 4.57
N GLN B 107 26.79 -38.06 3.98
CA GLN B 107 27.03 -39.14 3.03
C GLN B 107 26.62 -38.75 1.61
N THR B 108 26.43 -37.46 1.39
CA THR B 108 26.06 -36.97 0.07
C THR B 108 27.31 -36.91 -0.80
N LEU B 109 27.20 -37.34 -2.05
CA LEU B 109 28.34 -37.29 -2.96
C LEU B 109 28.75 -35.82 -3.12
N GLN B 110 30.04 -35.57 -3.32
CA GLN B 110 30.54 -34.20 -3.44
C GLN B 110 29.95 -33.49 -4.67
N PHE B 111 29.72 -34.25 -5.72
CA PHE B 111 29.13 -33.74 -6.96
C PHE B 111 27.95 -34.67 -7.18
N PRO B 112 26.90 -34.48 -6.38
CA PRO B 112 25.67 -35.28 -6.41
C PRO B 112 24.88 -35.24 -7.69
N HIS B 113 24.04 -36.26 -7.85
CA HIS B 113 23.14 -36.38 -8.99
C HIS B 113 22.08 -35.33 -8.73
N ARG B 114 21.36 -34.94 -9.77
CA ARG B 114 20.33 -33.92 -9.66
C ARG B 114 19.21 -34.31 -8.68
N HIS B 115 19.00 -35.62 -8.48
CA HIS B 115 17.96 -36.04 -7.56
C HIS B 115 18.18 -35.36 -6.21
N THR B 116 19.43 -35.30 -5.79
CA THR B 116 19.80 -34.68 -4.51
C THR B 116 19.47 -33.19 -4.46
N ILE B 117 19.74 -32.49 -5.56
CA ILE B 117 19.49 -31.04 -5.65
C ILE B 117 18.00 -30.75 -5.83
N GLN B 118 17.30 -31.67 -6.48
CA GLN B 118 15.86 -31.50 -6.66
C GLN B 118 15.21 -31.67 -5.29
N GLU B 119 15.73 -32.61 -4.51
CA GLU B 119 15.19 -32.87 -3.16
C GLU B 119 15.57 -31.72 -2.24
N TYR B 120 16.77 -31.18 -2.44
CA TYR B 120 17.28 -30.05 -1.65
C TYR B 120 16.38 -28.83 -1.87
N GLN B 121 16.03 -28.57 -3.13
CA GLN B 121 15.17 -27.45 -3.47
C GLN B 121 13.73 -27.66 -2.96
N ARG B 122 13.25 -28.90 -3.08
CA ARG B 122 11.89 -29.24 -2.62
C ARG B 122 11.79 -28.88 -1.14
N ILE B 123 12.78 -29.30 -0.36
CA ILE B 123 12.81 -29.01 1.09
C ILE B 123 12.85 -27.50 1.33
N TYR B 124 13.81 -26.84 0.70
CA TYR B 124 13.98 -25.41 0.85
C TYR B 124 12.69 -24.64 0.59
N ALA B 125 12.03 -24.94 -0.53
CA ALA B 125 10.81 -24.25 -0.92
C ALA B 125 9.52 -24.63 -0.19
N GLN B 126 9.50 -25.77 0.48
CA GLN B 126 8.28 -26.19 1.14
C GLN B 126 7.57 -25.14 2.00
N PRO B 127 8.32 -24.41 2.86
CA PRO B 127 7.69 -23.39 3.70
C PRO B 127 7.25 -22.12 2.96
N LEU B 128 7.57 -22.04 1.68
CA LEU B 128 7.21 -20.89 0.86
C LEU B 128 5.99 -21.09 0.00
N LEU B 129 5.55 -22.35 -0.15
CA LEU B 129 4.40 -22.67 -0.98
C LEU B 129 3.20 -21.73 -0.83
N PRO B 130 2.84 -21.35 0.40
CA PRO B 130 1.69 -20.46 0.55
C PRO B 130 1.91 -19.02 0.08
N PHE B 131 3.15 -18.71 -0.29
CA PHE B 131 3.52 -17.38 -0.77
C PHE B 131 3.64 -17.35 -2.29
N ILE B 132 3.51 -18.52 -2.91
CA ILE B 132 3.66 -18.67 -4.35
C ILE B 132 2.38 -18.87 -5.14
N LYS B 133 2.23 -18.14 -6.23
CA LYS B 133 1.07 -18.35 -7.09
C LYS B 133 1.61 -19.28 -8.18
N LEU B 134 1.39 -20.57 -7.98
CA LEU B 134 1.85 -21.61 -8.91
C LEU B 134 1.01 -21.61 -10.18
N ALA B 135 1.52 -22.27 -11.21
CA ALA B 135 0.83 -22.35 -12.50
C ALA B 135 0.30 -20.98 -12.92
N THR B 136 1.13 -19.95 -12.77
CA THR B 136 0.75 -18.58 -13.13
C THR B 136 1.89 -17.90 -13.91
N ASP B 137 1.62 -17.57 -15.17
CA ASP B 137 2.57 -16.94 -16.08
C ASP B 137 2.46 -15.42 -16.08
N VAL B 138 3.54 -14.73 -15.73
CA VAL B 138 3.52 -13.26 -15.72
C VAL B 138 3.71 -12.74 -17.13
N LEU B 139 2.68 -12.09 -17.65
CA LEU B 139 2.70 -11.56 -19.01
C LEU B 139 3.47 -10.25 -19.19
N ASP B 140 3.30 -9.30 -18.27
CA ASP B 140 4.00 -8.02 -18.40
C ASP B 140 4.21 -7.32 -17.06
N ILE B 141 5.20 -6.42 -17.05
CA ILE B 141 5.57 -5.68 -15.86
C ILE B 141 5.82 -4.23 -16.25
N GLU B 142 5.01 -3.30 -15.74
CA GLU B 142 5.23 -1.90 -16.08
C GLU B 142 4.85 -0.89 -15.02
N LYS B 143 5.67 0.15 -14.91
CA LYS B 143 5.46 1.22 -13.94
C LYS B 143 4.27 2.05 -14.39
N LYS B 144 3.24 2.08 -13.55
CA LYS B 144 2.02 2.84 -13.83
C LYS B 144 1.76 3.64 -12.57
N ASP B 145 1.66 4.96 -12.72
CA ASP B 145 1.44 5.84 -11.58
C ASP B 145 2.66 5.69 -10.68
N GLY B 146 2.46 5.39 -9.40
CA GLY B 146 3.63 5.25 -8.55
C GLY B 146 3.99 3.81 -8.24
N SER B 147 3.37 2.87 -8.94
CA SER B 147 3.62 1.47 -8.66
C SER B 147 3.88 0.58 -9.87
N TRP B 148 4.20 -0.69 -9.59
CA TRP B 148 4.45 -1.64 -10.65
C TRP B 148 3.20 -2.45 -10.89
N VAL B 149 2.79 -2.53 -12.15
CA VAL B 149 1.60 -3.29 -12.50
C VAL B 149 2.03 -4.59 -13.19
N VAL B 150 1.88 -5.70 -12.48
CA VAL B 150 2.25 -6.97 -13.06
C VAL B 150 1.02 -7.70 -13.55
N THR B 151 1.01 -7.95 -14.85
CA THR B 151 -0.09 -8.64 -15.51
C THR B 151 0.30 -10.10 -15.61
N TYR B 152 -0.67 -10.96 -15.32
CA TYR B 152 -0.40 -12.38 -15.33
C TYR B 152 -1.67 -13.15 -15.66
N LYS B 153 -1.48 -14.39 -16.09
CA LYS B 153 -2.60 -15.25 -16.44
C LYS B 153 -2.31 -16.61 -15.84
N GLY B 154 -3.33 -17.22 -15.26
CA GLY B 154 -3.11 -18.54 -14.70
C GLY B 154 -2.78 -19.49 -15.83
N THR B 155 -1.78 -20.34 -15.62
CA THR B 155 -1.42 -21.33 -16.62
C THR B 155 -2.58 -22.29 -16.47
N LYS B 156 -3.25 -22.60 -17.58
CA LYS B 156 -4.40 -23.50 -17.56
C LYS B 156 -5.44 -22.91 -18.49
N ALA B 157 -5.80 -23.66 -19.51
CA ALA B 157 -6.78 -23.22 -20.49
C ALA B 157 -7.96 -22.49 -19.85
N GLY B 158 -8.31 -21.35 -20.43
CA GLY B 158 -9.43 -20.56 -19.93
C GLY B 158 -9.19 -19.63 -18.77
N SER B 159 -7.96 -19.56 -18.25
CA SER B 159 -7.70 -18.67 -17.14
C SER B 159 -7.82 -17.22 -17.60
N PRO B 160 -8.33 -16.34 -16.72
CA PRO B 160 -8.48 -14.94 -17.08
C PRO B 160 -7.23 -14.10 -16.79
N ILE B 161 -6.91 -13.16 -17.68
CA ILE B 161 -5.77 -12.29 -17.45
C ILE B 161 -6.12 -11.41 -16.26
N SER B 162 -5.16 -11.23 -15.34
CA SER B 162 -5.36 -10.44 -14.13
C SER B 162 -4.20 -9.48 -13.89
N LYS B 163 -4.39 -8.49 -13.01
CA LYS B 163 -3.36 -7.50 -12.70
C LYS B 163 -3.34 -7.17 -11.21
N ASP B 164 -2.16 -6.95 -10.67
CA ASP B 164 -2.00 -6.57 -9.28
C ASP B 164 -0.88 -5.54 -9.25
N ILE B 165 -0.91 -4.63 -8.28
CA ILE B 165 0.11 -3.61 -8.20
C ILE B 165 0.98 -3.80 -6.97
N PHE B 166 2.28 -3.58 -7.15
CA PHE B 166 3.23 -3.74 -6.07
C PHE B 166 4.14 -2.52 -6.02
N ASP B 167 4.89 -2.38 -4.94
CA ASP B 167 5.82 -1.27 -4.79
C ASP B 167 7.18 -1.62 -5.41
N ALA B 168 7.50 -2.92 -5.44
CA ALA B 168 8.76 -3.39 -6.00
C ALA B 168 8.58 -4.73 -6.71
N VAL B 169 9.47 -5.02 -7.64
CA VAL B 169 9.41 -6.27 -8.41
C VAL B 169 10.82 -6.83 -8.55
N SER B 170 11.00 -8.08 -8.14
CA SER B 170 12.29 -8.75 -8.26
C SER B 170 12.16 -9.83 -9.32
N ILE B 171 12.82 -9.63 -10.46
CA ILE B 171 12.77 -10.58 -11.56
C ILE B 171 13.82 -11.67 -11.42
N CYS B 172 13.37 -12.90 -11.17
CA CYS B 172 14.25 -14.06 -11.00
C CYS B 172 13.78 -15.13 -11.97
N ASN B 173 13.65 -14.77 -13.25
CA ASN B 173 13.17 -15.69 -14.27
C ASN B 173 14.17 -16.66 -14.87
N GLY B 174 15.45 -16.52 -14.51
CA GLY B 174 16.47 -17.41 -15.03
C GLY B 174 16.99 -17.00 -16.41
N HIS B 175 18.18 -17.47 -16.79
CA HIS B 175 18.74 -17.13 -18.09
C HIS B 175 19.23 -18.35 -18.88
N TYR B 176 18.64 -19.51 -18.63
CA TYR B 176 18.98 -20.73 -19.34
C TYR B 176 17.75 -21.36 -20.02
N GLU B 177 16.93 -20.50 -20.62
CA GLU B 177 15.69 -20.94 -21.29
C GLU B 177 15.66 -20.63 -22.81
N VAL B 178 15.97 -19.39 -23.21
CA VAL B 178 16.01 -19.06 -24.63
C VAL B 178 17.36 -19.54 -25.20
N PRO B 179 17.33 -20.53 -26.11
CA PRO B 179 18.57 -21.04 -26.70
C PRO B 179 19.30 -20.04 -27.57
N TYR B 180 20.61 -20.17 -27.67
CA TYR B 180 21.40 -19.31 -28.55
C TYR B 180 22.07 -20.16 -29.60
N ILE B 181 21.61 -20.05 -30.84
CA ILE B 181 22.20 -20.79 -31.95
C ILE B 181 22.50 -19.76 -33.03
N PRO B 182 23.79 -19.47 -33.27
CA PRO B 182 24.23 -18.49 -34.29
C PRO B 182 23.77 -18.82 -35.70
N ASN B 183 23.31 -17.80 -36.39
CA ASN B 183 22.84 -17.95 -37.76
C ASN B 183 24.02 -18.22 -38.68
N ILE B 184 24.23 -19.46 -39.09
CA ILE B 184 25.33 -19.78 -39.99
C ILE B 184 24.79 -20.08 -41.38
N LYS B 185 25.59 -19.82 -42.42
CA LYS B 185 25.16 -20.06 -43.80
C LYS B 185 24.67 -21.49 -44.07
N GLY B 186 23.39 -21.61 -44.45
CA GLY B 186 22.81 -22.90 -44.74
C GLY B 186 22.31 -23.73 -43.56
N LEU B 187 22.43 -23.21 -42.34
CA LEU B 187 21.98 -23.92 -41.15
C LEU B 187 20.47 -24.19 -41.15
N ASP B 188 19.70 -23.13 -41.30
CA ASP B 188 18.24 -23.22 -41.31
C ASP B 188 17.78 -24.36 -42.22
N GLU B 189 18.11 -24.24 -43.51
CA GLU B 189 17.73 -25.24 -44.50
C GLU B 189 18.25 -26.61 -44.13
N TYR B 190 19.47 -26.69 -43.61
CA TYR B 190 20.06 -27.97 -43.23
C TYR B 190 19.19 -28.61 -42.14
N ALA B 191 18.83 -27.81 -41.14
CA ALA B 191 18.02 -28.26 -40.02
C ALA B 191 16.64 -28.78 -40.43
N LYS B 192 15.94 -28.01 -41.27
CA LYS B 192 14.60 -28.38 -41.70
C LYS B 192 14.50 -29.58 -42.65
N ALA B 193 15.59 -29.93 -43.32
CA ALA B 193 15.58 -31.06 -44.25
C ALA B 193 15.54 -32.42 -43.54
N VAL B 194 16.09 -32.47 -42.32
CA VAL B 194 16.12 -33.68 -41.49
C VAL B 194 15.82 -33.22 -40.05
N PRO B 195 14.54 -33.23 -39.66
CA PRO B 195 13.94 -32.84 -38.37
C PRO B 195 14.72 -32.90 -37.06
N GLY B 196 15.46 -33.98 -36.83
CA GLY B 196 16.22 -34.04 -35.59
C GLY B 196 17.72 -34.05 -35.80
N SER B 197 18.15 -33.58 -36.97
CA SER B 197 19.56 -33.55 -37.30
C SER B 197 20.28 -32.41 -36.57
N VAL B 198 19.53 -31.37 -36.22
CA VAL B 198 20.12 -30.24 -35.50
C VAL B 198 19.46 -30.00 -34.14
N LEU B 199 20.20 -30.33 -33.09
CA LEU B 199 19.72 -30.18 -31.73
C LEU B 199 20.50 -29.08 -31.01
N HIS B 200 20.14 -28.86 -29.75
CA HIS B 200 20.79 -27.88 -28.87
C HIS B 200 20.91 -28.61 -27.54
N SER B 201 21.78 -28.14 -26.65
CA SER B 201 21.97 -28.79 -25.35
C SER B 201 20.69 -28.82 -24.49
N SER B 202 19.78 -27.87 -24.70
CA SER B 202 18.56 -27.83 -23.93
C SER B 202 17.62 -29.01 -24.21
N LEU B 203 17.88 -29.75 -25.29
CA LEU B 203 17.09 -30.90 -25.68
C LEU B 203 17.71 -32.24 -25.23
N PHE B 204 18.97 -32.20 -24.83
CA PHE B 204 19.63 -33.44 -24.39
C PHE B 204 18.98 -34.03 -23.15
N ARG B 205 18.65 -35.32 -23.21
CA ARG B 205 18.05 -36.02 -22.08
C ARG B 205 18.73 -37.35 -21.87
N GLU B 206 18.61 -38.22 -22.85
CA GLU B 206 19.19 -39.54 -22.76
C GLU B 206 20.21 -39.80 -23.87
N PRO B 207 21.41 -40.24 -23.49
CA PRO B 207 22.46 -40.51 -24.48
C PRO B 207 22.26 -41.74 -25.36
N GLU B 208 21.37 -42.66 -24.97
CA GLU B 208 21.16 -43.87 -25.78
C GLU B 208 20.55 -43.57 -27.14
N LEU B 209 20.04 -42.35 -27.31
CA LEU B 209 19.46 -41.94 -28.59
C LEU B 209 20.54 -41.87 -29.66
N PHE B 210 21.77 -41.58 -29.23
CA PHE B 210 22.88 -41.41 -30.15
C PHE B 210 23.76 -42.64 -30.41
N VAL B 211 23.35 -43.82 -29.94
CA VAL B 211 24.15 -45.02 -30.18
C VAL B 211 24.32 -45.22 -31.69
N GLY B 212 25.56 -45.44 -32.12
CA GLY B 212 25.84 -45.66 -33.54
C GLY B 212 25.92 -44.42 -34.43
N GLU B 213 25.40 -43.30 -33.97
CA GLU B 213 25.41 -42.07 -34.76
C GLU B 213 26.72 -41.29 -34.71
N SER B 214 27.00 -40.57 -35.79
CA SER B 214 28.19 -39.74 -35.89
C SER B 214 27.76 -38.33 -35.48
N VAL B 215 28.34 -37.83 -34.39
CA VAL B 215 27.95 -36.53 -33.86
C VAL B 215 28.97 -35.39 -33.89
N LEU B 216 28.46 -34.19 -34.16
CA LEU B 216 29.28 -32.99 -34.18
C LEU B 216 28.79 -32.05 -33.06
N VAL B 217 29.54 -31.98 -31.96
CA VAL B 217 29.19 -31.08 -30.87
C VAL B 217 29.81 -29.73 -31.21
N VAL B 218 29.01 -28.67 -31.19
CA VAL B 218 29.56 -27.35 -31.48
C VAL B 218 29.63 -26.45 -30.26
N GLY B 219 30.86 -26.07 -29.89
CA GLY B 219 31.08 -25.21 -28.74
C GLY B 219 32.21 -25.74 -27.87
N GLY B 220 32.85 -24.85 -27.13
CA GLY B 220 33.95 -25.25 -26.26
C GLY B 220 33.76 -25.00 -24.77
N ALA B 221 32.54 -24.64 -24.35
CA ALA B 221 32.26 -24.38 -22.94
C ALA B 221 32.15 -25.70 -22.17
N SER B 222 31.85 -25.60 -20.87
CA SER B 222 31.73 -26.78 -20.03
C SER B 222 30.63 -27.72 -20.52
N SER B 223 29.50 -27.15 -20.92
CA SER B 223 28.39 -27.96 -21.40
C SER B 223 28.77 -28.80 -22.62
N ALA B 224 29.53 -28.20 -23.54
CA ALA B 224 29.96 -28.90 -24.75
C ALA B 224 30.88 -30.07 -24.43
N ASN B 225 31.82 -29.85 -23.51
CA ASN B 225 32.77 -30.88 -23.10
C ASN B 225 32.08 -32.00 -22.32
N ASP B 226 31.09 -31.63 -21.52
CA ASP B 226 30.36 -32.61 -20.73
C ASP B 226 29.60 -33.51 -21.70
N LEU B 227 29.00 -32.90 -22.71
CA LEU B 227 28.24 -33.65 -23.71
C LEU B 227 29.13 -34.64 -24.45
N VAL B 228 30.33 -34.19 -24.85
CA VAL B 228 31.28 -35.05 -25.54
C VAL B 228 31.60 -36.28 -24.72
N ARG B 229 31.85 -36.10 -23.42
CA ARG B 229 32.16 -37.22 -22.54
C ARG B 229 30.98 -38.18 -22.40
N HIS B 230 29.78 -37.61 -22.34
CA HIS B 230 28.59 -38.43 -22.21
C HIS B 230 28.27 -39.18 -23.49
N LEU B 231 28.61 -38.60 -24.64
CA LEU B 231 28.35 -39.26 -25.91
C LEU B 231 29.44 -40.27 -26.29
N THR B 232 30.61 -40.13 -25.70
CA THR B 232 31.73 -41.01 -26.03
C THR B 232 31.47 -42.52 -25.94
N PRO B 233 30.76 -42.97 -24.89
CA PRO B 233 30.52 -44.42 -24.82
C PRO B 233 29.42 -44.94 -25.74
N VAL B 234 28.68 -44.06 -26.40
CA VAL B 234 27.61 -44.50 -27.27
C VAL B 234 27.70 -44.11 -28.75
N ALA B 235 28.01 -42.85 -29.02
CA ALA B 235 28.12 -42.38 -30.40
C ALA B 235 29.20 -43.12 -31.16
N LYS B 236 29.13 -43.05 -32.49
CA LYS B 236 30.13 -43.70 -33.32
C LYS B 236 31.41 -42.89 -33.15
N HIS B 237 32.55 -43.57 -33.14
CA HIS B 237 33.83 -42.90 -32.99
C HIS B 237 34.39 -42.48 -34.36
N PRO B 238 34.98 -41.29 -34.44
CA PRO B 238 35.16 -40.37 -33.32
C PRO B 238 34.03 -39.35 -33.19
N ILE B 239 34.07 -38.59 -32.10
CA ILE B 239 33.09 -37.53 -31.83
C ILE B 239 33.74 -36.23 -32.28
N TYR B 240 33.00 -35.42 -33.03
CA TYR B 240 33.55 -34.16 -33.50
C TYR B 240 33.11 -33.00 -32.63
N GLN B 241 34.05 -32.12 -32.31
CA GLN B 241 33.74 -30.96 -31.50
C GLN B 241 34.32 -29.72 -32.18
N SER B 242 33.43 -28.85 -32.65
CA SER B 242 33.81 -27.63 -33.32
C SER B 242 34.11 -26.47 -32.35
N LEU B 243 35.39 -26.22 -32.12
CA LEU B 243 35.85 -25.14 -31.23
C LEU B 243 36.07 -23.90 -32.09
N LEU B 244 35.94 -22.73 -31.47
CA LEU B 244 36.13 -21.47 -32.21
C LEU B 244 37.51 -21.43 -32.88
N GLY B 245 38.57 -21.67 -32.11
CA GLY B 245 39.90 -21.65 -32.70
C GLY B 245 40.48 -23.03 -32.96
N GLY B 246 39.62 -24.04 -33.09
CA GLY B 246 40.12 -25.39 -33.30
C GLY B 246 40.65 -25.89 -31.97
N GLY B 247 41.15 -27.11 -31.92
CA GLY B 247 41.65 -27.62 -30.65
C GLY B 247 42.92 -28.42 -30.76
N ASP B 248 43.40 -28.96 -29.64
CA ASP B 248 44.62 -29.75 -29.62
C ASP B 248 44.36 -31.26 -29.51
N ILE B 249 43.10 -31.64 -29.45
CA ILE B 249 42.75 -33.06 -29.34
C ILE B 249 42.23 -33.64 -30.64
N GLN B 250 42.98 -34.58 -31.19
CA GLN B 250 42.61 -35.26 -32.41
C GLN B 250 43.03 -36.72 -32.25
N ASN B 251 42.11 -37.56 -31.78
CA ASN B 251 42.41 -38.97 -31.61
C ASN B 251 41.29 -39.84 -32.15
N GLU B 252 41.27 -41.10 -31.73
CA GLU B 252 40.26 -42.05 -32.20
C GLU B 252 38.83 -41.77 -31.71
N SER B 253 38.70 -41.24 -30.49
CA SER B 253 37.38 -40.97 -29.93
C SER B 253 36.93 -39.52 -30.00
N LEU B 254 37.88 -38.60 -30.12
CA LEU B 254 37.53 -37.19 -30.20
C LEU B 254 38.36 -36.43 -31.23
N GLN B 255 37.67 -35.75 -32.14
CA GLN B 255 38.32 -34.96 -33.16
C GLN B 255 37.84 -33.52 -33.03
N GLN B 256 38.70 -32.65 -32.52
CA GLN B 256 38.34 -31.24 -32.38
C GLN B 256 38.66 -30.56 -33.70
N VAL B 257 37.73 -29.74 -34.18
CA VAL B 257 37.90 -29.06 -35.44
C VAL B 257 37.55 -27.58 -35.31
N PRO B 258 37.83 -26.77 -36.35
CA PRO B 258 37.50 -25.34 -36.28
C PRO B 258 36.03 -25.00 -36.46
N GLU B 259 35.69 -23.73 -36.25
CA GLU B 259 34.32 -23.23 -36.36
C GLU B 259 33.71 -23.58 -37.71
N ILE B 260 32.40 -23.61 -37.76
CA ILE B 260 31.68 -23.92 -38.98
C ILE B 260 31.52 -22.73 -39.88
N THR B 261 31.82 -22.93 -41.16
CA THR B 261 31.71 -21.90 -42.17
C THR B 261 30.35 -21.95 -42.85
N LYS B 262 29.99 -23.12 -43.38
CA LYS B 262 28.71 -23.28 -44.06
C LYS B 262 28.15 -24.69 -43.98
N PHE B 263 26.82 -24.80 -44.01
CA PHE B 263 26.12 -26.09 -44.03
C PHE B 263 25.60 -26.24 -45.46
N ASP B 264 25.95 -27.35 -46.10
CA ASP B 264 25.51 -27.64 -47.47
C ASP B 264 24.17 -28.38 -47.40
N PRO B 265 23.04 -27.66 -47.56
CA PRO B 265 21.74 -28.33 -47.50
C PRO B 265 21.63 -29.50 -48.46
N THR B 266 22.13 -29.31 -49.67
CA THR B 266 22.07 -30.35 -50.68
C THR B 266 22.91 -31.60 -50.32
N THR B 267 24.22 -31.45 -50.16
CA THR B 267 25.04 -32.63 -49.83
C THR B 267 25.13 -32.98 -48.34
N ARG B 268 24.56 -32.15 -47.47
CA ARG B 268 24.60 -32.40 -46.03
C ARG B 268 26.02 -32.41 -45.47
N GLU B 269 26.91 -31.65 -46.11
CA GLU B 269 28.29 -31.54 -45.68
C GLU B 269 28.41 -30.31 -44.78
N ILE B 270 29.41 -30.32 -43.92
CA ILE B 270 29.62 -29.20 -43.02
C ILE B 270 31.04 -28.71 -43.26
N TYR B 271 31.17 -27.44 -43.64
CA TYR B 271 32.48 -26.85 -43.91
C TYR B 271 33.03 -26.16 -42.68
N LEU B 272 34.31 -26.43 -42.41
CA LEU B 272 34.98 -25.83 -41.27
C LEU B 272 36.03 -24.84 -41.72
N LYS B 273 36.24 -23.79 -40.92
CA LYS B 273 37.24 -22.78 -41.25
C LYS B 273 38.60 -23.49 -41.40
N GLY B 274 39.24 -23.33 -42.55
CA GLY B 274 40.51 -23.97 -42.77
C GLY B 274 40.43 -24.98 -43.89
N GLY B 275 39.25 -25.13 -44.47
CA GLY B 275 39.09 -26.07 -45.56
C GLY B 275 38.55 -27.44 -45.21
N LYS B 276 38.73 -27.86 -43.96
CA LYS B 276 38.24 -29.17 -43.51
C LYS B 276 36.74 -29.26 -43.72
N VAL B 277 36.26 -30.37 -44.27
CA VAL B 277 34.83 -30.57 -44.50
C VAL B 277 34.34 -31.92 -44.00
N LEU B 278 33.30 -31.88 -43.15
CA LEU B 278 32.70 -33.09 -42.56
C LEU B 278 31.44 -33.52 -43.32
N SER B 279 31.27 -34.82 -43.46
CA SER B 279 30.09 -35.34 -44.14
C SER B 279 29.57 -36.56 -43.37
N ASN B 280 28.29 -36.88 -43.57
CA ASN B 280 27.67 -38.02 -42.89
C ASN B 280 27.54 -37.81 -41.39
N ILE B 281 27.24 -36.56 -40.99
CA ILE B 281 27.04 -36.22 -39.58
C ILE B 281 25.55 -36.45 -39.29
N ASP B 282 25.26 -37.41 -38.40
CA ASP B 282 23.88 -37.73 -38.07
C ASP B 282 23.25 -36.71 -37.14
N ARG B 283 24.05 -36.18 -36.22
CA ARG B 283 23.53 -35.19 -35.29
C ARG B 283 24.54 -34.07 -35.11
N VAL B 284 24.01 -32.85 -35.06
CA VAL B 284 24.81 -31.66 -34.81
C VAL B 284 24.13 -31.09 -33.57
N ILE B 285 24.85 -31.09 -32.44
CA ILE B 285 24.27 -30.57 -31.21
C ILE B 285 24.97 -29.28 -30.79
N TYR B 286 24.24 -28.17 -30.83
CA TYR B 286 24.79 -26.90 -30.43
C TYR B 286 24.83 -26.75 -28.92
N CYS B 287 26.04 -26.54 -28.39
CA CYS B 287 26.25 -26.34 -26.96
C CYS B 287 26.80 -24.91 -26.83
N THR B 288 26.08 -23.98 -27.46
CA THR B 288 26.42 -22.58 -27.48
C THR B 288 25.69 -21.73 -26.42
N GLY B 289 25.15 -22.37 -25.41
CA GLY B 289 24.47 -21.63 -24.36
C GLY B 289 23.12 -21.01 -24.68
N TYR B 290 22.75 -20.01 -23.89
CA TYR B 290 21.45 -19.33 -24.04
C TYR B 290 21.60 -17.79 -24.07
N LEU B 291 20.48 -17.11 -24.13
CA LEU B 291 20.44 -15.65 -24.17
C LEU B 291 19.69 -15.15 -22.95
N TYR B 292 20.02 -13.94 -22.48
CA TYR B 292 19.31 -13.39 -21.34
C TYR B 292 17.99 -12.94 -21.90
N SER B 293 16.97 -12.94 -21.07
CA SER B 293 15.64 -12.58 -21.54
C SER B 293 14.81 -11.83 -20.52
N VAL B 294 14.05 -10.85 -21.02
CA VAL B 294 13.14 -10.06 -20.20
C VAL B 294 11.89 -9.96 -21.07
N PRO B 295 11.18 -11.08 -21.23
CA PRO B 295 9.95 -11.22 -22.02
C PRO B 295 8.72 -10.51 -21.46
N PHE B 296 8.88 -9.22 -21.12
CA PHE B 296 7.78 -8.43 -20.60
C PHE B 296 7.75 -7.17 -21.44
N PRO B 297 6.83 -7.11 -22.42
CA PRO B 297 6.60 -6.02 -23.37
C PRO B 297 6.94 -4.59 -22.92
N SER B 298 6.58 -4.22 -21.70
CA SER B 298 6.86 -2.88 -21.23
C SER B 298 8.32 -2.62 -20.86
N LEU B 299 9.07 -3.70 -20.62
CA LEU B 299 10.47 -3.56 -20.28
C LEU B 299 11.30 -3.79 -21.55
N ALA B 300 10.86 -4.76 -22.34
CA ALA B 300 11.52 -5.12 -23.59
C ALA B 300 11.48 -3.98 -24.61
N LYS B 301 10.46 -3.13 -24.56
CA LYS B 301 10.35 -2.03 -25.53
C LYS B 301 11.38 -0.95 -25.24
N LEU B 302 11.79 -0.82 -23.98
CA LEU B 302 12.78 0.18 -23.59
C LEU B 302 14.05 -0.08 -24.39
N LYS B 303 14.51 0.93 -25.10
CA LYS B 303 15.70 0.78 -25.92
C LYS B 303 16.75 1.86 -25.75
N SER B 304 16.41 2.95 -25.06
CA SER B 304 17.38 4.03 -24.88
C SER B 304 18.54 3.52 -24.02
N PRO B 305 19.75 4.05 -24.25
CA PRO B 305 20.93 3.64 -23.49
C PRO B 305 20.80 3.66 -21.97
N GLU B 306 20.04 4.62 -21.44
CA GLU B 306 19.89 4.75 -20.00
C GLU B 306 18.69 3.99 -19.39
N THR B 307 17.81 3.45 -20.22
CA THR B 307 16.64 2.73 -19.72
C THR B 307 16.48 1.32 -20.30
N LYS B 308 17.35 0.90 -21.20
CA LYS B 308 17.19 -0.42 -21.79
C LYS B 308 17.63 -1.53 -20.85
N LEU B 309 16.97 -2.68 -20.94
CA LEU B 309 17.32 -3.82 -20.12
C LEU B 309 17.95 -4.87 -21.01
N ILE B 310 17.31 -5.10 -22.15
CA ILE B 310 17.77 -6.09 -23.11
C ILE B 310 17.98 -5.48 -24.51
N ASP B 311 18.99 -6.00 -25.19
CA ASP B 311 19.30 -5.59 -26.56
C ASP B 311 19.53 -6.85 -27.38
N ASP B 312 20.71 -7.44 -27.25
CA ASP B 312 21.05 -8.65 -28.00
C ASP B 312 21.00 -9.92 -27.12
N GLY B 313 20.57 -9.74 -25.88
CA GLY B 313 20.47 -10.89 -24.98
C GLY B 313 21.80 -11.38 -24.45
N SER B 314 22.85 -10.59 -24.62
CA SER B 314 24.17 -11.00 -24.13
C SER B 314 24.18 -10.81 -22.62
N HIS B 315 23.38 -9.84 -22.16
CA HIS B 315 23.29 -9.54 -20.74
C HIS B 315 22.10 -8.63 -20.50
N VAL B 316 21.88 -8.28 -19.24
CA VAL B 316 20.81 -7.37 -18.85
C VAL B 316 21.54 -6.08 -18.51
N HIS B 317 21.17 -4.98 -19.19
CA HIS B 317 21.85 -3.71 -18.97
C HIS B 317 21.22 -2.86 -17.86
N ASN B 318 21.94 -1.81 -17.47
CA ASN B 318 21.50 -0.88 -16.44
C ASN B 318 21.17 -1.45 -15.06
N VAL B 319 21.88 -2.49 -14.64
CA VAL B 319 21.63 -3.06 -13.32
C VAL B 319 22.84 -2.93 -12.41
N TYR B 320 22.77 -1.96 -11.50
CA TYR B 320 23.84 -1.70 -10.53
C TYR B 320 24.15 -2.93 -9.67
N GLN B 321 25.39 -3.38 -9.71
CA GLN B 321 25.82 -4.57 -8.96
C GLN B 321 25.09 -5.80 -9.50
N HIS B 322 24.61 -5.71 -10.73
CA HIS B 322 23.89 -6.80 -11.39
C HIS B 322 22.56 -7.05 -10.69
N ILE B 323 22.11 -6.07 -9.91
CA ILE B 323 20.87 -6.19 -9.15
C ILE B 323 19.82 -5.09 -9.40
N PHE B 324 20.13 -3.86 -9.02
CA PHE B 324 19.21 -2.76 -9.14
C PHE B 324 19.16 -1.97 -10.44
N TYR B 325 17.98 -1.92 -11.05
CA TYR B 325 17.74 -1.17 -12.27
C TYR B 325 18.02 0.30 -11.92
N ILE B 326 19.13 0.83 -12.43
CA ILE B 326 19.53 2.21 -12.13
C ILE B 326 18.46 3.28 -12.23
N PRO B 327 17.67 3.30 -13.31
CA PRO B 327 16.64 4.32 -13.44
C PRO B 327 15.61 4.29 -12.32
N ASP B 328 15.30 3.09 -11.84
CA ASP B 328 14.30 2.92 -10.79
C ASP B 328 14.60 1.65 -9.98
N PRO B 329 15.38 1.77 -8.90
CA PRO B 329 15.74 0.63 -8.06
C PRO B 329 14.61 -0.20 -7.41
N THR B 330 13.34 0.12 -7.67
CA THR B 330 12.27 -0.71 -7.11
C THR B 330 12.07 -1.90 -8.04
N LEU B 331 12.92 -1.97 -9.06
CA LEU B 331 12.93 -3.08 -10.02
C LEU B 331 14.31 -3.70 -9.81
N ALA B 332 14.37 -5.00 -9.52
CA ALA B 332 15.65 -5.65 -9.26
C ALA B 332 15.73 -7.03 -9.89
N PHE B 333 16.95 -7.57 -9.96
CA PHE B 333 17.19 -8.89 -10.55
C PHE B 333 18.09 -9.71 -9.64
N VAL B 334 17.79 -11.01 -9.51
CA VAL B 334 18.60 -11.90 -8.69
C VAL B 334 18.87 -13.17 -9.49
N GLY B 335 20.13 -13.49 -9.71
CA GLY B 335 20.46 -14.69 -10.46
C GLY B 335 21.06 -14.47 -11.83
N LEU B 336 21.41 -13.22 -12.14
CA LEU B 336 22.01 -12.91 -13.43
C LEU B 336 23.48 -13.34 -13.53
N ALA B 337 24.13 -13.53 -12.39
CA ALA B 337 25.55 -13.90 -12.37
C ALA B 337 25.92 -15.08 -13.27
N LEU B 338 27.06 -14.93 -13.94
CA LEU B 338 27.57 -15.96 -14.85
C LEU B 338 28.88 -16.51 -14.29
N HIS B 339 29.12 -17.81 -14.51
CA HIS B 339 30.34 -18.46 -14.04
C HIS B 339 30.48 -18.42 -12.51
N VAL B 340 29.36 -18.63 -11.82
CA VAL B 340 29.36 -18.62 -10.36
C VAL B 340 28.71 -19.88 -9.78
N VAL B 341 28.70 -19.95 -8.45
CA VAL B 341 28.05 -21.04 -7.74
C VAL B 341 26.70 -20.37 -7.43
N PRO B 342 25.67 -20.72 -8.22
CA PRO B 342 24.29 -20.24 -8.20
C PRO B 342 23.59 -19.95 -6.87
N PHE B 343 23.35 -20.98 -6.07
CA PHE B 343 22.64 -20.79 -4.78
C PHE B 343 23.27 -19.75 -3.86
N PRO B 344 24.56 -19.89 -3.52
CA PRO B 344 25.24 -18.92 -2.65
C PRO B 344 25.25 -17.49 -3.19
N THR B 345 25.54 -17.36 -4.48
CA THR B 345 25.59 -16.04 -5.11
C THR B 345 24.23 -15.36 -5.12
N SER B 346 23.17 -16.10 -5.44
CA SER B 346 21.85 -15.50 -5.43
C SER B 346 21.47 -15.15 -4.00
N GLN B 347 21.94 -15.95 -3.05
CA GLN B 347 21.64 -15.66 -1.65
C GLN B 347 22.32 -14.36 -1.23
N ALA B 348 23.56 -14.16 -1.68
CA ALA B 348 24.29 -12.94 -1.34
C ALA B 348 23.54 -11.72 -1.88
N GLN B 349 23.01 -11.84 -3.08
CA GLN B 349 22.27 -10.75 -3.67
C GLN B 349 20.95 -10.53 -2.98
N ALA B 350 20.28 -11.61 -2.59
CA ALA B 350 18.99 -11.50 -1.92
C ALA B 350 19.10 -10.80 -0.58
N ALA B 351 20.09 -11.17 0.22
CA ALA B 351 20.28 -10.57 1.53
C ALA B 351 20.50 -9.05 1.42
N PHE B 352 21.26 -8.64 0.42
CA PHE B 352 21.54 -7.23 0.20
C PHE B 352 20.27 -6.55 -0.31
N LEU B 353 19.61 -7.20 -1.26
CA LEU B 353 18.38 -6.68 -1.86
C LEU B 353 17.31 -6.46 -0.78
N ALA B 354 17.28 -7.36 0.20
CA ALA B 354 16.29 -7.26 1.28
C ALA B 354 16.54 -6.06 2.19
N ARG B 355 17.79 -5.83 2.56
CA ARG B 355 18.13 -4.72 3.44
C ARG B 355 18.00 -3.36 2.77
N VAL B 356 18.16 -3.32 1.46
CA VAL B 356 18.04 -2.06 0.73
C VAL B 356 16.57 -1.70 0.54
N TRP B 357 15.74 -2.71 0.29
CA TRP B 357 14.32 -2.47 0.08
C TRP B 357 13.54 -2.20 1.36
N SER B 358 14.07 -2.63 2.50
CA SER B 358 13.41 -2.40 3.76
C SER B 358 13.86 -1.04 4.29
N GLY B 359 15.00 -0.57 3.78
CA GLY B 359 15.53 0.72 4.20
C GLY B 359 16.66 0.63 5.21
N ARG B 360 17.05 -0.58 5.60
CA ARG B 360 18.13 -0.75 6.56
C ARG B 360 19.50 -0.45 5.94
N LEU B 361 19.52 -0.30 4.62
CA LEU B 361 20.73 0.01 3.88
C LEU B 361 20.35 0.97 2.77
N LYS B 362 21.28 1.83 2.39
CA LYS B 362 21.02 2.78 1.33
C LYS B 362 21.99 2.60 0.15
N LEU B 363 21.48 2.81 -1.05
CA LEU B 363 22.29 2.69 -2.25
C LEU B 363 23.06 3.99 -2.49
N PRO B 364 24.26 3.90 -3.10
CA PRO B 364 25.01 5.13 -3.34
C PRO B 364 24.26 5.94 -4.40
N SER B 365 24.70 7.16 -4.65
CA SER B 365 24.05 8.06 -5.62
C SER B 365 23.82 7.46 -7.01
N LYS B 366 22.81 7.96 -7.69
CA LYS B 366 22.48 7.48 -9.02
C LYS B 366 23.66 7.65 -9.98
N GLU B 367 24.41 8.74 -9.81
CA GLU B 367 25.55 8.98 -10.68
C GLU B 367 26.69 8.01 -10.37
N GLU B 368 26.85 7.66 -9.09
CA GLU B 368 27.90 6.73 -8.71
C GLU B 368 27.58 5.33 -9.24
N GLN B 369 26.29 4.98 -9.22
CA GLN B 369 25.85 3.67 -9.72
C GLN B 369 26.17 3.60 -11.21
N LEU B 370 25.88 4.70 -11.90
CA LEU B 370 26.15 4.78 -13.34
C LEU B 370 27.65 4.71 -13.62
N LYS B 371 28.47 5.16 -12.66
CA LYS B 371 29.91 5.11 -12.85
C LYS B 371 30.37 3.67 -12.70
N TRP B 372 29.76 2.99 -11.73
CA TRP B 372 30.08 1.59 -11.50
C TRP B 372 29.91 0.84 -12.83
N GLN B 373 28.84 1.18 -13.54
CA GLN B 373 28.56 0.54 -14.81
C GLN B 373 29.56 0.92 -15.92
N ASP B 374 29.81 2.22 -16.08
CA ASP B 374 30.75 2.72 -17.08
C ASP B 374 32.06 1.99 -16.96
N GLU B 375 32.57 1.90 -15.73
CA GLU B 375 33.83 1.22 -15.47
C GLU B 375 33.76 -0.25 -15.86
N LEU B 376 32.63 -0.91 -15.58
CA LEU B 376 32.47 -2.31 -15.94
C LEU B 376 32.51 -2.42 -17.46
N MSE B 377 31.64 -1.67 -18.13
CA MSE B 377 31.56 -1.67 -19.59
C MSE B 377 32.94 -1.46 -20.23
O MSE B 377 33.28 -2.12 -21.22
CB MSE B 377 30.59 -0.58 -20.05
CG MSE B 377 29.12 -0.98 -19.94
SE MSE B 377 28.66 -2.55 -20.99
CE MSE B 377 28.29 -1.69 -22.67
N PHE B 378 33.73 -0.56 -19.64
CA PHE B 378 35.07 -0.24 -20.11
C PHE B 378 35.98 -1.46 -20.00
N SER B 379 35.90 -2.15 -18.88
CA SER B 379 36.75 -3.32 -18.65
C SER B 379 36.33 -4.52 -19.49
N LEU B 380 35.17 -4.43 -20.13
CA LEU B 380 34.67 -5.53 -20.97
C LEU B 380 35.25 -5.45 -22.36
N SER B 381 35.76 -4.26 -22.72
CA SER B 381 36.37 -4.06 -24.04
C SER B 381 35.50 -4.62 -25.17
N GLY B 382 34.19 -4.39 -25.08
CA GLY B 382 33.30 -4.87 -26.12
C GLY B 382 32.73 -6.28 -25.98
N ALA B 383 33.23 -7.06 -25.03
CA ALA B 383 32.71 -8.42 -24.82
C ALA B 383 31.58 -8.36 -23.80
N ASN B 384 30.43 -7.84 -24.23
CA ASN B 384 29.26 -7.68 -23.38
C ASN B 384 28.65 -8.94 -22.79
N ASN B 385 28.94 -10.10 -23.36
CA ASN B 385 28.39 -11.34 -22.82
C ASN B 385 29.14 -11.73 -21.55
N MSE B 386 30.15 -10.93 -21.19
CA MSE B 386 30.93 -11.18 -19.99
C MSE B 386 30.54 -10.19 -18.91
O MSE B 386 31.05 -10.22 -17.78
CB MSE B 386 32.43 -11.03 -20.28
CG MSE B 386 33.02 -12.12 -21.15
SE MSE B 386 32.75 -13.89 -20.42
CE MSE B 386 34.06 -13.84 -19.01
N TYR B 387 29.61 -9.30 -19.26
CA TYR B 387 29.10 -8.28 -18.36
C TYR B 387 28.79 -8.82 -16.96
N HIS B 388 28.00 -9.90 -16.89
CA HIS B 388 27.61 -10.50 -15.60
C HIS B 388 28.57 -11.60 -15.17
N SER B 389 29.71 -11.77 -15.84
CA SER B 389 30.64 -12.84 -15.46
C SER B 389 31.45 -12.49 -14.21
N LEU B 390 31.44 -13.40 -13.24
CA LEU B 390 32.17 -13.18 -12.01
C LEU B 390 33.08 -14.37 -11.73
N ASP B 391 33.75 -14.85 -12.76
CA ASP B 391 34.64 -15.99 -12.55
C ASP B 391 35.58 -15.65 -11.40
N TYR B 392 35.92 -16.66 -10.61
CA TYR B 392 36.81 -16.45 -9.48
C TYR B 392 38.08 -15.75 -9.95
N PRO B 393 38.62 -14.82 -9.14
CA PRO B 393 38.16 -14.38 -7.82
C PRO B 393 37.05 -13.35 -7.74
N LYS B 394 36.52 -12.91 -8.87
CA LYS B 394 35.44 -11.91 -8.86
C LYS B 394 34.24 -12.31 -7.99
N ASP B 395 33.81 -13.57 -8.12
CA ASP B 395 32.65 -14.04 -7.36
C ASP B 395 32.93 -14.12 -5.85
N ALA B 396 34.11 -14.57 -5.47
CA ALA B 396 34.42 -14.64 -4.04
C ALA B 396 34.40 -13.23 -3.48
N THR B 397 35.12 -12.32 -4.13
CA THR B 397 35.19 -10.93 -3.71
C THR B 397 33.79 -10.31 -3.65
N TYR B 398 32.99 -10.57 -4.67
CA TYR B 398 31.62 -10.05 -4.77
C TYR B 398 30.72 -10.42 -3.60
N ILE B 399 30.62 -11.72 -3.31
CA ILE B 399 29.76 -12.16 -2.22
C ILE B 399 30.31 -11.70 -0.85
N ASN B 400 31.64 -11.61 -0.72
CA ASN B 400 32.19 -11.16 0.54
C ASN B 400 31.93 -9.66 0.66
N LYS B 401 31.90 -8.97 -0.46
CA LYS B 401 31.63 -7.54 -0.46
C LYS B 401 30.19 -7.32 0.00
N LEU B 402 29.26 -8.07 -0.60
CA LEU B 402 27.85 -7.93 -0.24
C LEU B 402 27.63 -8.34 1.21
N HIS B 403 28.39 -9.33 1.67
CA HIS B 403 28.27 -9.79 3.04
C HIS B 403 28.64 -8.68 4.00
N ASP B 404 29.80 -8.08 3.79
CA ASP B 404 30.25 -7.02 4.66
C ASP B 404 29.30 -5.82 4.66
N TRP B 405 28.70 -5.53 3.52
CA TRP B 405 27.75 -4.42 3.44
C TRP B 405 26.52 -4.73 4.26
N CYS B 406 26.00 -5.95 4.10
CA CYS B 406 24.82 -6.37 4.83
C CYS B 406 25.00 -6.26 6.34
N LYS B 407 26.21 -6.54 6.83
CA LYS B 407 26.54 -6.45 8.25
C LYS B 407 26.27 -5.04 8.78
N GLN B 408 26.38 -4.06 7.89
CA GLN B 408 26.18 -2.65 8.26
C GLN B 408 24.72 -2.23 8.37
N ALA B 409 23.79 -3.13 8.03
CA ALA B 409 22.38 -2.79 8.11
C ALA B 409 21.97 -2.43 9.54
N THR B 410 21.02 -1.49 9.67
CA THR B 410 20.51 -1.06 10.97
C THR B 410 19.03 -0.70 10.81
N PRO B 411 18.22 -0.91 11.86
CA PRO B 411 18.67 -1.45 13.15
C PRO B 411 18.96 -2.95 13.02
N VAL B 412 19.62 -3.51 14.02
CA VAL B 412 19.92 -4.93 14.03
C VAL B 412 18.62 -5.68 14.34
N LEU B 413 18.36 -6.77 13.62
CA LEU B 413 17.15 -7.56 13.87
C LEU B 413 17.54 -8.76 14.76
N GLU B 414 16.59 -9.24 15.54
CA GLU B 414 16.86 -10.37 16.43
C GLU B 414 17.24 -11.63 15.67
N GLU B 415 16.70 -11.77 14.46
CA GLU B 415 17.00 -12.90 13.59
C GLU B 415 17.50 -12.36 12.26
N GLU B 416 18.81 -12.42 12.06
CA GLU B 416 19.40 -11.89 10.83
C GLU B 416 19.58 -12.92 9.72
N PHE B 417 18.85 -12.75 8.60
CA PHE B 417 18.97 -13.63 7.44
C PHE B 417 20.45 -13.56 7.06
N PRO B 418 21.17 -14.69 7.11
CA PRO B 418 22.59 -14.74 6.78
C PRO B 418 23.05 -14.46 5.37
N SER B 419 24.23 -13.84 5.28
CA SER B 419 24.88 -13.53 4.02
C SER B 419 26.01 -14.54 3.95
N PRO B 420 26.08 -15.34 2.87
CA PRO B 420 27.18 -16.30 2.84
C PRO B 420 28.52 -15.56 2.83
N TYR B 421 29.58 -16.25 3.24
CA TYR B 421 30.90 -15.64 3.25
C TYR B 421 31.93 -16.72 2.92
N TRP B 422 32.82 -16.43 1.99
CA TRP B 422 33.85 -17.38 1.60
C TRP B 422 35.19 -17.06 2.23
N GLY B 423 35.59 -17.90 3.18
CA GLY B 423 36.86 -17.72 3.86
C GLY B 423 37.97 -18.32 3.02
N GLU B 424 39.16 -18.37 3.60
CA GLU B 424 40.34 -18.91 2.94
C GLU B 424 40.06 -20.29 2.37
N LYS B 425 39.39 -21.11 3.18
CA LYS B 425 39.05 -22.48 2.81
C LYS B 425 38.05 -22.56 1.64
N GLU B 426 36.95 -21.81 1.74
CA GLU B 426 35.94 -21.81 0.68
C GLU B 426 36.53 -21.33 -0.64
N ARG B 427 37.33 -20.26 -0.58
CA ARG B 427 37.96 -19.71 -1.77
C ARG B 427 38.91 -20.70 -2.45
N SER B 428 39.69 -21.40 -1.65
CA SER B 428 40.63 -22.38 -2.20
C SER B 428 39.86 -23.40 -3.02
N ILE B 429 38.76 -23.90 -2.46
CA ILE B 429 37.93 -24.87 -3.15
C ILE B 429 37.36 -24.29 -4.44
N ARG B 430 36.91 -23.04 -4.38
CA ARG B 430 36.35 -22.39 -5.56
C ARG B 430 37.42 -22.16 -6.63
N GLU B 431 38.65 -21.86 -6.19
CA GLU B 431 39.74 -21.62 -7.13
C GLU B 431 40.13 -22.90 -7.88
N ASN B 432 40.07 -24.02 -7.17
CA ASN B 432 40.43 -25.32 -7.75
C ASN B 432 39.19 -26.17 -7.96
N MSE B 433 38.06 -25.51 -8.12
CA MSE B 433 36.81 -26.22 -8.32
C MSE B 433 36.86 -27.25 -9.45
O MSE B 433 36.58 -28.43 -9.23
CB MSE B 433 35.67 -25.22 -8.58
CG MSE B 433 34.28 -25.86 -8.77
SE MSE B 433 32.83 -24.59 -8.58
CE MSE B 433 32.90 -24.48 -6.68
N TRP B 434 37.22 -26.81 -10.65
CA TRP B 434 37.24 -27.70 -11.80
C TRP B 434 38.25 -28.86 -11.69
N SER B 435 39.28 -28.68 -10.89
CA SER B 435 40.27 -29.73 -10.71
C SER B 435 39.69 -30.74 -9.72
N ILE B 436 39.06 -30.23 -8.67
CA ILE B 436 38.44 -31.07 -7.67
C ILE B 436 37.34 -31.91 -8.33
N ARG B 437 36.67 -31.30 -9.30
CA ARG B 437 35.59 -31.95 -10.05
C ARG B 437 36.20 -32.98 -11.01
N ALA B 438 37.29 -32.59 -11.67
CA ALA B 438 37.96 -33.49 -12.61
C ALA B 438 38.46 -34.73 -11.88
N LYS B 439 38.98 -34.52 -10.68
CA LYS B 439 39.46 -35.65 -9.90
C LYS B 439 38.29 -36.51 -9.40
N PHE B 440 37.16 -35.88 -9.10
CA PHE B 440 35.99 -36.61 -8.61
C PHE B 440 35.43 -37.56 -9.68
N PHE B 441 35.34 -37.06 -10.92
CA PHE B 441 34.82 -37.87 -12.02
C PHE B 441 35.92 -38.53 -12.84
N GLY B 442 37.14 -38.53 -12.31
CA GLY B 442 38.28 -39.14 -12.99
C GLY B 442 38.47 -38.73 -14.44
N ILE B 443 38.45 -37.43 -14.72
CA ILE B 443 38.61 -36.96 -16.09
C ILE B 443 39.84 -36.07 -16.34
N GLU B 444 39.73 -35.23 -17.38
CA GLU B 444 40.79 -34.30 -17.79
C GLU B 444 42.18 -34.98 -17.92
N LEU C 3 -14.07 76.64 22.97
CA LEU C 3 -14.26 77.00 24.42
C LEU C 3 -13.20 76.34 25.29
N PRO C 4 -12.61 77.10 26.25
CA PRO C 4 -11.58 76.53 27.12
C PRO C 4 -12.10 75.45 28.08
N THR C 5 -13.12 75.78 28.88
CA THR C 5 -13.68 74.82 29.84
C THR C 5 -14.41 73.68 29.15
N ILE C 6 -13.69 72.60 28.92
CA ILE C 6 -14.22 71.42 28.25
C ILE C 6 -14.94 70.48 29.24
N ARG C 7 -16.16 70.08 28.89
CA ARG C 7 -16.96 69.18 29.71
C ARG C 7 -17.48 67.96 28.96
N LYS C 8 -17.73 68.14 27.66
CA LYS C 8 -18.24 67.07 26.81
C LYS C 8 -17.27 66.80 25.67
N ILE C 9 -16.84 65.56 25.57
CA ILE C 9 -15.88 65.17 24.54
C ILE C 9 -16.37 64.01 23.68
N ALA C 10 -16.14 64.12 22.38
CA ALA C 10 -16.52 63.08 21.45
C ALA C 10 -15.23 62.45 20.93
N ILE C 11 -15.19 61.12 20.91
CA ILE C 11 -14.03 60.41 20.40
C ILE C 11 -14.47 59.63 19.15
N ILE C 12 -13.77 59.86 18.04
CA ILE C 12 -14.10 59.19 16.79
C ILE C 12 -13.25 57.95 16.59
N GLY C 13 -13.86 56.79 16.79
CA GLY C 13 -13.15 55.53 16.64
C GLY C 13 -12.93 54.88 18.00
N ALA C 14 -13.19 53.59 18.10
CA ALA C 14 -12.98 52.88 19.37
C ALA C 14 -11.91 51.82 19.16
N GLY C 15 -10.90 52.20 18.41
CA GLY C 15 -9.79 51.31 18.16
C GLY C 15 -8.81 51.56 19.29
N PRO C 16 -7.61 50.96 19.24
CA PRO C 16 -6.62 51.16 20.30
C PRO C 16 -6.37 52.62 20.68
N SER C 17 -6.39 53.52 19.70
CA SER C 17 -6.15 54.93 19.97
C SER C 17 -7.31 55.64 20.68
N GLY C 18 -8.54 55.34 20.25
CA GLY C 18 -9.70 55.95 20.88
C GLY C 18 -9.98 55.42 22.27
N LEU C 19 -9.69 54.14 22.49
CA LEU C 19 -9.91 53.51 23.79
C LEU C 19 -8.93 54.06 24.84
N VAL C 20 -7.64 54.15 24.49
CA VAL C 20 -6.69 54.69 25.45
C VAL C 20 -6.95 56.17 25.66
N THR C 21 -7.55 56.82 24.66
CA THR C 21 -7.88 58.22 24.81
C THR C 21 -9.01 58.35 25.83
N ALA C 22 -9.97 57.41 25.79
CA ALA C 22 -11.08 57.45 26.74
C ALA C 22 -10.58 57.25 28.19
N LYS C 23 -9.76 56.23 28.43
CA LYS C 23 -9.25 56.01 29.77
C LYS C 23 -8.48 57.21 30.31
N ALA C 24 -7.64 57.80 29.49
CA ALA C 24 -6.87 58.97 29.94
C ALA C 24 -7.82 60.12 30.30
N LEU C 25 -8.75 60.43 29.40
CA LEU C 25 -9.70 61.52 29.65
C LEU C 25 -10.52 61.30 30.91
N LEU C 26 -11.08 60.11 31.05
CA LEU C 26 -11.91 59.77 32.22
C LEU C 26 -11.10 59.82 33.52
N ALA C 27 -9.80 59.55 33.42
CA ALA C 27 -8.92 59.55 34.58
C ALA C 27 -8.70 60.95 35.14
N GLU C 28 -9.02 61.98 34.34
CA GLU C 28 -8.86 63.37 34.76
C GLU C 28 -9.96 63.77 35.76
N LYS C 29 -11.07 63.03 35.76
CA LYS C 29 -12.20 63.35 36.63
C LYS C 29 -12.55 64.83 36.46
N ALA C 30 -12.51 65.32 35.22
CA ALA C 30 -12.80 66.72 34.97
C ALA C 30 -13.86 66.91 33.91
N PHE C 31 -14.23 65.82 33.24
CA PHE C 31 -15.21 65.89 32.18
C PHE C 31 -16.52 65.25 32.57
N ASP C 32 -17.63 65.88 32.21
CA ASP C 32 -18.94 65.34 32.53
C ASP C 32 -19.36 64.28 31.52
N GLN C 33 -18.82 64.34 30.31
CA GLN C 33 -19.20 63.38 29.28
C GLN C 33 -18.08 63.01 28.30
N VAL C 34 -17.88 61.71 28.11
CA VAL C 34 -16.88 61.22 27.17
C VAL C 34 -17.60 60.13 26.39
N THR C 35 -17.81 60.39 25.11
CA THR C 35 -18.51 59.46 24.24
C THR C 35 -17.68 59.03 23.05
N LEU C 36 -17.58 57.72 22.83
CA LEU C 36 -16.84 57.17 21.71
C LEU C 36 -17.83 56.69 20.66
N PHE C 37 -17.53 56.98 19.39
CA PHE C 37 -18.35 56.56 18.27
C PHE C 37 -17.58 55.50 17.52
N GLU C 38 -18.26 54.43 17.12
CA GLU C 38 -17.58 53.36 16.39
C GLU C 38 -18.54 52.68 15.43
N ARG C 39 -18.19 52.68 14.14
CA ARG C 39 -19.01 52.06 13.11
C ARG C 39 -19.06 50.54 13.22
N ARG C 40 -17.98 49.93 13.70
CA ARG C 40 -17.97 48.48 13.87
C ARG C 40 -18.86 48.09 15.05
N GLY C 41 -19.32 46.86 15.05
CA GLY C 41 -20.18 46.39 16.14
C GLY C 41 -19.42 46.18 17.43
N SER C 42 -18.09 46.25 17.37
CA SER C 42 -17.24 46.05 18.54
C SER C 42 -15.99 46.91 18.49
N PRO C 43 -15.39 47.20 19.67
CA PRO C 43 -14.17 48.01 19.73
C PRO C 43 -12.97 47.15 19.31
N GLY C 44 -11.77 47.75 19.30
CA GLY C 44 -10.59 46.99 18.92
C GLY C 44 -9.93 47.40 17.61
N GLY C 45 -10.58 48.28 16.86
CA GLY C 45 -10.02 48.73 15.60
C GLY C 45 -9.74 47.61 14.61
N VAL C 46 -8.61 47.73 13.90
CA VAL C 46 -8.22 46.71 12.91
C VAL C 46 -8.05 45.32 13.52
N TRP C 47 -7.97 45.26 14.84
CA TRP C 47 -7.81 43.97 15.47
C TRP C 47 -9.05 43.05 15.36
N ASN C 48 -10.09 43.51 14.68
CA ASN C 48 -11.27 42.70 14.46
C ASN C 48 -11.01 41.98 13.14
N TYR C 49 -10.41 40.79 13.22
CA TYR C 49 -10.10 40.01 12.01
C TYR C 49 -11.37 39.68 11.24
N THR C 50 -11.36 39.98 9.94
CA THR C 50 -12.53 39.70 9.11
C THR C 50 -12.19 38.87 7.90
N SER C 51 -12.82 37.71 7.80
CA SER C 51 -12.59 36.84 6.65
C SER C 51 -13.17 37.59 5.45
N THR C 52 -13.98 38.60 5.74
CA THR C 52 -14.62 39.42 4.72
C THR C 52 -13.60 40.39 4.10
N LEU C 53 -13.64 40.53 2.78
CA LEU C 53 -12.75 41.46 2.08
C LEU C 53 -13.54 42.69 1.68
N SER C 54 -12.85 43.77 1.34
CA SER C 54 -13.52 44.99 0.90
C SER C 54 -14.27 44.59 -0.37
N ASN C 55 -15.46 45.16 -0.54
CA ASN C 55 -16.28 44.84 -1.72
C ASN C 55 -15.68 45.27 -3.05
N LYS C 56 -15.03 46.43 -3.07
CA LYS C 56 -14.46 46.95 -4.31
C LYS C 56 -13.18 47.72 -4.04
N LEU C 57 -12.06 47.19 -4.50
CA LEU C 57 -10.76 47.84 -4.32
C LEU C 57 -10.54 48.91 -5.38
N PRO C 58 -10.39 50.18 -4.97
CA PRO C 58 -10.16 51.21 -5.99
C PRO C 58 -8.75 51.08 -6.59
N VAL C 59 -8.70 50.84 -7.91
CA VAL C 59 -7.43 50.69 -8.63
C VAL C 59 -7.44 51.61 -9.86
N PRO C 60 -6.62 52.67 -9.84
CA PRO C 60 -5.70 53.05 -8.77
C PRO C 60 -6.43 53.75 -7.64
N SER C 61 -5.73 54.05 -6.55
CA SER C 61 -6.35 54.71 -5.39
C SER C 61 -5.47 55.86 -4.94
N THR C 62 -5.93 57.08 -5.19
CA THR C 62 -5.16 58.27 -4.88
C THR C 62 -5.97 59.35 -4.17
N ASN C 63 -7.25 59.06 -3.92
CA ASN C 63 -8.10 60.02 -3.24
C ASN C 63 -8.29 59.65 -1.76
N PRO C 64 -7.74 60.47 -0.85
CA PRO C 64 -7.83 60.25 0.60
C PRO C 64 -9.21 60.43 1.22
N ILE C 65 -10.16 60.94 0.44
CA ILE C 65 -11.50 61.17 0.96
C ILE C 65 -12.45 59.98 0.67
N LEU C 66 -11.96 59.01 -0.09
CA LEU C 66 -12.74 57.83 -0.45
C LEU C 66 -13.52 57.22 0.73
N THR C 67 -14.83 57.10 0.55
CA THR C 67 -15.71 56.54 1.59
C THR C 67 -15.56 55.03 1.71
N THR C 68 -15.43 54.53 2.93
CA THR C 68 -15.30 53.09 3.14
C THR C 68 -16.69 52.46 3.14
N GLU C 69 -16.93 51.57 2.18
CA GLU C 69 -18.22 50.88 2.06
C GLU C 69 -18.22 49.56 2.82
N PRO C 70 -19.08 49.44 3.85
CA PRO C 70 -19.12 48.19 4.61
C PRO C 70 -19.92 47.11 3.87
N ILE C 71 -19.61 45.85 4.13
CA ILE C 71 -20.33 44.75 3.50
C ILE C 71 -21.63 44.57 4.26
N VAL C 72 -22.76 44.75 3.58
CA VAL C 72 -24.05 44.64 4.23
C VAL C 72 -24.82 43.41 3.76
N GLY C 73 -25.81 43.02 4.54
CA GLY C 73 -26.64 41.86 4.23
C GLY C 73 -27.89 41.96 5.07
N PRO C 74 -28.96 41.21 4.71
CA PRO C 74 -30.20 41.28 5.49
C PRO C 74 -30.12 40.53 6.83
N ALA C 75 -29.12 39.69 6.98
CA ALA C 75 -28.94 38.88 8.19
C ALA C 75 -27.70 39.19 9.00
N ALA C 76 -27.15 40.39 8.86
CA ALA C 76 -25.96 40.71 9.61
C ALA C 76 -25.73 42.20 9.77
N LEU C 77 -25.10 42.57 10.87
CA LEU C 77 -24.76 43.96 11.12
C LEU C 77 -23.71 44.28 10.04
N PRO C 78 -23.66 45.53 9.55
CA PRO C 78 -22.66 45.86 8.52
C PRO C 78 -21.24 45.57 9.02
N VAL C 79 -20.44 44.95 8.17
CA VAL C 79 -19.07 44.60 8.50
C VAL C 79 -18.06 45.49 7.77
N TYR C 80 -17.15 46.08 8.54
CA TYR C 80 -16.09 46.91 8.00
C TYR C 80 -14.83 46.03 7.99
N PRO C 81 -14.46 45.52 6.82
CA PRO C 81 -13.28 44.66 6.75
C PRO C 81 -12.00 45.25 7.32
N SER C 82 -11.19 44.38 7.90
CA SER C 82 -9.93 44.76 8.49
C SER C 82 -8.83 44.22 7.63
N PRO C 83 -7.71 44.94 7.54
CA PRO C 83 -6.57 44.50 6.72
C PRO C 83 -5.72 43.37 7.32
N LEU C 84 -5.99 42.96 8.56
CA LEU C 84 -5.18 41.89 9.15
C LEU C 84 -5.36 40.57 8.41
N TYR C 85 -4.27 39.84 8.20
CA TYR C 85 -4.37 38.55 7.51
C TYR C 85 -4.33 37.40 8.50
N ARG C 86 -4.73 36.22 8.03
CA ARG C 86 -4.85 35.05 8.88
C ARG C 86 -3.68 34.65 9.79
N ASP C 87 -2.50 34.44 9.21
CA ASP C 87 -1.38 34.02 10.02
C ASP C 87 -0.58 35.14 10.67
N LEU C 88 -1.10 36.36 10.58
CA LEU C 88 -0.40 37.52 11.13
C LEU C 88 0.10 37.37 12.55
N GLN C 89 1.34 37.79 12.72
CA GLN C 89 2.00 37.83 14.01
C GLN C 89 2.60 39.24 14.04
N THR C 90 2.71 39.80 15.24
CA THR C 90 3.21 41.16 15.37
C THR C 90 4.66 41.38 14.97
N ASN C 91 4.97 42.62 14.62
CA ASN C 91 6.33 42.97 14.27
C ASN C 91 6.87 43.84 15.40
N THR C 92 6.10 43.93 16.48
CA THR C 92 6.51 44.69 17.66
C THR C 92 6.55 43.66 18.79
N PRO C 93 7.57 43.74 19.66
CA PRO C 93 7.74 42.81 20.79
C PRO C 93 6.88 43.16 22.01
N ILE C 94 6.45 42.16 22.77
CA ILE C 94 5.61 42.41 23.96
C ILE C 94 6.29 43.28 25.00
N GLU C 95 7.60 43.45 24.90
CA GLU C 95 8.31 44.28 25.87
C GLU C 95 7.97 45.75 25.68
N LEU C 96 7.55 46.09 24.46
CA LEU C 96 7.22 47.48 24.11
C LEU C 96 5.77 47.75 23.69
N MSE C 97 5.19 46.87 22.88
CA MSE C 97 3.84 47.07 22.40
C MSE C 97 2.93 46.98 23.61
O MSE C 97 3.33 46.52 24.67
CB MSE C 97 3.49 46.03 21.33
CG MSE C 97 2.80 44.79 21.84
SE MSE C 97 2.44 43.64 20.35
CE MSE C 97 3.61 42.18 20.79
N GLY C 98 1.69 47.42 23.48
CA GLY C 98 0.83 47.34 24.66
C GLY C 98 0.98 48.52 25.60
N TYR C 99 -0.12 48.86 26.26
CA TYR C 99 -0.15 49.98 27.18
C TYR C 99 0.70 49.69 28.41
N CYS C 100 1.29 50.73 28.99
CA CYS C 100 2.16 50.53 30.15
C CYS C 100 1.43 50.04 31.39
N ASP C 101 0.10 50.09 31.38
CA ASP C 101 -0.64 49.63 32.54
C ASP C 101 -1.51 48.38 32.33
N GLN C 102 -1.19 47.59 31.32
CA GLN C 102 -1.85 46.31 31.07
C GLN C 102 -0.77 45.46 30.42
N SER C 103 -0.23 44.52 31.19
CA SER C 103 0.82 43.67 30.69
C SER C 103 0.22 42.45 30.01
N PHE C 104 1.03 41.72 29.26
CA PHE C 104 0.57 40.51 28.60
C PHE C 104 0.68 39.38 29.58
N LYS C 105 -0.22 38.41 29.50
CA LYS C 105 -0.20 37.27 30.42
C LYS C 105 1.13 36.53 30.26
N PRO C 106 1.55 35.79 31.29
CA PRO C 106 2.82 35.06 31.21
C PRO C 106 2.76 33.95 30.17
N GLN C 107 3.91 33.61 29.57
CA GLN C 107 4.04 32.58 28.55
C GLN C 107 3.61 33.10 27.17
N THR C 108 3.50 34.41 27.03
CA THR C 108 3.11 35.02 25.76
C THR C 108 4.30 35.08 24.81
N LEU C 109 4.09 34.69 23.56
CA LEU C 109 5.16 34.75 22.56
C LEU C 109 5.61 36.21 22.49
N GLN C 110 6.90 36.43 22.25
CA GLN C 110 7.42 37.79 22.19
C GLN C 110 6.75 38.60 21.05
N PHE C 111 6.51 37.95 19.93
CA PHE C 111 5.86 38.54 18.76
C PHE C 111 4.67 37.59 18.55
N PRO C 112 3.66 37.71 19.41
CA PRO C 112 2.44 36.90 19.39
C PRO C 112 1.59 36.95 18.14
N HIS C 113 0.70 35.96 18.01
CA HIS C 113 -0.22 35.88 16.89
C HIS C 113 -1.28 36.95 17.17
N ARG C 114 -2.01 37.39 16.16
CA ARG C 114 -3.03 38.43 16.37
C ARG C 114 -4.04 38.03 17.45
N HIS C 115 -4.42 36.76 17.47
CA HIS C 115 -5.37 36.29 18.48
C HIS C 115 -5.04 36.88 19.84
N THR C 116 -3.77 36.87 20.19
CA THR C 116 -3.32 37.41 21.47
C THR C 116 -3.62 38.91 21.60
N ILE C 117 -3.38 39.67 20.54
CA ILE C 117 -3.62 41.11 20.58
C ILE C 117 -5.12 41.39 20.58
N GLN C 118 -5.89 40.63 19.80
CA GLN C 118 -7.33 40.80 19.75
C GLN C 118 -7.89 40.61 21.15
N GLU C 119 -7.40 39.57 21.83
CA GLU C 119 -7.84 39.29 23.20
C GLU C 119 -7.42 40.43 24.11
N TYR C 120 -6.20 40.92 23.91
CA TYR C 120 -5.66 42.01 24.71
C TYR C 120 -6.58 43.25 24.60
N GLN C 121 -6.99 43.57 23.37
CA GLN C 121 -7.87 44.71 23.14
C GLN C 121 -9.27 44.48 23.70
N ARG C 122 -9.78 43.25 23.59
CA ARG C 122 -11.10 42.93 24.13
C ARG C 122 -11.10 43.24 25.63
N ILE C 123 -10.08 42.77 26.33
CA ILE C 123 -9.95 42.99 27.78
C ILE C 123 -9.78 44.47 28.11
N TYR C 124 -9.00 45.18 27.31
CA TYR C 124 -8.77 46.59 27.56
C TYR C 124 -10.03 47.41 27.34
N ALA C 125 -10.79 47.08 26.29
CA ALA C 125 -12.01 47.83 25.96
C ALA C 125 -13.27 47.49 26.77
N GLN C 126 -13.29 46.32 27.40
CA GLN C 126 -14.49 45.92 28.14
C GLN C 126 -15.13 46.97 29.07
N PRO C 127 -14.34 47.57 30.00
CA PRO C 127 -14.92 48.57 30.91
C PRO C 127 -15.38 49.86 30.22
N LEU C 128 -15.09 49.97 28.93
CA LEU C 128 -15.44 51.15 28.15
C LEU C 128 -16.70 50.99 27.30
N LEU C 129 -17.24 49.77 27.26
CA LEU C 129 -18.42 49.50 26.45
C LEU C 129 -19.60 50.45 26.67
N PRO C 130 -19.87 50.82 27.92
CA PRO C 130 -21.00 51.73 28.15
C PRO C 130 -20.76 53.20 27.74
N PHE C 131 -19.53 53.52 27.34
CA PHE C 131 -19.19 54.89 26.91
C PHE C 131 -19.09 54.92 25.38
N ILE C 132 -19.31 53.78 24.74
CA ILE C 132 -19.19 53.69 23.29
C ILE C 132 -20.51 53.53 22.57
N LYS C 133 -20.69 54.28 21.49
CA LYS C 133 -21.88 54.14 20.67
C LYS C 133 -21.37 53.25 19.54
N LEU C 134 -21.70 51.97 19.66
CA LEU C 134 -21.29 50.95 18.69
C LEU C 134 -22.17 50.98 17.43
N ALA C 135 -21.69 50.36 16.36
CA ALA C 135 -22.39 50.33 15.08
C ALA C 135 -22.96 51.71 14.75
N THR C 136 -22.15 52.73 14.99
CA THR C 136 -22.52 54.11 14.72
C THR C 136 -21.41 54.77 13.91
N ASP C 137 -21.77 55.23 12.72
CA ASP C 137 -20.83 55.87 11.81
C ASP C 137 -20.93 57.39 11.89
N VAL C 138 -19.81 58.07 12.11
CA VAL C 138 -19.80 59.52 12.17
C VAL C 138 -19.71 60.06 10.75
N LEU C 139 -20.71 60.85 10.36
CA LEU C 139 -20.79 61.42 9.01
C LEU C 139 -20.02 62.72 8.84
N ASP C 140 -20.08 63.59 9.83
CA ASP C 140 -19.37 64.85 9.73
C ASP C 140 -19.03 65.46 11.09
N ILE C 141 -18.18 66.48 11.06
CA ILE C 141 -17.73 67.17 12.25
C ILE C 141 -17.45 68.63 11.86
N GLU C 142 -18.18 69.57 12.46
CA GLU C 142 -17.92 70.98 12.17
C GLU C 142 -18.23 71.88 13.35
N LYS C 143 -17.40 72.90 13.48
CA LYS C 143 -17.53 73.89 14.54
C LYS C 143 -18.72 74.79 14.23
N LYS C 144 -19.76 74.72 15.07
CA LYS C 144 -20.95 75.53 14.88
C LYS C 144 -21.15 76.33 16.14
N ASP C 145 -21.29 77.63 16.00
CA ASP C 145 -21.46 78.48 17.16
C ASP C 145 -20.18 78.26 17.97
N GLY C 146 -20.28 77.98 19.26
CA GLY C 146 -19.05 77.77 20.01
C GLY C 146 -18.67 76.33 20.29
N SER C 147 -19.37 75.38 19.66
CA SER C 147 -19.10 73.96 19.90
C SER C 147 -18.96 73.13 18.63
N TRP C 148 -18.60 71.87 18.81
CA TRP C 148 -18.44 70.96 17.70
C TRP C 148 -19.70 70.14 17.49
N VAL C 149 -20.25 70.21 16.29
CA VAL C 149 -21.45 69.46 15.94
C VAL C 149 -20.97 68.20 15.23
N VAL C 150 -21.27 67.03 15.79
CA VAL C 150 -20.85 65.79 15.16
C VAL C 150 -22.10 65.07 14.65
N THR C 151 -22.16 64.90 13.34
CA THR C 151 -23.31 64.26 12.70
C THR C 151 -23.00 62.79 12.52
N TYR C 152 -23.91 61.95 12.96
CA TYR C 152 -23.72 60.51 12.87
C TYR C 152 -25.00 59.77 12.59
N LYS C 153 -24.85 58.54 12.14
CA LYS C 153 -25.97 57.69 11.81
C LYS C 153 -25.67 56.30 12.31
N GLY C 154 -26.69 55.62 12.80
CA GLY C 154 -26.47 54.26 13.26
C GLY C 154 -26.17 53.40 12.04
N THR C 155 -25.23 52.49 12.19
CA THR C 155 -24.89 51.57 11.13
C THR C 155 -26.05 50.62 11.28
N LYS C 156 -26.75 50.34 10.18
CA LYS C 156 -27.92 49.47 10.22
C LYS C 156 -28.97 50.17 9.39
N ALA C 157 -29.50 49.45 8.40
CA ALA C 157 -30.51 49.97 7.51
C ALA C 157 -31.59 50.74 8.26
N GLY C 158 -31.95 51.90 7.74
CA GLY C 158 -33.00 52.70 8.35
C GLY C 158 -32.66 53.61 9.52
N SER C 159 -31.42 53.58 10.01
CA SER C 159 -31.08 54.43 11.14
C SER C 159 -31.19 55.90 10.75
N PRO C 160 -31.72 56.73 11.67
CA PRO C 160 -31.88 58.16 11.39
C PRO C 160 -30.60 58.97 11.64
N ILE C 161 -30.36 59.98 10.82
CA ILE C 161 -29.18 60.83 10.99
C ILE C 161 -29.38 61.63 12.27
N SER C 162 -28.34 61.68 13.10
CA SER C 162 -28.41 62.37 14.37
C SER C 162 -27.25 63.35 14.58
N LYS C 163 -27.46 64.33 15.45
CA LYS C 163 -26.45 65.33 15.75
C LYS C 163 -26.34 65.60 17.25
N ASP C 164 -25.10 65.75 17.73
CA ASP C 164 -24.85 66.07 19.12
C ASP C 164 -23.68 67.04 19.18
N ILE C 165 -23.69 67.94 20.15
CA ILE C 165 -22.62 68.92 20.25
C ILE C 165 -21.66 68.62 21.41
N PHE C 166 -20.39 68.90 21.17
CA PHE C 166 -19.35 68.66 22.18
C PHE C 166 -18.43 69.87 22.25
N ASP C 167 -17.65 69.94 23.33
CA ASP C 167 -16.71 71.05 23.53
C ASP C 167 -15.37 70.71 22.87
N ALA C 168 -15.13 69.43 22.61
CA ALA C 168 -13.90 68.97 21.98
C ALA C 168 -14.10 67.63 21.30
N VAL C 169 -13.35 67.40 20.24
CA VAL C 169 -13.45 66.17 19.49
C VAL C 169 -12.07 65.58 19.28
N SER C 170 -11.92 64.29 19.56
CA SER C 170 -10.64 63.65 19.35
C SER C 170 -10.81 62.61 18.27
N ILE C 171 -10.20 62.85 17.12
CA ILE C 171 -10.30 61.93 16.00
C ILE C 171 -9.25 60.84 16.09
N CYS C 172 -9.71 59.61 16.16
CA CYS C 172 -8.87 58.42 16.24
C CYS C 172 -9.44 57.41 15.25
N ASN C 173 -9.58 57.81 13.99
CA ASN C 173 -10.15 56.94 12.97
C ASN C 173 -9.18 55.99 12.26
N GLY C 174 -7.91 56.00 12.64
CA GLY C 174 -6.92 55.13 12.02
C GLY C 174 -6.47 55.65 10.65
N HIS C 175 -5.34 55.17 10.16
CA HIS C 175 -4.87 55.60 8.86
C HIS C 175 -4.41 54.44 7.98
N TYR C 176 -5.03 53.28 8.19
CA TYR C 176 -4.73 52.09 7.39
C TYR C 176 -6.01 51.52 6.79
N GLU C 177 -6.88 52.43 6.33
CA GLU C 177 -8.13 52.02 5.72
C GLU C 177 -8.16 52.31 4.21
N VAL C 178 -7.91 53.56 3.82
CA VAL C 178 -7.91 53.95 2.41
C VAL C 178 -6.61 53.47 1.77
N PRO C 179 -6.69 52.58 0.77
CA PRO C 179 -5.49 52.06 0.09
C PRO C 179 -4.80 53.09 -0.79
N TYR C 180 -3.48 52.97 -0.91
CA TYR C 180 -2.75 53.86 -1.79
C TYR C 180 -2.15 53.05 -2.92
N ILE C 181 -2.69 53.24 -4.12
CA ILE C 181 -2.21 52.56 -5.31
C ILE C 181 -1.96 53.64 -6.37
N PRO C 182 -0.67 53.94 -6.65
CA PRO C 182 -0.27 54.96 -7.63
C PRO C 182 -0.84 54.73 -9.02
N ASN C 183 -1.30 55.80 -9.67
CA ASN C 183 -1.85 55.70 -11.02
C ASN C 183 -0.74 55.48 -12.03
N ILE C 184 -0.61 54.25 -12.52
CA ILE C 184 0.42 53.93 -13.50
C ILE C 184 -0.25 53.81 -14.87
N LYS C 185 0.54 53.96 -15.92
CA LYS C 185 0.02 53.87 -17.28
C LYS C 185 -0.52 52.46 -17.59
N GLY C 186 -1.84 52.37 -17.81
CA GLY C 186 -2.46 51.10 -18.13
C GLY C 186 -2.92 50.23 -16.98
N LEU C 187 -2.68 50.68 -15.75
CA LEU C 187 -3.07 49.90 -14.57
C LEU C 187 -4.58 49.69 -14.47
N ASP C 188 -5.34 50.78 -14.56
CA ASP C 188 -6.80 50.69 -14.46
C ASP C 188 -7.34 49.65 -15.43
N GLU C 189 -7.02 49.80 -16.72
CA GLU C 189 -7.49 48.85 -17.73
C GLU C 189 -7.00 47.44 -17.40
N TYR C 190 -5.71 47.29 -17.14
CA TYR C 190 -5.11 45.99 -16.81
C TYR C 190 -5.90 45.32 -15.68
N ALA C 191 -6.26 46.12 -14.68
CA ALA C 191 -7.00 45.63 -13.51
C ALA C 191 -8.44 45.18 -13.82
N LYS C 192 -9.14 45.96 -14.63
CA LYS C 192 -10.52 45.63 -14.97
C LYS C 192 -10.69 44.47 -15.96
N ALA C 193 -9.66 44.16 -16.73
CA ALA C 193 -9.76 43.05 -17.69
C ALA C 193 -9.88 41.72 -16.96
N VAL C 194 -9.04 41.53 -15.96
CA VAL C 194 -9.06 40.32 -15.14
C VAL C 194 -9.27 40.78 -13.69
N PRO C 195 -10.51 40.61 -13.18
CA PRO C 195 -10.95 40.97 -11.83
C PRO C 195 -10.02 40.78 -10.63
N GLY C 196 -9.45 39.60 -10.46
CA GLY C 196 -8.58 39.42 -9.31
C GLY C 196 -7.08 39.51 -9.59
N SER C 197 -6.70 40.06 -10.74
CA SER C 197 -5.31 40.17 -11.14
C SER C 197 -4.53 41.24 -10.37
N VAL C 198 -5.23 42.28 -9.93
CA VAL C 198 -4.57 43.34 -9.17
C VAL C 198 -5.20 43.46 -7.79
N LEU C 199 -4.40 43.19 -6.76
CA LEU C 199 -4.84 43.24 -5.38
C LEU C 199 -4.01 44.29 -4.63
N HIS C 200 -4.36 44.48 -3.35
CA HIS C 200 -3.65 45.39 -2.48
C HIS C 200 -3.42 44.59 -1.19
N SER C 201 -2.45 44.99 -0.38
CA SER C 201 -2.17 44.27 0.87
C SER C 201 -3.40 44.15 1.79
N SER C 202 -4.28 45.15 1.78
CA SER C 202 -5.46 45.11 2.62
C SER C 202 -6.43 43.96 2.27
N LEU C 203 -6.19 43.25 1.17
CA LEU C 203 -7.03 42.14 0.75
C LEU C 203 -6.41 40.79 1.06
N PHE C 204 -5.15 40.78 1.48
CA PHE C 204 -4.48 39.51 1.79
C PHE C 204 -5.09 38.87 3.05
N ARG C 205 -5.34 37.57 2.99
CA ARG C 205 -5.91 36.86 4.13
C ARG C 205 -5.30 35.48 4.26
N GLU C 206 -5.46 34.68 3.22
CA GLU C 206 -4.94 33.33 3.22
C GLU C 206 -4.03 33.12 2.03
N PRO C 207 -2.80 32.63 2.26
CA PRO C 207 -1.80 32.38 1.22
C PRO C 207 -2.08 31.24 0.24
N GLU C 208 -2.89 30.26 0.64
CA GLU C 208 -3.17 29.12 -0.24
C GLU C 208 -3.88 29.53 -1.54
N LEU C 209 -4.36 30.76 -1.60
CA LEU C 209 -5.03 31.27 -2.80
C LEU C 209 -4.03 31.46 -3.94
N PHE C 210 -2.76 31.60 -3.58
CA PHE C 210 -1.68 31.85 -4.52
C PHE C 210 -0.84 30.65 -4.90
N VAL C 211 -1.24 29.45 -4.45
CA VAL C 211 -0.47 28.25 -4.77
C VAL C 211 -0.33 28.09 -6.28
N GLY C 212 0.91 28.01 -6.73
CA GLY C 212 1.18 27.81 -8.14
C GLY C 212 1.08 29.06 -9.01
N GLU C 213 0.65 30.18 -8.46
CA GLU C 213 0.56 31.40 -9.24
C GLU C 213 1.86 32.19 -9.26
N SER C 214 2.06 32.97 -10.33
CA SER C 214 3.25 33.81 -10.49
C SER C 214 2.82 35.16 -9.92
N VAL C 215 3.59 35.66 -8.97
CA VAL C 215 3.22 36.90 -8.32
C VAL C 215 4.23 38.04 -8.37
N LEU C 216 3.71 39.26 -8.39
CA LEU C 216 4.52 40.45 -8.40
C LEU C 216 4.12 41.31 -7.20
N VAL C 217 4.99 41.34 -6.20
CA VAL C 217 4.75 42.14 -5.00
C VAL C 217 5.37 43.51 -5.29
N VAL C 218 4.56 44.55 -5.30
CA VAL C 218 5.07 45.90 -5.54
C VAL C 218 5.18 46.69 -4.24
N GLY C 219 6.39 47.07 -3.92
CA GLY C 219 6.65 47.83 -2.71
C GLY C 219 7.90 47.28 -2.04
N GLY C 220 8.54 48.07 -1.20
CA GLY C 220 9.74 47.63 -0.51
C GLY C 220 9.68 47.78 0.99
N ALA C 221 8.53 48.17 1.51
CA ALA C 221 8.35 48.36 2.95
C ALA C 221 8.25 47.01 3.66
N SER C 222 8.06 47.06 4.97
CA SER C 222 7.96 45.84 5.78
C SER C 222 6.81 44.97 5.27
N SER C 223 5.66 45.59 5.04
CA SER C 223 4.49 44.86 4.57
C SER C 223 4.78 44.05 3.29
N ALA C 224 5.53 44.65 2.38
CA ALA C 224 5.87 43.98 1.12
C ALA C 224 6.81 42.82 1.34
N ASN C 225 7.77 43.00 2.25
CA ASN C 225 8.74 41.97 2.55
C ASN C 225 8.11 40.80 3.30
N ASP C 226 7.08 41.11 4.09
CA ASP C 226 6.38 40.07 4.84
C ASP C 226 5.62 39.19 3.85
N LEU C 227 4.91 39.84 2.94
CA LEU C 227 4.11 39.15 1.94
C LEU C 227 4.98 38.22 1.09
N VAL C 228 6.13 38.72 0.65
CA VAL C 228 7.05 37.89 -0.14
C VAL C 228 7.38 36.59 0.58
N ARG C 229 7.68 36.68 1.88
CA ARG C 229 8.01 35.51 2.69
C ARG C 229 6.82 34.56 2.81
N HIS C 230 5.65 35.15 3.03
CA HIS C 230 4.44 34.37 3.17
C HIS C 230 4.03 33.65 1.88
N LEU C 231 4.30 34.28 0.74
CA LEU C 231 3.96 33.67 -0.55
C LEU C 231 5.03 32.68 -1.04
N THR C 232 6.25 32.81 -0.51
CA THR C 232 7.34 31.94 -0.93
C THR C 232 7.05 30.45 -0.90
N PRO C 233 6.44 29.95 0.17
CA PRO C 233 6.17 28.50 0.19
C PRO C 233 4.98 28.02 -0.65
N VAL C 234 4.24 28.95 -1.28
CA VAL C 234 3.08 28.56 -2.08
C VAL C 234 3.05 29.03 -3.54
N ALA C 235 3.49 30.25 -3.80
CA ALA C 235 3.48 30.77 -5.15
C ALA C 235 4.51 30.06 -6.02
N LYS C 236 4.31 30.11 -7.33
CA LYS C 236 5.27 29.50 -8.23
C LYS C 236 6.55 30.32 -8.09
N HIS C 237 7.70 29.66 -8.11
CA HIS C 237 8.95 30.38 -8.01
C HIS C 237 9.36 30.89 -9.40
N PRO C 238 9.94 32.09 -9.47
CA PRO C 238 10.23 32.95 -8.32
C PRO C 238 9.15 34.01 -8.12
N ILE C 239 9.19 34.65 -6.97
CA ILE C 239 8.26 35.74 -6.66
C ILE C 239 8.96 37.01 -7.12
N TYR C 240 8.21 37.91 -7.75
CA TYR C 240 8.80 39.16 -8.22
C TYR C 240 8.45 40.28 -7.26
N GLN C 241 9.45 41.08 -6.89
CA GLN C 241 9.24 42.21 -6.01
C GLN C 241 9.78 43.46 -6.68
N SER C 242 8.89 44.40 -6.99
CA SER C 242 9.27 45.65 -7.64
C SER C 242 9.63 46.76 -6.66
N LEU C 243 10.93 46.96 -6.44
CA LEU C 243 11.45 48.00 -5.55
C LEU C 243 11.65 49.27 -6.37
N LEU C 244 11.48 50.42 -5.72
CA LEU C 244 11.65 51.69 -6.41
C LEU C 244 12.99 51.77 -7.16
N GLY C 245 14.08 51.48 -6.46
CA GLY C 245 15.38 51.53 -7.11
C GLY C 245 15.94 50.16 -7.39
N GLY C 246 15.08 49.17 -7.53
CA GLY C 246 15.56 47.82 -7.78
C GLY C 246 16.08 47.23 -6.47
N GLY C 247 16.59 46.01 -6.54
CA GLY C 247 17.10 45.40 -5.32
C GLY C 247 18.39 44.67 -5.58
N ASP C 248 18.90 43.99 -4.56
CA ASP C 248 20.14 43.24 -4.69
C ASP C 248 19.88 41.73 -4.66
N ILE C 249 18.62 41.35 -4.46
CA ILE C 249 18.27 39.95 -4.41
C ILE C 249 17.68 39.43 -5.72
N GLN C 250 18.37 38.48 -6.33
CA GLN C 250 17.95 37.86 -7.57
C GLN C 250 18.37 36.39 -7.53
N ASN C 251 17.47 35.53 -7.06
CA ASN C 251 17.74 34.10 -6.98
C ASN C 251 16.57 33.31 -7.53
N GLU C 252 16.51 32.03 -7.18
CA GLU C 252 15.46 31.15 -7.65
C GLU C 252 14.07 31.47 -7.08
N SER C 253 14.01 31.87 -5.81
CA SER C 253 12.74 32.17 -5.17
C SER C 253 12.32 33.64 -5.20
N LEU C 254 13.30 34.55 -5.21
CA LEU C 254 13.01 35.98 -5.24
C LEU C 254 13.76 36.77 -6.30
N GLN C 255 13.02 37.49 -7.14
CA GLN C 255 13.62 38.32 -8.19
C GLN C 255 13.20 39.78 -7.97
N GLN C 256 14.07 40.56 -7.34
CA GLN C 256 13.76 41.96 -7.12
C GLN C 256 14.01 42.70 -8.43
N VAL C 257 13.07 43.56 -8.82
CA VAL C 257 13.20 44.33 -10.05
C VAL C 257 12.93 45.79 -9.81
N PRO C 258 13.09 46.63 -10.83
CA PRO C 258 12.84 48.06 -10.66
C PRO C 258 11.36 48.43 -10.76
N GLU C 259 11.04 49.70 -10.47
CA GLU C 259 9.67 50.21 -10.50
C GLU C 259 8.93 49.85 -11.77
N ILE C 260 7.61 50.02 -11.75
CA ILE C 260 6.79 49.73 -12.92
C ILE C 260 6.58 50.96 -13.79
N THR C 261 6.79 50.79 -15.09
CA THR C 261 6.65 51.85 -16.06
C THR C 261 5.22 51.93 -16.60
N LYS C 262 4.76 50.83 -17.20
CA LYS C 262 3.41 50.76 -17.75
C LYS C 262 2.87 49.35 -17.70
N PHE C 263 1.54 49.25 -17.75
CA PHE C 263 0.88 47.95 -17.78
C PHE C 263 0.34 47.86 -19.21
N ASP C 264 0.67 46.79 -19.93
CA ASP C 264 0.16 46.64 -21.29
C ASP C 264 -1.10 45.78 -21.26
N PRO C 265 -2.29 46.40 -21.19
CA PRO C 265 -3.58 45.72 -21.13
C PRO C 265 -3.82 44.66 -22.21
N THR C 266 -3.33 44.90 -23.43
CA THR C 266 -3.52 43.95 -24.54
C THR C 266 -2.65 42.70 -24.43
N THR C 267 -1.40 42.86 -24.01
CA THR C 267 -0.50 41.71 -23.89
C THR C 267 -0.31 41.28 -22.45
N ARG C 268 -0.91 42.05 -21.54
CA ARG C 268 -0.81 41.80 -20.10
C ARG C 268 0.65 41.68 -19.69
N GLU C 269 1.47 42.59 -20.22
CA GLU C 269 2.89 42.66 -19.92
C GLU C 269 3.13 43.83 -18.98
N ILE C 270 4.09 43.70 -18.07
CA ILE C 270 4.39 44.76 -17.12
C ILE C 270 5.80 45.29 -17.37
N TYR C 271 5.88 46.56 -17.78
CA TYR C 271 7.16 47.19 -18.09
C TYR C 271 7.87 47.77 -16.86
N LEU C 272 9.13 47.40 -16.69
CA LEU C 272 9.91 47.89 -15.56
C LEU C 272 11.02 48.85 -16.00
N LYS C 273 11.22 49.93 -15.25
CA LYS C 273 12.26 50.90 -15.57
C LYS C 273 13.58 50.16 -15.79
N GLY C 274 14.19 50.37 -16.96
CA GLY C 274 15.44 49.70 -17.24
C GLY C 274 15.27 48.73 -18.40
N GLY C 275 14.05 48.65 -18.93
CA GLY C 275 13.78 47.77 -20.05
C GLY C 275 13.22 46.41 -19.71
N LYS C 276 13.47 45.92 -18.50
CA LYS C 276 12.96 44.61 -18.07
C LYS C 276 11.43 44.58 -18.22
N VAL C 277 10.94 43.49 -18.78
CA VAL C 277 9.50 43.32 -19.01
C VAL C 277 9.00 41.98 -18.50
N LEU C 278 7.96 42.01 -17.68
CA LEU C 278 7.39 40.80 -17.12
C LEU C 278 6.09 40.41 -17.83
N SER C 279 5.82 39.12 -17.89
CA SER C 279 4.62 38.62 -18.53
C SER C 279 4.16 37.34 -17.84
N ASN C 280 2.88 37.03 -17.98
CA ASN C 280 2.29 35.84 -17.36
C ASN C 280 2.29 36.01 -15.85
N ILE C 281 1.89 37.21 -15.40
CA ILE C 281 1.81 37.50 -13.98
C ILE C 281 0.36 37.27 -13.56
N ASP C 282 0.15 36.24 -12.75
CA ASP C 282 -1.19 35.90 -12.28
C ASP C 282 -1.72 36.93 -11.31
N ARG C 283 -0.88 37.35 -10.36
CA ARG C 283 -1.30 38.35 -9.38
C ARG C 283 -0.27 39.45 -9.18
N VAL C 284 -0.78 40.67 -9.07
CA VAL C 284 0.06 41.83 -8.80
C VAL C 284 -0.50 42.33 -7.47
N ILE C 285 0.33 42.32 -6.42
CA ILE C 285 -0.14 42.74 -5.12
C ILE C 285 0.57 44.02 -4.65
N TYR C 286 -0.18 45.12 -4.65
CA TYR C 286 0.35 46.39 -4.23
C TYR C 286 0.50 46.43 -2.70
N CYS C 287 1.70 46.76 -2.24
CA CYS C 287 2.00 46.87 -0.81
C CYS C 287 2.54 48.27 -0.62
N THR C 288 1.88 49.20 -1.28
CA THR C 288 2.22 50.61 -1.29
C THR C 288 1.59 51.40 -0.14
N GLY C 289 1.01 50.69 0.82
CA GLY C 289 0.44 51.36 1.97
C GLY C 289 -0.91 52.03 1.86
N TYR C 290 -1.16 52.97 2.78
CA TYR C 290 -2.43 53.68 2.82
C TYR C 290 -2.31 55.20 2.80
N LEU C 291 -3.47 55.85 2.82
CA LEU C 291 -3.54 57.31 2.80
C LEU C 291 -4.25 57.77 4.07
N TYR C 292 -3.80 58.90 4.62
CA TYR C 292 -4.45 59.44 5.80
C TYR C 292 -5.78 59.95 5.29
N SER C 293 -6.81 59.89 6.12
CA SER C 293 -8.13 60.32 5.70
C SER C 293 -8.92 61.02 6.79
N VAL C 294 -9.56 62.13 6.41
CA VAL C 294 -10.40 62.91 7.32
C VAL C 294 -11.71 63.10 6.54
N PRO C 295 -12.46 61.99 6.36
CA PRO C 295 -13.74 61.90 5.64
C PRO C 295 -14.92 62.62 6.27
N PHE C 296 -14.71 63.85 6.69
CA PHE C 296 -15.79 64.62 7.28
C PHE C 296 -15.86 65.89 6.45
N PRO C 297 -16.90 66.01 5.61
CA PRO C 297 -17.12 67.16 4.73
C PRO C 297 -16.67 68.52 5.27
N SER C 298 -17.18 68.91 6.43
CA SER C 298 -16.82 70.19 7.01
C SER C 298 -15.33 70.36 7.30
N LEU C 299 -14.61 69.25 7.41
CA LEU C 299 -13.17 69.32 7.67
C LEU C 299 -12.38 69.11 6.39
N ALA C 300 -12.86 68.22 5.52
CA ALA C 300 -12.19 67.94 4.25
C ALA C 300 -12.21 69.11 3.26
N LYS C 301 -13.23 69.97 3.37
CA LYS C 301 -13.38 71.13 2.48
C LYS C 301 -12.37 72.24 2.79
N LEU C 302 -11.84 72.25 4.01
CA LEU C 302 -10.85 73.26 4.41
C LEU C 302 -9.61 73.06 3.55
N LYS C 303 -9.21 74.08 2.80
CA LYS C 303 -8.06 73.95 1.92
C LYS C 303 -6.97 75.00 2.03
N SER C 304 -7.22 76.05 2.81
CA SER C 304 -6.23 77.11 2.98
C SER C 304 -5.06 76.57 3.79
N PRO C 305 -3.84 77.04 3.51
CA PRO C 305 -2.60 76.63 4.19
C PRO C 305 -2.68 76.57 5.72
N GLU C 306 -3.40 77.51 6.33
CA GLU C 306 -3.50 77.57 7.77
C GLU C 306 -4.69 76.84 8.41
N THR C 307 -5.59 76.28 7.59
CA THR C 307 -6.74 75.58 8.13
C THR C 307 -6.95 74.18 7.57
N LYS C 308 -6.21 73.83 6.53
CA LYS C 308 -6.38 72.51 5.92
C LYS C 308 -5.92 71.38 6.84
N LEU C 309 -6.55 70.22 6.67
CA LEU C 309 -6.20 69.03 7.43
C LEU C 309 -5.67 67.99 6.45
N ILE C 310 -6.35 67.83 5.32
CA ILE C 310 -5.93 66.85 4.32
C ILE C 310 -5.82 67.48 2.94
N ASP C 311 -4.82 67.02 2.19
CA ASP C 311 -4.59 67.46 0.82
C ASP C 311 -4.40 66.21 -0.02
N ASP C 312 -3.20 65.65 -0.03
CA ASP C 312 -2.95 64.44 -0.82
C ASP C 312 -2.99 63.15 0.00
N GLY C 313 -3.23 63.28 1.31
CA GLY C 313 -3.31 62.11 2.17
C GLY C 313 -1.98 61.54 2.62
N SER C 314 -0.92 62.35 2.47
CA SER C 314 0.42 61.92 2.88
C SER C 314 0.52 62.04 4.38
N HIS C 315 -0.30 62.93 4.94
CA HIS C 315 -0.32 63.19 6.36
C HIS C 315 -1.49 64.10 6.67
N VAL C 316 -1.63 64.44 7.94
CA VAL C 316 -2.69 65.35 8.38
C VAL C 316 -1.96 66.64 8.74
N HIS C 317 -2.32 67.74 8.09
CA HIS C 317 -1.66 69.02 8.32
C HIS C 317 -2.20 69.82 9.50
N ASN C 318 -1.44 70.84 9.88
CA ASN C 318 -1.78 71.74 10.98
C ASN C 318 -2.03 71.11 12.34
N VAL C 319 -1.29 70.06 12.67
CA VAL C 319 -1.47 69.42 13.97
C VAL C 319 -0.20 69.48 14.82
N TYR C 320 -0.21 70.35 15.82
CA TYR C 320 0.90 70.56 16.74
C TYR C 320 1.24 69.30 17.54
N GLN C 321 2.48 68.84 17.41
CA GLN C 321 2.97 67.63 18.08
C GLN C 321 2.21 66.42 17.53
N HIS C 322 1.60 66.59 16.36
CA HIS C 322 0.84 65.54 15.70
C HIS C 322 -0.47 65.29 16.43
N ILE C 323 -0.89 66.25 17.26
CA ILE C 323 -2.10 66.11 18.06
C ILE C 323 -3.13 67.24 17.92
N PHE C 324 -2.79 68.43 18.39
CA PHE C 324 -3.72 69.55 18.36
C PHE C 324 -3.81 70.35 17.07
N TYR C 325 -5.04 70.55 16.60
CA TYR C 325 -5.29 71.32 15.39
C TYR C 325 -4.98 72.77 15.77
N ILE C 326 -3.85 73.27 15.28
CA ILE C 326 -3.38 74.63 15.58
C ILE C 326 -4.45 75.73 15.59
N PRO C 327 -5.29 75.82 14.55
CA PRO C 327 -6.33 76.87 14.57
C PRO C 327 -7.27 76.74 15.75
N ASP C 328 -7.72 75.52 16.03
CA ASP C 328 -8.64 75.24 17.14
C ASP C 328 -8.21 73.97 17.86
N PRO C 329 -7.46 74.12 18.96
CA PRO C 329 -6.98 72.94 19.70
C PRO C 329 -8.07 72.06 20.34
N THR C 330 -9.33 72.49 20.30
CA THR C 330 -10.40 71.65 20.85
C THR C 330 -10.65 70.49 19.88
N LEU C 331 -9.88 70.45 18.81
CA LEU C 331 -9.95 69.37 17.82
C LEU C 331 -8.57 68.71 17.89
N ALA C 332 -8.54 67.41 18.15
CA ALA C 332 -7.28 66.71 18.27
C ALA C 332 -7.31 65.36 17.60
N PHE C 333 -6.12 64.84 17.31
CA PHE C 333 -5.94 63.53 16.66
C PHE C 333 -5.00 62.70 17.51
N VAL C 334 -5.28 61.40 17.58
CA VAL C 334 -4.45 60.46 18.33
C VAL C 334 -4.21 59.25 17.43
N GLY C 335 -2.96 58.84 17.31
CA GLY C 335 -2.64 57.68 16.49
C GLY C 335 -2.09 57.94 15.10
N LEU C 336 -1.76 59.19 14.79
CA LEU C 336 -1.22 59.54 13.48
C LEU C 336 0.21 59.11 13.27
N ALA C 337 0.93 58.83 14.36
CA ALA C 337 2.34 58.43 14.31
C ALA C 337 2.66 57.34 13.31
N LEU C 338 3.75 57.53 12.57
CA LEU C 338 4.17 56.55 11.57
C LEU C 338 5.48 55.93 12.05
N HIS C 339 5.68 54.65 11.75
CA HIS C 339 6.91 53.95 12.16
C HIS C 339 7.13 53.98 13.68
N VAL C 340 6.07 53.70 14.44
CA VAL C 340 6.16 53.67 15.89
C VAL C 340 5.54 52.39 16.44
N VAL C 341 5.51 52.29 17.76
CA VAL C 341 4.89 51.16 18.45
C VAL C 341 3.57 51.81 18.87
N PRO C 342 2.47 51.51 18.14
CA PRO C 342 1.09 51.99 18.30
C PRO C 342 0.53 52.28 19.68
N PHE C 343 0.24 51.22 20.44
CA PHE C 343 -0.37 51.35 21.77
C PHE C 343 0.34 52.33 22.71
N PRO C 344 1.64 52.16 22.93
CA PRO C 344 2.38 53.06 23.83
C PRO C 344 2.37 54.51 23.34
N THR C 345 2.62 54.71 22.05
CA THR C 345 2.66 56.04 21.47
C THR C 345 1.31 56.73 21.58
N SER C 346 0.23 56.02 21.25
CA SER C 346 -1.09 56.63 21.36
C SER C 346 -1.41 56.94 22.81
N GLN C 347 -0.91 56.10 23.73
CA GLN C 347 -1.17 56.34 25.15
C GLN C 347 -0.42 57.61 25.57
N ALA C 348 0.83 57.75 25.11
CA ALA C 348 1.64 58.92 25.43
C ALA C 348 0.94 60.19 24.97
N GLN C 349 0.24 60.10 23.83
CA GLN C 349 -0.47 61.27 23.34
C GLN C 349 -1.75 61.50 24.17
N ALA C 350 -2.48 60.41 24.43
CA ALA C 350 -3.71 60.48 25.22
C ALA C 350 -3.47 61.18 26.54
N ALA C 351 -2.45 60.70 27.27
CA ALA C 351 -2.11 61.26 28.57
C ALA C 351 -1.87 62.76 28.52
N PHE C 352 -1.17 63.22 27.48
CA PHE C 352 -0.87 64.64 27.30
C PHE C 352 -2.13 65.38 26.88
N LEU C 353 -2.87 64.80 25.95
CA LEU C 353 -4.09 65.40 25.45
C LEU C 353 -5.08 65.63 26.60
N ALA C 354 -5.21 64.63 27.47
CA ALA C 354 -6.13 64.72 28.60
C ALA C 354 -5.81 65.85 29.58
N ARG C 355 -4.53 66.04 29.87
CA ARG C 355 -4.11 67.09 30.80
C ARG C 355 -4.26 68.48 30.23
N VAL C 356 -4.14 68.60 28.91
CA VAL C 356 -4.30 69.89 28.26
C VAL C 356 -5.78 70.25 28.26
N TRP C 357 -6.63 69.30 27.87
CA TRP C 357 -8.07 69.54 27.81
C TRP C 357 -8.79 69.78 29.12
N SER C 358 -8.26 69.25 30.22
CA SER C 358 -8.88 69.47 31.52
C SER C 358 -8.32 70.76 32.13
N GLY C 359 -7.27 71.29 31.52
CA GLY C 359 -6.67 72.51 32.00
C GLY C 359 -5.45 72.35 32.89
N ARG C 360 -5.09 71.12 33.25
CA ARG C 360 -3.94 70.89 34.13
C ARG C 360 -2.60 71.20 33.45
N LEU C 361 -2.61 71.31 32.13
CA LEU C 361 -1.41 71.65 31.35
C LEU C 361 -1.84 72.64 30.27
N LYS C 362 -0.97 73.60 29.96
CA LYS C 362 -1.26 74.62 28.95
C LYS C 362 -0.36 74.48 27.73
N LEU C 363 -0.91 74.75 26.55
CA LEU C 363 -0.16 74.67 25.30
C LEU C 363 0.64 75.95 25.07
N PRO C 364 1.73 75.86 24.27
CA PRO C 364 2.53 77.06 24.00
C PRO C 364 1.72 77.96 23.07
N SER C 365 2.14 79.22 22.94
CA SER C 365 1.44 80.17 22.08
C SER C 365 1.14 79.56 20.72
N LYS C 366 0.21 80.17 20.00
CA LYS C 366 -0.18 79.69 18.69
C LYS C 366 0.94 79.90 17.67
N GLU C 367 1.70 80.98 17.82
CA GLU C 367 2.79 81.25 16.89
C GLU C 367 3.91 80.23 17.12
N GLU C 368 4.13 79.87 18.37
CA GLU C 368 5.17 78.91 18.67
C GLU C 368 4.82 77.52 18.14
N GLN C 369 3.52 77.24 17.99
CA GLN C 369 3.06 75.97 17.47
C GLN C 369 3.28 75.93 15.98
N LEU C 370 2.99 77.07 15.34
CA LEU C 370 3.17 77.19 13.90
C LEU C 370 4.67 77.09 13.61
N LYS C 371 5.49 77.63 14.50
CA LYS C 371 6.93 77.56 14.28
C LYS C 371 7.37 76.11 14.36
N TRP C 372 6.81 75.35 15.29
CA TRP C 372 7.14 73.94 15.44
C TRP C 372 6.82 73.23 14.13
N GLN C 373 5.73 73.64 13.48
CA GLN C 373 5.34 73.04 12.22
C GLN C 373 6.26 73.46 11.06
N ASP C 374 6.59 74.74 11.00
CA ASP C 374 7.48 75.23 9.93
C ASP C 374 8.78 74.43 9.98
N GLU C 375 9.37 74.34 11.16
CA GLU C 375 10.61 73.60 11.33
C GLU C 375 10.47 72.14 10.88
N LEU C 376 9.32 71.53 11.16
CA LEU C 376 9.10 70.15 10.74
C LEU C 376 9.01 70.08 9.21
N MSE C 377 8.23 70.97 8.61
CA MSE C 377 8.08 70.98 7.15
C MSE C 377 9.43 71.23 6.44
O MSE C 377 9.70 70.66 5.39
CB MSE C 377 7.07 72.06 6.72
CG MSE C 377 5.60 71.69 6.94
SE MSE C 377 5.12 70.12 5.93
CE MSE C 377 4.71 70.89 4.20
N PHE C 378 10.25 72.09 7.03
CA PHE C 378 11.56 72.40 6.47
C PHE C 378 12.44 71.15 6.51
N SER C 379 12.46 70.46 7.64
CA SER C 379 13.26 69.26 7.79
C SER C 379 12.83 68.15 6.84
N LEU C 380 11.58 68.17 6.42
CA LEU C 380 11.08 67.12 5.51
C LEU C 380 11.64 67.28 4.10
N SER C 381 12.10 68.47 3.77
CA SER C 381 12.64 68.72 2.44
C SER C 381 11.70 68.22 1.35
N GLY C 382 10.41 68.48 1.51
CA GLY C 382 9.45 68.07 0.50
C GLY C 382 8.80 66.70 0.62
N ALA C 383 9.41 65.78 1.37
CA ALA C 383 8.85 64.44 1.57
C ALA C 383 7.81 64.50 2.70
N ASN C 384 6.61 64.94 2.37
CA ASN C 384 5.54 65.09 3.35
C ASN C 384 4.94 63.80 3.89
N ASN C 385 5.16 62.69 3.22
CA ASN C 385 4.61 61.44 3.71
C ASN C 385 5.45 60.97 4.92
N MSE C 386 6.43 61.77 5.30
CA MSE C 386 7.29 61.47 6.44
C MSE C 386 6.96 62.41 7.58
O MSE C 386 7.53 62.30 8.67
CB MSE C 386 8.77 61.61 6.08
CG MSE C 386 9.32 60.51 5.18
SE MSE C 386 9.16 58.74 5.98
CE MSE C 386 10.65 58.84 7.19
N TYR C 387 6.04 63.32 7.33
CA TYR C 387 5.61 64.31 8.31
C TYR C 387 5.38 63.70 9.70
N HIS C 388 4.59 62.62 9.75
CA HIS C 388 4.25 61.94 10.98
C HIS C 388 5.23 60.85 11.40
N SER C 389 6.26 60.61 10.60
CA SER C 389 7.23 59.57 10.91
C SER C 389 8.07 59.94 12.13
N LEU C 390 8.12 59.01 13.09
CA LEU C 390 8.88 59.17 14.32
C LEU C 390 9.81 57.99 14.55
N ASP C 391 10.38 57.47 13.47
CA ASP C 391 11.28 56.33 13.58
C ASP C 391 12.37 56.58 14.64
N TYR C 392 12.67 55.56 15.44
CA TYR C 392 13.69 55.68 16.50
C TYR C 392 14.95 56.43 16.01
N PRO C 393 15.53 57.29 16.86
CA PRO C 393 15.18 57.69 18.23
C PRO C 393 14.06 58.70 18.42
N LYS C 394 13.52 59.23 17.33
CA LYS C 394 12.43 60.22 17.42
C LYS C 394 11.27 59.80 18.31
N ASP C 395 10.78 58.57 18.13
CA ASP C 395 9.66 58.08 18.91
C ASP C 395 10.01 57.98 20.39
N ALA C 396 11.18 57.44 20.70
CA ALA C 396 11.60 57.31 22.08
C ALA C 396 11.67 58.70 22.73
N THR C 397 12.24 59.67 22.01
CA THR C 397 12.37 61.03 22.52
C THR C 397 11.00 61.68 22.62
N TYR C 398 10.16 61.41 21.63
CA TYR C 398 8.82 61.97 21.61
C TYR C 398 7.98 61.50 22.80
N ILE C 399 7.93 60.19 23.05
CA ILE C 399 7.11 59.71 24.17
C ILE C 399 7.68 60.13 25.52
N ASN C 400 9.01 60.19 25.65
CA ASN C 400 9.64 60.60 26.91
C ASN C 400 9.44 62.09 27.12
N LYS C 401 9.29 62.83 26.03
CA LYS C 401 9.06 64.26 26.12
C LYS C 401 7.63 64.50 26.64
N LEU C 402 6.68 63.73 26.13
CA LEU C 402 5.31 63.89 26.58
C LEU C 402 5.18 63.40 28.01
N HIS C 403 5.95 62.38 28.36
CA HIS C 403 5.92 61.84 29.72
C HIS C 403 6.42 62.86 30.74
N ASP C 404 7.48 63.58 30.38
CA ASP C 404 8.03 64.57 31.29
C ASP C 404 7.11 65.78 31.40
N TRP C 405 6.36 66.06 30.33
CA TRP C 405 5.43 67.19 30.35
C TRP C 405 4.25 66.91 31.27
N CYS C 406 3.66 65.74 31.12
CA CYS C 406 2.52 65.35 31.95
C CYS C 406 2.89 65.46 33.42
N LYS C 407 4.11 65.04 33.75
CA LYS C 407 4.61 65.10 35.11
C LYS C 407 4.47 66.49 35.73
N GLN C 408 4.41 67.52 34.89
CA GLN C 408 4.26 68.90 35.35
C GLN C 408 2.80 69.33 35.56
N ALA C 409 1.87 68.45 35.21
CA ALA C 409 0.45 68.76 35.36
C ALA C 409 0.09 69.10 36.81
N THR C 410 -0.82 70.05 36.98
CA THR C 410 -1.28 70.44 38.31
C THR C 410 -2.78 70.81 38.28
N PRO C 411 -3.50 70.53 39.37
CA PRO C 411 -2.97 69.91 40.60
C PRO C 411 -2.73 68.41 40.43
N VAL C 412 -2.07 67.81 41.41
CA VAL C 412 -1.80 66.37 41.35
C VAL C 412 -3.10 65.65 41.70
N LEU C 413 -3.40 64.58 40.96
CA LEU C 413 -4.61 63.79 41.19
C LEU C 413 -4.24 62.55 41.99
N GLU C 414 -5.14 62.11 42.85
CA GLU C 414 -4.89 60.92 43.67
C GLU C 414 -4.54 59.70 42.82
N GLU C 415 -5.10 59.65 41.61
CA GLU C 415 -4.83 58.57 40.67
C GLU C 415 -4.41 59.23 39.37
N GLU C 416 -3.14 59.12 39.03
CA GLU C 416 -2.62 59.71 37.81
C GLU C 416 -2.53 58.69 36.67
N PHE C 417 -3.28 58.94 35.59
CA PHE C 417 -3.22 58.06 34.43
C PHE C 417 -1.75 58.12 34.00
N PRO C 418 -1.08 56.96 33.91
CA PRO C 418 0.33 56.91 33.52
C PRO C 418 0.71 57.24 32.07
N SER C 419 1.89 57.85 31.92
CA SER C 419 2.45 58.18 30.62
C SER C 419 3.55 57.15 30.48
N PRO C 420 3.59 56.40 29.39
CA PRO C 420 4.69 55.43 29.30
C PRO C 420 6.05 56.14 29.20
N TYR C 421 7.11 55.45 29.60
CA TYR C 421 8.44 56.02 29.55
C TYR C 421 9.44 54.96 29.12
N TRP C 422 10.26 55.29 28.13
CA TRP C 422 11.25 54.34 27.62
C TRP C 422 12.65 54.62 28.18
N GLY C 423 13.06 53.78 29.11
CA GLY C 423 14.37 53.91 29.73
C GLY C 423 15.42 53.30 28.82
N GLU C 424 16.66 53.28 29.30
CA GLU C 424 17.78 52.73 28.55
C GLU C 424 17.46 51.36 27.97
N LYS C 425 16.83 50.52 28.78
CA LYS C 425 16.45 49.17 28.37
C LYS C 425 15.44 49.14 27.23
N GLU C 426 14.35 49.89 27.38
CA GLU C 426 13.32 49.94 26.34
C GLU C 426 13.90 50.46 25.03
N ARG C 427 14.56 51.62 25.09
CA ARG C 427 15.14 52.23 23.90
C ARG C 427 16.01 51.23 23.17
N SER C 428 16.81 50.48 23.91
CA SER C 428 17.69 49.49 23.31
C SER C 428 16.88 48.49 22.48
N ILE C 429 15.80 47.98 23.05
CA ILE C 429 14.93 47.04 22.34
C ILE C 429 14.32 47.70 21.10
N ARG C 430 13.87 48.94 21.25
CA ARG C 430 13.27 49.68 20.13
C ARG C 430 14.31 49.91 19.02
N GLU C 431 15.56 50.11 19.40
CA GLU C 431 16.62 50.36 18.40
C GLU C 431 16.96 49.10 17.60
N ASN C 432 17.01 47.96 18.26
CA ASN C 432 17.34 46.70 17.59
C ASN C 432 16.06 45.88 17.38
N MSE C 433 14.92 46.57 17.34
CA MSE C 433 13.64 45.89 17.18
C MSE C 433 13.56 44.97 15.96
O MSE C 433 13.14 43.84 16.10
CB MSE C 433 12.50 46.92 17.12
CG MSE C 433 11.10 46.29 17.04
SE MSE C 433 9.66 47.60 17.25
CE MSE C 433 9.67 47.67 19.14
N TRP C 434 13.97 45.44 14.79
CA TRP C 434 13.88 44.59 13.61
C TRP C 434 14.86 43.42 13.60
N SER C 435 15.91 43.51 14.40
CA SER C 435 16.90 42.44 14.50
C SER C 435 16.37 41.40 15.48
N ILE C 436 15.76 41.89 16.57
CA ILE C 436 15.20 41.03 17.59
C ILE C 436 14.06 40.21 16.97
N ARG C 437 13.33 40.85 16.07
CA ARG C 437 12.21 40.23 15.36
C ARG C 437 12.76 39.22 14.35
N ALA C 438 13.72 39.66 13.54
CA ALA C 438 14.34 38.81 12.54
C ALA C 438 14.84 37.51 13.17
N LYS C 439 15.46 37.64 14.34
CA LYS C 439 15.98 36.47 15.04
C LYS C 439 14.84 35.64 15.61
N PHE C 440 13.73 36.28 15.97
CA PHE C 440 12.60 35.55 16.53
C PHE C 440 11.94 34.66 15.47
N PHE C 441 11.86 35.18 14.25
CA PHE C 441 11.26 34.42 13.15
C PHE C 441 12.32 33.77 12.27
N GLY C 442 13.57 33.81 12.74
CA GLY C 442 14.68 33.22 11.99
C GLY C 442 14.80 33.64 10.54
N ILE C 443 14.78 34.95 10.30
CA ILE C 443 14.87 35.47 8.94
C ILE C 443 16.09 36.37 8.67
N GLU C 444 15.97 37.24 7.66
CA GLU C 444 17.02 38.18 7.20
C GLU C 444 18.39 37.52 6.96
N LEU D 3 -8.93 -4.20 4.18
CA LEU D 3 -7.65 -4.93 4.46
C LEU D 3 -7.22 -4.67 5.91
N PRO D 4 -6.84 -5.75 6.64
CA PRO D 4 -6.43 -5.51 8.03
C PRO D 4 -5.15 -4.68 8.17
N THR D 5 -4.07 -5.03 7.46
CA THR D 5 -2.83 -4.25 7.60
C THR D 5 -2.97 -2.88 6.96
N ILE D 6 -3.22 -1.88 7.80
CA ILE D 6 -3.40 -0.52 7.32
C ILE D 6 -2.09 0.25 7.31
N ARG D 7 -1.77 0.86 6.16
CA ARG D 7 -0.55 1.64 5.98
C ARG D 7 -0.82 3.07 5.53
N LYS D 8 -1.91 3.27 4.80
CA LYS D 8 -2.27 4.60 4.31
C LYS D 8 -3.65 5.00 4.80
N ILE D 9 -3.70 6.10 5.55
CA ILE D 9 -4.93 6.60 6.14
C ILE D 9 -5.31 8.00 5.66
N ALA D 10 -6.60 8.20 5.42
CA ALA D 10 -7.11 9.50 5.00
C ALA D 10 -8.02 10.05 6.10
N ILE D 11 -7.81 11.29 6.50
CA ILE D 11 -8.62 11.93 7.53
C ILE D 11 -9.39 13.09 6.91
N ILE D 12 -10.72 13.01 6.97
CA ILE D 12 -11.56 14.04 6.39
C ILE D 12 -11.89 15.17 7.37
N GLY D 13 -11.12 16.26 7.31
CA GLY D 13 -11.36 17.38 8.20
C GLY D 13 -10.15 17.61 9.08
N ALA D 14 -9.77 18.87 9.25
CA ALA D 14 -8.63 19.20 10.07
C ALA D 14 -9.06 20.10 11.22
N GLY D 15 -10.21 19.75 11.80
CA GLY D 15 -10.72 20.49 12.92
C GLY D 15 -10.18 19.79 14.16
N PRO D 16 -10.65 20.14 15.36
CA PRO D 16 -10.17 19.51 16.60
C PRO D 16 -10.18 17.98 16.58
N SER D 17 -11.16 17.37 15.91
CA SER D 17 -11.23 15.90 15.88
C SER D 17 -10.24 15.30 14.89
N GLY D 18 -10.15 15.89 13.70
CA GLY D 18 -9.23 15.39 12.70
C GLY D 18 -7.78 15.56 13.14
N LEU D 19 -7.48 16.69 13.79
CA LEU D 19 -6.12 16.96 14.25
C LEU D 19 -5.65 15.97 15.31
N VAL D 20 -6.49 15.71 16.31
CA VAL D 20 -6.12 14.77 17.35
C VAL D 20 -6.06 13.34 16.80
N THR D 21 -6.88 13.04 15.80
CA THR D 21 -6.85 11.72 15.19
C THR D 21 -5.50 11.53 14.47
N ALA D 22 -4.98 12.60 13.88
CA ALA D 22 -3.70 12.57 13.18
C ALA D 22 -2.55 12.31 14.16
N LYS D 23 -2.52 13.05 15.26
CA LYS D 23 -1.45 12.85 16.24
C LYS D 23 -1.47 11.44 16.81
N ALA D 24 -2.66 10.92 17.13
CA ALA D 24 -2.77 9.57 17.67
C ALA D 24 -2.27 8.54 16.65
N LEU D 25 -2.75 8.67 15.41
CA LEU D 25 -2.35 7.77 14.35
C LEU D 25 -0.84 7.81 14.10
N LEU D 26 -0.28 9.01 14.04
CA LEU D 26 1.14 9.19 13.81
C LEU D 26 2.01 8.61 14.94
N ALA D 27 1.50 8.66 16.18
CA ALA D 27 2.24 8.14 17.34
C ALA D 27 2.33 6.62 17.41
N GLU D 28 1.57 5.93 16.56
CA GLU D 28 1.60 4.46 16.53
C GLU D 28 2.87 3.97 15.84
N LYS D 29 3.49 4.86 15.07
CA LYS D 29 4.70 4.53 14.33
C LYS D 29 4.46 3.28 13.49
N ALA D 30 3.21 3.12 13.03
CA ALA D 30 2.86 1.97 12.23
C ALA D 30 2.27 2.30 10.86
N PHE D 31 2.07 3.58 10.57
CA PHE D 31 1.49 3.95 9.28
C PHE D 31 2.49 4.71 8.42
N ASP D 32 2.48 4.44 7.12
CA ASP D 32 3.38 5.09 6.19
C ASP D 32 2.84 6.41 5.65
N GLN D 33 1.53 6.57 5.68
CA GLN D 33 0.93 7.79 5.19
C GLN D 33 -0.33 8.20 5.94
N VAL D 34 -0.35 9.43 6.43
CA VAL D 34 -1.48 9.98 7.16
C VAL D 34 -1.75 11.33 6.50
N THR D 35 -2.86 11.41 5.77
CA THR D 35 -3.20 12.63 5.07
C THR D 35 -4.53 13.23 5.53
N LEU D 36 -4.49 14.51 5.88
CA LEU D 36 -5.70 15.19 6.30
C LEU D 36 -6.18 16.09 5.18
N PHE D 37 -7.48 16.04 4.92
CA PHE D 37 -8.09 16.86 3.89
C PHE D 37 -8.91 17.94 4.61
N GLU D 38 -8.80 19.17 4.16
CA GLU D 38 -9.53 20.26 4.78
C GLU D 38 -9.88 21.34 3.76
N ARG D 39 -11.19 21.54 3.54
CA ARG D 39 -11.68 22.54 2.59
C ARG D 39 -11.28 23.96 2.98
N ARG D 40 -11.18 24.23 4.29
CA ARG D 40 -10.78 25.56 4.76
C ARG D 40 -9.30 25.79 4.44
N GLY D 41 -8.86 27.04 4.45
CA GLY D 41 -7.46 27.34 4.18
C GLY D 41 -6.57 27.07 5.39
N SER D 42 -7.18 26.86 6.56
CA SER D 42 -6.45 26.58 7.78
C SER D 42 -7.20 25.58 8.66
N PRO D 43 -6.45 24.88 9.55
CA PRO D 43 -7.01 23.88 10.47
C PRO D 43 -7.73 24.55 11.64
N GLY D 44 -8.31 23.74 12.52
CA GLY D 44 -9.02 24.30 13.66
C GLY D 44 -10.53 24.22 13.59
N GLY D 45 -11.05 23.77 12.44
CA GLY D 45 -12.48 23.63 12.27
C GLY D 45 -13.29 24.89 12.51
N VAL D 46 -14.37 24.75 13.29
CA VAL D 46 -15.24 25.90 13.56
C VAL D 46 -14.52 26.99 14.34
N TRP D 47 -13.34 26.73 14.86
CA TRP D 47 -12.65 27.78 15.60
C TRP D 47 -12.01 28.83 14.70
N ASN D 48 -12.37 28.79 13.42
CA ASN D 48 -11.92 29.79 12.48
C ASN D 48 -13.07 30.80 12.39
N TYR D 49 -13.07 31.79 13.29
CA TYR D 49 -14.11 32.81 13.29
C TYR D 49 -14.26 33.53 11.95
N THR D 50 -15.47 33.61 11.43
CA THR D 50 -15.72 34.25 10.15
C THR D 50 -16.83 35.29 10.21
N SER D 51 -16.46 36.54 9.96
CA SER D 51 -17.45 37.62 9.99
C SER D 51 -18.42 37.36 8.84
N THR D 52 -18.00 36.48 7.94
CA THR D 52 -18.78 36.10 6.77
C THR D 52 -19.90 35.12 7.13
N LEU D 53 -21.11 35.40 6.67
CA LEU D 53 -22.24 34.50 6.95
C LEU D 53 -22.45 33.58 5.77
N SER D 54 -23.17 32.48 6.01
CA SER D 54 -23.46 31.54 4.93
C SER D 54 -24.24 32.35 3.90
N ASN D 55 -24.08 31.99 2.64
CA ASN D 55 -24.75 32.72 1.57
C ASN D 55 -26.27 32.56 1.59
N LYS D 56 -26.74 31.32 1.72
CA LYS D 56 -28.17 31.08 1.70
C LYS D 56 -28.61 30.09 2.78
N LEU D 57 -29.49 30.53 3.68
CA LEU D 57 -29.98 29.68 4.75
C LEU D 57 -31.23 28.91 4.33
N PRO D 58 -31.13 27.58 4.22
CA PRO D 58 -32.34 26.86 3.83
C PRO D 58 -33.40 26.98 4.93
N VAL D 59 -34.57 27.51 4.57
CA VAL D 59 -35.69 27.66 5.51
C VAL D 59 -36.94 27.12 4.85
N PRO D 60 -37.43 25.94 5.30
CA PRO D 60 -36.91 25.09 6.37
C PRO D 60 -35.67 24.30 5.95
N SER D 61 -35.10 23.55 6.88
CA SER D 61 -33.91 22.74 6.61
C SER D 61 -34.05 21.38 7.29
N THR D 62 -34.33 20.36 6.48
CA THR D 62 -34.56 19.01 6.98
C THR D 62 -33.75 17.95 6.24
N ASN D 63 -33.04 18.35 5.20
CA ASN D 63 -32.24 17.39 4.45
C ASN D 63 -30.81 17.41 4.96
N PRO D 64 -30.32 16.27 5.48
CA PRO D 64 -28.97 16.12 6.02
C PRO D 64 -27.82 16.05 5.00
N ILE D 65 -28.17 15.89 3.72
CA ILE D 65 -27.15 15.79 2.67
C ILE D 65 -26.82 17.15 2.01
N LEU D 66 -27.52 18.21 2.41
CA LEU D 66 -27.32 19.54 1.85
C LEU D 66 -25.83 19.92 1.72
N THR D 67 -25.44 20.36 0.52
CA THR D 67 -24.06 20.75 0.25
C THR D 67 -23.72 22.13 0.79
N THR D 68 -22.58 22.24 1.47
CA THR D 68 -22.15 23.51 2.01
C THR D 68 -21.51 24.34 0.90
N GLU D 69 -22.11 25.50 0.63
CA GLU D 69 -21.62 26.40 -0.41
C GLU D 69 -20.71 27.47 0.20
N PRO D 70 -19.42 27.48 -0.16
CA PRO D 70 -18.51 28.49 0.41
C PRO D 70 -18.71 29.87 -0.24
N ILE D 71 -18.33 30.91 0.47
CA ILE D 71 -18.44 32.26 -0.10
C ILE D 71 -17.18 32.42 -0.95
N VAL D 72 -17.37 32.75 -2.23
CA VAL D 72 -16.25 32.90 -3.14
C VAL D 72 -16.14 34.29 -3.74
N GLY D 73 -14.94 34.62 -4.19
CA GLY D 73 -14.68 35.91 -4.80
C GLY D 73 -13.42 35.78 -5.63
N PRO D 74 -13.17 36.69 -6.58
CA PRO D 74 -11.97 36.64 -7.42
C PRO D 74 -10.68 37.02 -6.70
N ALA D 75 -10.81 37.65 -5.53
CA ALA D 75 -9.64 38.08 -4.78
C ALA D 75 -9.37 37.34 -3.45
N ALA D 76 -10.07 36.25 -3.20
CA ALA D 76 -9.86 35.53 -1.95
C ALA D 76 -10.04 34.03 -2.09
N LEU D 77 -9.52 33.28 -1.13
CA LEU D 77 -9.67 31.82 -1.12
C LEU D 77 -11.11 31.62 -0.65
N PRO D 78 -11.79 30.57 -1.15
CA PRO D 78 -13.19 30.36 -0.70
C PRO D 78 -13.31 30.25 0.84
N VAL D 79 -14.26 30.96 1.40
CA VAL D 79 -14.48 30.94 2.85
C VAL D 79 -15.68 30.10 3.28
N TYR D 80 -15.44 29.15 4.19
CA TYR D 80 -16.49 28.31 4.74
C TYR D 80 -16.87 28.89 6.09
N PRO D 81 -17.98 29.63 6.14
CA PRO D 81 -18.39 30.22 7.41
C PRO D 81 -18.48 29.25 8.60
N SER D 82 -18.11 29.78 9.76
CA SER D 82 -18.16 29.05 11.00
C SER D 82 -19.31 29.64 11.80
N PRO D 83 -20.01 28.83 12.56
CA PRO D 83 -21.13 29.30 13.37
C PRO D 83 -20.75 30.05 14.65
N LEU D 84 -19.46 30.19 14.95
CA LEU D 84 -19.09 30.90 16.17
C LEU D 84 -19.49 32.38 16.10
N TYR D 85 -19.94 32.95 17.22
CA TYR D 85 -20.31 34.36 17.19
C TYR D 85 -19.22 35.21 17.81
N ARG D 86 -19.32 36.52 17.58
CA ARG D 86 -18.30 37.45 18.04
C ARG D 86 -17.88 37.36 19.51
N ASP D 87 -18.83 37.51 20.43
CA ASP D 87 -18.52 37.50 21.85
C ASP D 87 -18.54 36.14 22.54
N LEU D 88 -18.50 35.07 21.77
CA LEU D 88 -18.57 33.73 22.36
C LEU D 88 -17.46 33.34 23.34
N GLN D 89 -17.87 32.82 24.49
CA GLN D 89 -16.96 32.30 25.50
C GLN D 89 -17.40 30.84 25.63
N THR D 90 -16.49 29.94 26.02
CA THR D 90 -16.84 28.53 26.10
C THR D 90 -17.90 28.17 27.14
N ASN D 91 -18.50 26.99 26.97
CA ASN D 91 -19.48 26.53 27.94
C ASN D 91 -18.90 25.29 28.60
N THR D 92 -17.59 25.13 28.44
CA THR D 92 -16.84 24.03 29.03
C THR D 92 -15.64 24.69 29.71
N PRO D 93 -15.35 24.35 30.98
CA PRO D 93 -14.23 24.90 31.75
C PRO D 93 -12.86 24.43 31.26
N ILE D 94 -11.81 25.21 31.53
CA ILE D 94 -10.47 24.82 31.11
C ILE D 94 -10.00 23.56 31.82
N GLU D 95 -10.61 23.26 32.97
CA GLU D 95 -10.22 22.06 33.71
C GLU D 95 -10.53 20.79 32.92
N LEU D 96 -11.52 20.86 32.04
CA LEU D 96 -11.93 19.71 31.28
C LEU D 96 -11.72 19.76 29.76
N MSE D 97 -11.99 20.91 29.15
CA MSE D 97 -11.85 20.98 27.70
C MSE D 97 -10.37 20.90 27.32
O MSE D 97 -9.49 20.90 28.18
CB MSE D 97 -12.49 22.26 27.15
CG MSE D 97 -11.61 23.50 27.21
SE MSE D 97 -12.60 25.03 26.57
CE MSE D 97 -12.31 26.22 28.03
N GLY D 98 -10.08 20.83 26.04
CA GLY D 98 -8.68 20.74 25.69
C GLY D 98 -8.10 19.35 25.88
N TYR D 99 -7.12 19.04 25.04
CA TYR D 99 -6.44 17.75 25.09
C TYR D 99 -5.69 17.57 26.40
N CYS D 100 -5.52 16.31 26.79
CA CYS D 100 -4.85 16.01 28.05
C CYS D 100 -3.35 16.29 27.97
N ASP D 101 -2.80 16.37 26.77
CA ASP D 101 -1.39 16.64 26.63
C ASP D 101 -1.03 18.04 26.07
N GLN D 102 -1.91 19.01 26.31
CA GLN D 102 -1.69 20.40 25.93
C GLN D 102 -2.59 21.21 26.82
N SER D 103 -2.02 21.84 27.82
CA SER D 103 -2.83 22.62 28.73
C SER D 103 -2.87 24.06 28.28
N PHE D 104 -3.70 24.84 28.97
CA PHE D 104 -3.87 26.23 28.67
C PHE D 104 -2.79 27.06 29.36
N LYS D 105 -2.46 28.23 28.81
CA LYS D 105 -1.46 29.10 29.42
C LYS D 105 -2.01 29.49 30.78
N PRO D 106 -1.14 29.99 31.66
CA PRO D 106 -1.63 30.39 32.99
C PRO D 106 -2.39 31.72 32.90
N GLN D 107 -3.29 31.95 33.86
CA GLN D 107 -4.10 33.18 33.88
C GLN D 107 -5.25 33.11 32.89
N THR D 108 -5.47 31.94 32.31
CA THR D 108 -6.57 31.77 31.37
C THR D 108 -7.89 31.72 32.15
N LEU D 109 -8.91 32.39 31.63
CA LEU D 109 -10.24 32.44 32.27
C LEU D 109 -10.82 31.03 32.26
N GLN D 110 -11.60 30.67 33.27
CA GLN D 110 -12.17 29.31 33.31
C GLN D 110 -13.05 28.97 32.10
N PHE D 111 -13.75 29.98 31.58
CA PHE D 111 -14.59 29.81 30.40
C PHE D 111 -14.14 30.97 29.51
N PRO D 112 -12.99 30.79 28.84
CA PRO D 112 -12.36 31.76 27.96
C PRO D 112 -13.12 32.11 26.70
N HIS D 113 -12.66 33.21 26.09
CA HIS D 113 -13.22 33.73 24.86
C HIS D 113 -12.67 32.83 23.76
N ARG D 114 -13.37 32.75 22.63
CA ARG D 114 -12.92 31.91 21.53
C ARG D 114 -11.52 32.27 21.06
N HIS D 115 -11.07 33.52 21.30
CA HIS D 115 -9.71 33.90 20.88
C HIS D 115 -8.73 32.90 21.49
N THR D 116 -8.95 32.57 22.76
CA THR D 116 -8.08 31.64 23.48
C THR D 116 -8.11 30.22 22.88
N ILE D 117 -9.31 29.74 22.54
CA ILE D 117 -9.49 28.40 21.98
C ILE D 117 -8.96 28.35 20.53
N GLN D 118 -9.12 29.45 19.81
CA GLN D 118 -8.63 29.52 18.43
C GLN D 118 -7.10 29.45 18.45
N GLU D 119 -6.49 30.11 19.43
CA GLU D 119 -5.04 30.13 19.57
C GLU D 119 -4.56 28.77 20.04
N TYR D 120 -5.37 28.14 20.87
CA TYR D 120 -5.08 26.80 21.40
C TYR D 120 -4.99 25.83 20.23
N GLN D 121 -5.98 25.88 19.35
CA GLN D 121 -6.02 25.01 18.17
C GLN D 121 -4.90 25.35 17.20
N ARG D 122 -4.56 26.62 17.09
CA ARG D 122 -3.49 27.04 16.17
C ARG D 122 -2.17 26.39 16.61
N ILE D 123 -1.92 26.40 17.91
CA ILE D 123 -0.72 25.82 18.49
C ILE D 123 -0.73 24.30 18.29
N TYR D 124 -1.87 23.70 18.60
CA TYR D 124 -1.99 22.25 18.49
C TYR D 124 -1.76 21.75 17.06
N ALA D 125 -2.37 22.43 16.09
CA ALA D 125 -2.29 22.04 14.68
C ALA D 125 -0.99 22.36 13.93
N GLN D 126 -0.28 23.38 14.35
CA GLN D 126 0.95 23.78 13.66
C GLN D 126 1.88 22.65 13.18
N PRO D 127 2.26 21.72 14.08
CA PRO D 127 3.14 20.63 13.64
C PRO D 127 2.55 19.69 12.57
N LEU D 128 1.24 19.73 12.41
CA LEU D 128 0.54 18.88 11.44
C LEU D 128 0.37 19.50 10.05
N LEU D 129 0.61 20.79 9.92
CA LEU D 129 0.43 21.46 8.62
C LEU D 129 1.00 20.69 7.44
N PRO D 130 2.21 20.11 7.57
CA PRO D 130 2.73 19.38 6.42
C PRO D 130 1.97 18.10 6.09
N PHE D 131 1.07 17.67 6.96
CA PHE D 131 0.28 16.45 6.74
C PHE D 131 -1.13 16.77 6.24
N ILE D 132 -1.43 18.06 6.11
CA ILE D 132 -2.76 18.50 5.69
C ILE D 132 -2.83 19.05 4.26
N LYS D 133 -3.82 18.61 3.50
CA LYS D 133 -4.01 19.14 2.16
C LYS D 133 -5.09 20.22 2.39
N LEU D 134 -4.64 21.46 2.54
CA LEU D 134 -5.52 22.58 2.80
C LEU D 134 -6.30 23.01 1.57
N ALA D 135 -7.33 23.82 1.79
CA ALA D 135 -8.20 24.31 0.71
C ALA D 135 -8.53 23.16 -0.22
N THR D 136 -8.88 22.00 0.35
CA THR D 136 -9.20 20.84 -0.46
C THR D 136 -10.44 20.10 0.04
N ASP D 137 -11.48 20.16 -0.78
CA ASP D 137 -12.79 19.58 -0.52
C ASP D 137 -12.87 18.12 -0.96
N VAL D 138 -13.34 17.23 -0.08
CA VAL D 138 -13.47 15.82 -0.43
C VAL D 138 -14.90 15.67 -0.96
N LEU D 139 -15.00 15.27 -2.22
CA LEU D 139 -16.29 15.10 -2.89
C LEU D 139 -16.96 13.75 -2.60
N ASP D 140 -16.17 12.68 -2.63
CA ASP D 140 -16.74 11.37 -2.37
C ASP D 140 -15.75 10.39 -1.72
N ILE D 141 -16.30 9.33 -1.16
CA ILE D 141 -15.55 8.29 -0.47
C ILE D 141 -16.25 6.96 -0.76
N GLU D 142 -15.55 6.03 -1.40
CA GLU D 142 -16.15 4.72 -1.68
C GLU D 142 -15.16 3.58 -1.81
N LYS D 143 -15.56 2.42 -1.30
CA LYS D 143 -14.73 1.21 -1.34
C LYS D 143 -14.68 0.70 -2.77
N LYS D 144 -13.48 0.65 -3.33
CA LYS D 144 -13.27 0.16 -4.67
C LYS D 144 -12.17 -0.88 -4.55
N ASP D 145 -12.44 -2.10 -4.99
CA ASP D 145 -11.48 -3.19 -4.88
C ASP D 145 -11.24 -3.38 -3.39
N GLY D 146 -9.99 -3.48 -2.99
CA GLY D 146 -9.74 -3.65 -1.57
C GLY D 146 -9.46 -2.36 -0.83
N SER D 147 -9.62 -1.22 -1.50
CA SER D 147 -9.31 0.05 -0.85
C SER D 147 -10.37 1.13 -0.89
N TRP D 148 -10.11 2.20 -0.15
CA TRP D 148 -11.02 3.33 -0.14
C TRP D 148 -10.51 4.36 -1.13
N VAL D 149 -11.38 4.77 -2.05
CA VAL D 149 -11.01 5.76 -3.04
C VAL D 149 -11.66 7.07 -2.62
N VAL D 150 -10.85 8.04 -2.25
CA VAL D 150 -11.38 9.34 -1.84
C VAL D 150 -11.19 10.33 -2.98
N THR D 151 -12.30 10.92 -3.43
CA THR D 151 -12.28 11.88 -4.52
C THR D 151 -12.35 13.29 -3.97
N TYR D 152 -11.45 14.13 -4.44
CA TYR D 152 -11.38 15.50 -3.96
C TYR D 152 -11.02 16.52 -5.05
N LYS D 153 -11.25 17.78 -4.74
CA LYS D 153 -10.97 18.87 -5.66
C LYS D 153 -10.47 20.07 -4.88
N GLY D 154 -9.36 20.63 -5.31
CA GLY D 154 -8.83 21.78 -4.63
C GLY D 154 -9.85 22.89 -4.56
N THR D 155 -9.98 23.49 -3.40
CA THR D 155 -10.88 24.62 -3.25
C THR D 155 -10.07 25.66 -3.99
N LYS D 156 -10.71 26.33 -4.95
CA LYS D 156 -10.05 27.33 -5.77
C LYS D 156 -10.50 27.07 -7.19
N ALA D 157 -11.07 28.10 -7.80
CA ALA D 157 -11.57 28.00 -9.17
C ALA D 157 -10.60 27.29 -10.11
N GLY D 158 -11.11 26.33 -10.86
CA GLY D 158 -10.28 25.62 -11.81
C GLY D 158 -9.52 24.40 -11.35
N SER D 159 -9.48 24.15 -10.04
CA SER D 159 -8.75 22.97 -9.56
C SER D 159 -9.34 21.73 -10.20
N PRO D 160 -8.49 20.75 -10.51
CA PRO D 160 -8.97 19.51 -11.13
C PRO D 160 -9.44 18.52 -10.06
N ILE D 161 -10.38 17.65 -10.42
CA ILE D 161 -10.86 16.62 -9.50
C ILE D 161 -9.79 15.53 -9.53
N SER D 162 -9.34 15.11 -8.36
CA SER D 162 -8.31 14.09 -8.24
C SER D 162 -8.76 12.96 -7.33
N LYS D 163 -8.05 11.83 -7.36
CA LYS D 163 -8.39 10.67 -6.53
C LYS D 163 -7.12 10.00 -5.99
N ASP D 164 -7.23 9.45 -4.78
CA ASP D 164 -6.15 8.72 -4.13
C ASP D 164 -6.81 7.59 -3.36
N ILE D 165 -6.10 6.47 -3.18
CA ILE D 165 -6.64 5.32 -2.45
C ILE D 165 -5.94 5.15 -1.12
N PHE D 166 -6.71 4.82 -0.11
CA PHE D 166 -6.17 4.61 1.22
C PHE D 166 -6.68 3.28 1.73
N ASP D 167 -6.09 2.79 2.82
CA ASP D 167 -6.53 1.53 3.41
C ASP D 167 -7.66 1.80 4.41
N ALA D 168 -7.65 2.99 5.01
CA ALA D 168 -8.66 3.39 5.98
C ALA D 168 -9.00 4.86 5.77
N VAL D 169 -10.16 5.27 6.27
CA VAL D 169 -10.61 6.64 6.16
C VAL D 169 -11.33 7.02 7.45
N SER D 170 -10.87 8.09 8.10
CA SER D 170 -11.47 8.58 9.33
C SER D 170 -12.26 9.85 9.03
N ILE D 171 -13.58 9.80 9.21
CA ILE D 171 -14.41 10.96 8.93
C ILE D 171 -14.57 11.81 10.19
N CYS D 172 -14.05 13.03 10.12
CA CYS D 172 -14.10 13.98 11.21
C CYS D 172 -14.60 15.29 10.60
N ASN D 173 -15.73 15.22 9.88
CA ASN D 173 -16.26 16.40 9.21
C ASN D 173 -17.13 17.33 10.06
N GLY D 174 -17.28 17.00 11.35
CA GLY D 174 -18.09 17.83 12.23
C GLY D 174 -19.58 17.61 11.97
N HIS D 175 -20.41 18.01 12.92
CA HIS D 175 -21.84 17.86 12.77
C HIS D 175 -22.61 19.12 13.17
N TYR D 176 -21.98 20.27 12.99
CA TYR D 176 -22.64 21.53 13.31
C TYR D 176 -22.54 22.47 12.11
N GLU D 177 -22.79 21.91 10.92
CA GLU D 177 -22.73 22.70 9.69
C GLU D 177 -24.12 22.79 8.99
N VAL D 178 -24.76 21.65 8.77
CA VAL D 178 -26.07 21.65 8.13
C VAL D 178 -27.13 22.05 9.16
N PRO D 179 -27.87 23.14 8.89
CA PRO D 179 -28.90 23.58 9.84
C PRO D 179 -30.12 22.69 9.88
N TYR D 180 -30.75 22.65 11.05
CA TYR D 180 -31.99 21.90 11.20
C TYR D 180 -33.05 22.91 11.58
N ILE D 181 -34.02 23.08 10.70
CA ILE D 181 -35.14 23.98 10.94
C ILE D 181 -36.33 23.14 10.49
N PRO D 182 -37.24 22.82 11.42
CA PRO D 182 -38.43 22.00 11.14
C PRO D 182 -39.37 22.69 10.17
N ASN D 183 -39.99 21.90 9.30
CA ASN D 183 -40.92 22.43 8.32
C ASN D 183 -42.27 22.73 8.96
N ILE D 184 -42.48 23.98 9.39
CA ILE D 184 -43.74 24.37 10.00
C ILE D 184 -44.66 25.00 8.95
N LYS D 185 -45.96 24.88 9.15
CA LYS D 185 -46.94 25.45 8.23
C LYS D 185 -46.70 26.95 8.01
N GLY D 186 -46.57 27.34 6.75
CA GLY D 186 -46.37 28.75 6.41
C GLY D 186 -44.99 29.37 6.65
N LEU D 187 -44.03 28.61 7.17
CA LEU D 187 -42.70 29.15 7.44
C LEU D 187 -41.94 29.56 6.18
N ASP D 188 -41.96 28.70 5.16
CA ASP D 188 -41.25 28.99 3.90
C ASP D 188 -41.67 30.33 3.34
N GLU D 189 -42.98 30.52 3.18
CA GLU D 189 -43.49 31.76 2.63
C GLU D 189 -43.18 32.93 3.55
N TYR D 190 -43.35 32.73 4.85
CA TYR D 190 -43.08 33.79 5.83
C TYR D 190 -41.63 34.26 5.74
N ALA D 191 -40.71 33.31 5.56
CA ALA D 191 -39.28 33.63 5.46
C ALA D 191 -38.92 34.39 4.20
N LYS D 192 -39.46 33.94 3.06
CA LYS D 192 -39.17 34.59 1.78
C LYS D 192 -39.75 35.99 1.62
N ALA D 193 -40.88 36.26 2.29
CA ALA D 193 -41.50 37.58 2.20
C ALA D 193 -40.62 38.71 2.74
N VAL D 194 -39.87 38.43 3.80
CA VAL D 194 -38.98 39.42 4.41
C VAL D 194 -37.63 38.73 4.67
N PRO D 195 -36.72 38.78 3.69
CA PRO D 195 -35.37 38.21 3.63
C PRO D 195 -34.58 37.91 4.91
N GLY D 196 -34.62 38.79 5.89
CA GLY D 196 -33.88 38.52 7.12
C GLY D 196 -34.75 38.38 8.33
N SER D 197 -36.02 38.05 8.11
CA SER D 197 -36.98 37.91 9.19
C SER D 197 -36.84 36.57 9.91
N VAL D 198 -36.27 35.59 9.22
CA VAL D 198 -36.09 34.27 9.80
C VAL D 198 -34.61 33.87 9.74
N LEU D 199 -33.99 33.74 10.89
CA LEU D 199 -32.57 33.37 10.96
C LEU D 199 -32.42 32.05 11.68
N HIS D 200 -31.16 31.62 11.84
CA HIS D 200 -30.80 30.39 12.54
C HIS D 200 -29.60 30.82 13.39
N SER D 201 -29.25 30.01 14.39
CA SER D 201 -28.12 30.35 15.26
C SER D 201 -26.79 30.44 14.49
N SER D 202 -26.63 29.61 13.46
CA SER D 202 -25.39 29.62 12.68
C SER D 202 -25.10 30.96 11.99
N LEU D 203 -26.07 31.88 11.98
CA LEU D 203 -25.87 33.18 11.36
C LEU D 203 -25.59 34.28 12.38
N PHE D 204 -25.86 33.99 13.65
CA PHE D 204 -25.62 34.99 14.68
C PHE D 204 -24.15 35.40 14.67
N ARG D 205 -23.87 36.67 14.87
CA ARG D 205 -22.49 37.15 14.91
C ARG D 205 -22.40 38.32 15.89
N GLU D 206 -23.08 39.41 15.54
CA GLU D 206 -23.06 40.60 16.36
C GLU D 206 -24.48 40.91 16.87
N PRO D 207 -24.65 41.07 18.19
CA PRO D 207 -25.97 41.38 18.74
C PRO D 207 -26.52 42.77 18.44
N GLU D 208 -25.64 43.74 18.16
CA GLU D 208 -26.09 45.10 17.88
C GLU D 208 -27.06 45.20 16.70
N LEU D 209 -27.13 44.15 15.89
CA LEU D 209 -28.05 44.13 14.76
C LEU D 209 -29.51 44.13 15.22
N PHE D 210 -29.75 43.57 16.40
CA PHE D 210 -31.10 43.45 16.95
C PHE D 210 -31.55 44.56 17.89
N VAL D 211 -30.84 45.68 17.92
CA VAL D 211 -31.26 46.76 18.80
C VAL D 211 -32.64 47.27 18.38
N GLY D 212 -33.52 47.38 19.36
CA GLY D 212 -34.87 47.87 19.09
C GLY D 212 -35.82 46.88 18.44
N GLU D 213 -35.31 45.73 18.04
CA GLU D 213 -36.13 44.74 17.39
C GLU D 213 -36.81 43.77 18.34
N SER D 214 -38.00 43.33 17.95
CA SER D 214 -38.78 42.37 18.73
C SER D 214 -38.36 40.99 18.20
N VAL D 215 -37.82 40.15 19.06
CA VAL D 215 -37.32 38.84 18.64
C VAL D 215 -37.99 37.60 19.24
N LEU D 216 -38.09 36.55 18.44
CA LEU D 216 -38.63 35.28 18.90
C LEU D 216 -37.53 34.24 18.75
N VAL D 217 -36.97 33.81 19.88
CA VAL D 217 -35.94 32.78 19.86
C VAL D 217 -36.68 31.44 19.96
N VAL D 218 -36.42 30.51 19.05
CA VAL D 218 -37.09 29.23 19.11
C VAL D 218 -36.11 28.10 19.47
N GLY D 219 -36.38 27.45 20.58
CA GLY D 219 -35.53 26.37 21.05
C GLY D 219 -35.34 26.50 22.55
N GLY D 220 -34.99 25.38 23.19
CA GLY D 220 -34.79 25.41 24.63
C GLY D 220 -33.44 24.85 25.03
N ALA D 221 -32.58 24.58 24.04
CA ALA D 221 -31.25 24.05 24.33
C ALA D 221 -30.37 25.19 24.81
N SER D 222 -29.12 24.86 25.14
CA SER D 222 -28.15 25.83 25.64
C SER D 222 -27.94 27.01 24.70
N SER D 223 -27.93 26.73 23.40
CA SER D 223 -27.71 27.77 22.40
C SER D 223 -28.85 28.80 22.38
N ALA D 224 -30.07 28.34 22.56
CA ALA D 224 -31.20 29.24 22.59
C ALA D 224 -31.13 30.10 23.84
N ASN D 225 -30.82 29.49 24.97
CA ASN D 225 -30.73 30.25 26.22
C ASN D 225 -29.61 31.28 26.19
N ASP D 226 -28.50 30.94 25.55
CA ASP D 226 -27.37 31.85 25.45
C ASP D 226 -27.79 33.04 24.60
N LEU D 227 -28.47 32.77 23.50
CA LEU D 227 -28.93 33.82 22.60
C LEU D 227 -29.87 34.78 23.32
N VAL D 228 -30.78 34.23 24.13
CA VAL D 228 -31.73 35.06 24.89
C VAL D 228 -30.99 36.04 25.78
N ARG D 229 -29.97 35.55 26.49
CA ARG D 229 -29.20 36.42 27.36
C ARG D 229 -28.47 37.48 26.54
N HIS D 230 -27.84 37.06 25.45
CA HIS D 230 -27.11 37.98 24.59
C HIS D 230 -27.99 39.05 23.93
N LEU D 231 -29.24 38.72 23.63
CA LEU D 231 -30.14 39.70 23.01
C LEU D 231 -30.82 40.62 24.02
N THR D 232 -30.92 40.17 25.27
CA THR D 232 -31.57 40.94 26.32
C THR D 232 -31.14 42.40 26.46
N PRO D 233 -29.83 42.68 26.41
CA PRO D 233 -29.44 44.09 26.55
C PRO D 233 -29.63 44.95 25.31
N VAL D 234 -30.12 44.37 24.21
CA VAL D 234 -30.30 45.14 22.98
C VAL D 234 -31.72 45.08 22.40
N ALA D 235 -32.25 43.88 22.20
CA ALA D 235 -33.59 43.71 21.64
C ALA D 235 -34.70 44.34 22.47
N LYS D 236 -35.77 44.76 21.79
CA LYS D 236 -36.90 45.36 22.48
C LYS D 236 -37.47 44.35 23.48
N HIS D 237 -37.82 44.80 24.67
CA HIS D 237 -38.38 43.90 25.66
C HIS D 237 -39.88 43.72 25.40
N PRO D 238 -40.39 42.50 25.62
CA PRO D 238 -39.61 41.35 26.07
C PRO D 238 -39.13 40.48 24.92
N ILE D 239 -38.18 39.60 25.21
CA ILE D 239 -37.66 38.67 24.21
C ILE D 239 -38.58 37.46 24.31
N TYR D 240 -39.01 36.91 23.18
CA TYR D 240 -39.86 35.74 23.23
C TYR D 240 -39.06 34.49 22.97
N GLN D 241 -39.35 33.43 23.72
CA GLN D 241 -38.68 32.17 23.52
C GLN D 241 -39.74 31.10 23.45
N SER D 242 -39.76 30.38 22.33
CA SER D 242 -40.70 29.31 22.11
C SER D 242 -40.11 27.95 22.52
N LEU D 243 -40.61 27.40 23.63
CA LEU D 243 -40.17 26.10 24.15
C LEU D 243 -41.22 25.07 23.77
N LEU D 244 -40.79 23.83 23.58
CA LEU D 244 -41.72 22.76 23.20
C LEU D 244 -42.91 22.68 24.15
N GLY D 245 -42.62 22.54 25.45
CA GLY D 245 -43.71 22.46 26.40
C GLY D 245 -44.04 23.79 27.05
N GLY D 246 -43.53 24.88 26.50
CA GLY D 246 -43.78 26.18 27.10
C GLY D 246 -42.82 26.34 28.26
N GLY D 247 -42.86 27.48 28.95
CA GLY D 247 -41.93 27.64 30.05
C GLY D 247 -42.52 28.23 31.31
N ASP D 248 -41.69 28.40 32.33
CA ASP D 248 -42.14 28.97 33.60
C ASP D 248 -41.75 30.44 33.72
N ILE D 249 -40.99 30.95 32.75
CA ILE D 249 -40.55 32.33 32.81
C ILE D 249 -41.37 33.28 31.93
N GLN D 250 -42.09 34.19 32.58
CA GLN D 250 -42.92 35.18 31.89
C GLN D 250 -42.81 36.51 32.63
N ASN D 251 -41.84 37.34 32.22
CA ASN D 251 -41.65 38.63 32.85
C ASN D 251 -41.47 39.73 31.81
N GLU D 252 -41.03 40.88 32.27
CA GLU D 252 -40.82 42.04 31.40
C GLU D 252 -39.73 41.88 30.35
N SER D 253 -38.72 41.06 30.64
CA SER D 253 -37.64 40.89 29.68
C SER D 253 -37.68 39.57 28.91
N LEU D 254 -38.32 38.56 29.47
CA LEU D 254 -38.42 37.25 28.82
C LEU D 254 -39.81 36.65 28.92
N GLN D 255 -40.37 36.29 27.76
CA GLN D 255 -41.69 35.67 27.71
C GLN D 255 -41.58 34.30 27.04
N GLN D 256 -41.55 33.24 27.85
CA GLN D 256 -41.47 31.89 27.30
C GLN D 256 -42.87 31.49 26.87
N VAL D 257 -42.97 30.95 25.65
CA VAL D 257 -44.24 30.53 25.08
C VAL D 257 -44.10 29.13 24.51
N PRO D 258 -45.23 28.46 24.24
CA PRO D 258 -45.18 27.10 23.69
C PRO D 258 -44.67 27.05 22.25
N GLU D 259 -44.62 25.85 21.69
CA GLU D 259 -44.15 25.61 20.33
C GLU D 259 -45.01 26.30 19.27
N ILE D 260 -44.41 26.55 18.12
CA ILE D 260 -45.09 27.21 17.01
C ILE D 260 -45.96 26.24 16.22
N THR D 261 -47.21 26.65 15.99
CA THR D 261 -48.18 25.86 15.24
C THR D 261 -48.15 26.21 13.75
N LYS D 262 -48.24 27.52 13.46
CA LYS D 262 -48.24 27.99 12.08
C LYS D 262 -47.69 29.41 11.96
N PHE D 263 -47.23 29.74 10.76
CA PHE D 263 -46.77 31.09 10.45
C PHE D 263 -47.81 31.58 9.46
N ASP D 264 -48.43 32.73 9.74
CA ASP D 264 -49.41 33.27 8.82
C ASP D 264 -48.73 34.31 7.95
N PRO D 265 -48.45 33.96 6.69
CA PRO D 265 -47.78 34.85 5.74
C PRO D 265 -48.52 36.16 5.48
N THR D 266 -49.85 36.10 5.38
CA THR D 266 -50.62 37.32 5.09
C THR D 266 -50.66 38.32 6.23
N THR D 267 -50.76 37.86 7.48
CA THR D 267 -50.79 38.77 8.61
C THR D 267 -49.46 38.81 9.37
N ARG D 268 -48.51 37.99 8.94
CA ARG D 268 -47.20 37.90 9.58
C ARG D 268 -47.35 37.58 11.06
N GLU D 269 -48.30 36.71 11.40
CA GLU D 269 -48.54 36.30 12.78
C GLU D 269 -47.99 34.92 13.03
N ILE D 270 -47.59 34.67 14.27
CA ILE D 270 -47.02 33.38 14.62
C ILE D 270 -47.93 32.72 15.65
N TYR D 271 -48.56 31.63 15.25
CA TYR D 271 -49.46 30.90 16.13
C TYR D 271 -48.73 29.91 17.02
N LEU D 272 -49.08 29.91 18.29
CA LEU D 272 -48.46 29.01 19.26
C LEU D 272 -49.46 28.01 19.82
N LYS D 273 -48.98 26.80 20.13
CA LYS D 273 -49.85 25.76 20.66
C LYS D 273 -50.52 26.26 21.94
N GLY D 274 -51.85 26.26 21.95
CA GLY D 274 -52.54 26.71 23.13
C GLY D 274 -53.34 27.97 22.88
N GLY D 275 -53.28 28.50 21.67
CA GLY D 275 -54.04 29.70 21.35
C GLY D 275 -53.30 31.03 21.30
N LYS D 276 -52.17 31.13 21.99
CA LYS D 276 -51.38 32.36 22.00
C LYS D 276 -50.89 32.70 20.59
N VAL D 277 -50.95 33.98 20.24
CA VAL D 277 -50.52 34.41 18.93
C VAL D 277 -49.66 35.66 19.02
N LEU D 278 -48.48 35.61 18.41
CA LEU D 278 -47.54 36.72 18.39
C LEU D 278 -47.61 37.44 17.05
N SER D 279 -47.34 38.75 17.08
CA SER D 279 -47.34 39.55 15.86
C SER D 279 -46.28 40.63 15.99
N ASN D 280 -45.91 41.23 14.86
CA ASN D 280 -44.89 42.27 14.86
C ASN D 280 -43.53 41.76 15.35
N ILE D 281 -43.20 40.52 15.00
CA ILE D 281 -41.92 39.94 15.38
C ILE D 281 -40.94 40.29 14.28
N ASP D 282 -39.94 41.11 14.60
CA ASP D 282 -38.95 41.53 13.63
C ASP D 282 -38.00 40.40 13.22
N ARG D 283 -37.60 39.58 14.18
CA ARG D 283 -36.70 38.47 13.90
C ARG D 283 -37.13 37.19 14.60
N VAL D 284 -37.13 36.09 13.85
CA VAL D 284 -37.41 34.78 14.40
C VAL D 284 -36.07 34.06 14.25
N ILE D 285 -35.44 33.66 15.35
CA ILE D 285 -34.15 32.98 15.27
C ILE D 285 -34.19 31.53 15.75
N TYR D 286 -34.07 30.61 14.81
CA TYR D 286 -34.10 29.19 15.14
C TYR D 286 -32.80 28.68 15.78
N CYS D 287 -32.91 28.21 17.02
CA CYS D 287 -31.78 27.65 17.74
C CYS D 287 -32.12 26.18 17.95
N THR D 288 -32.50 25.53 16.85
CA THR D 288 -32.90 24.14 16.83
C THR D 288 -31.78 23.18 16.40
N GLY D 289 -30.55 23.65 16.52
CA GLY D 289 -29.42 22.80 16.20
C GLY D 289 -29.14 22.48 14.74
N TYR D 290 -28.42 21.38 14.55
CA TYR D 290 -28.01 20.93 13.24
C TYR D 290 -28.32 19.45 12.96
N LEU D 291 -27.94 18.99 11.77
CA LEU D 291 -28.16 17.60 11.37
C LEU D 291 -26.82 16.95 11.13
N TYR D 292 -26.73 15.64 11.35
CA TYR D 292 -25.47 14.96 11.08
C TYR D 292 -25.47 14.85 9.58
N SER D 293 -24.29 14.74 9.00
CA SER D 293 -24.19 14.71 7.56
C SER D 293 -23.00 13.90 7.06
N VAL D 294 -23.25 13.10 6.04
CA VAL D 294 -22.22 12.29 5.40
C VAL D 294 -22.43 12.59 3.91
N PRO D 295 -22.09 13.83 3.50
CA PRO D 295 -22.23 14.30 2.12
C PRO D 295 -21.28 13.66 1.12
N PHE D 296 -21.28 12.33 1.07
CA PHE D 296 -20.42 11.63 0.14
C PHE D 296 -21.28 10.59 -0.55
N PRO D 297 -21.77 10.91 -1.77
CA PRO D 297 -22.64 10.08 -2.63
C PRO D 297 -22.58 8.57 -2.42
N SER D 298 -21.39 7.98 -2.47
CA SER D 298 -21.25 6.54 -2.29
C SER D 298 -21.57 6.06 -0.90
N LEU D 299 -21.60 6.97 0.07
CA LEU D 299 -21.93 6.60 1.44
C LEU D 299 -23.39 6.99 1.74
N ALA D 300 -23.80 8.16 1.25
CA ALA D 300 -25.15 8.66 1.45
C ALA D 300 -26.21 7.81 0.74
N LYS D 301 -25.81 7.15 -0.35
CA LYS D 301 -26.75 6.32 -1.10
C LYS D 301 -27.13 5.06 -0.32
N LEU D 302 -26.23 4.60 0.54
CA LEU D 302 -26.47 3.41 1.34
C LEU D 302 -27.73 3.61 2.18
N LYS D 303 -28.69 2.70 2.03
CA LYS D 303 -29.94 2.83 2.76
C LYS D 303 -30.40 1.59 3.54
N SER D 304 -29.79 0.44 3.27
CA SER D 304 -30.19 -0.79 3.97
C SER D 304 -29.87 -0.68 5.46
N PRO D 305 -30.68 -1.31 6.32
CA PRO D 305 -30.51 -1.28 7.77
C PRO D 305 -29.11 -1.63 8.27
N GLU D 306 -28.44 -2.55 7.59
CA GLU D 306 -27.12 -2.98 8.00
C GLU D 306 -25.96 -2.20 7.36
N THR D 307 -26.24 -1.38 6.35
CA THR D 307 -25.16 -0.65 5.71
C THR D 307 -25.35 0.86 5.69
N LYS D 308 -26.50 1.34 6.14
CA LYS D 308 -26.76 2.77 6.10
C LYS D 308 -26.01 3.58 7.15
N LEU D 309 -25.65 4.80 6.80
CA LEU D 309 -24.96 5.69 7.73
C LEU D 309 -25.92 6.80 8.12
N ILE D 310 -26.43 7.49 7.10
CA ILE D 310 -27.34 8.60 7.33
C ILE D 310 -28.73 8.32 6.78
N ASP D 311 -29.74 8.75 7.54
CA ASP D 311 -31.14 8.65 7.14
C ASP D 311 -31.75 10.04 7.30
N ASP D 312 -32.08 10.41 8.53
CA ASP D 312 -32.70 11.71 8.78
C ASP D 312 -31.79 12.76 9.42
N GLY D 313 -30.53 12.42 9.65
CA GLY D 313 -29.60 13.37 10.23
C GLY D 313 -29.66 13.43 11.74
N SER D 314 -30.45 12.54 12.33
CA SER D 314 -30.57 12.51 13.80
C SER D 314 -29.29 11.92 14.40
N HIS D 315 -28.60 11.12 13.60
CA HIS D 315 -27.37 10.48 14.04
C HIS D 315 -26.77 9.70 12.88
N VAL D 316 -25.56 9.17 13.11
CA VAL D 316 -24.89 8.35 12.12
C VAL D 316 -25.08 6.94 12.64
N HIS D 317 -25.60 6.07 11.79
CA HIS D 317 -25.90 4.69 12.16
C HIS D 317 -24.79 3.69 11.86
N ASN D 318 -24.89 2.52 12.49
CA ASN D 318 -23.94 1.44 12.30
C ASN D 318 -22.51 1.75 12.67
N VAL D 319 -22.34 2.50 13.74
CA VAL D 319 -21.00 2.82 14.19
C VAL D 319 -20.78 2.29 15.59
N TYR D 320 -20.00 1.22 15.68
CA TYR D 320 -19.67 0.56 16.94
C TYR D 320 -18.91 1.53 17.83
N GLN D 321 -19.44 1.76 19.04
CA GLN D 321 -18.83 2.68 19.99
C GLN D 321 -18.80 4.10 19.44
N HIS D 322 -19.63 4.34 18.42
CA HIS D 322 -19.75 5.64 17.78
C HIS D 322 -18.53 5.94 16.93
N ILE D 323 -17.74 4.91 16.66
CA ILE D 323 -16.51 5.06 15.89
C ILE D 323 -16.42 4.19 14.63
N PHE D 324 -16.39 2.88 14.83
CA PHE D 324 -16.25 1.95 13.71
C PHE D 324 -17.49 1.53 12.95
N TYR D 325 -17.44 1.73 11.63
CA TYR D 325 -18.51 1.33 10.73
C TYR D 325 -18.55 -0.19 10.85
N ILE D 326 -19.62 -0.72 11.45
CA ILE D 326 -19.72 -2.17 11.66
C ILE D 326 -19.46 -3.05 10.44
N PRO D 327 -20.03 -2.70 9.28
CA PRO D 327 -19.79 -3.54 8.09
C PRO D 327 -18.32 -3.62 7.69
N ASP D 328 -17.61 -2.50 7.82
CA ASP D 328 -16.20 -2.41 7.44
C ASP D 328 -15.50 -1.37 8.32
N PRO D 329 -14.87 -1.83 9.43
CA PRO D 329 -14.17 -0.94 10.37
C PRO D 329 -12.97 -0.16 9.83
N THR D 330 -12.66 -0.27 8.53
CA THR D 330 -11.56 0.52 7.98
C THR D 330 -12.11 1.91 7.69
N LEU D 331 -13.38 2.10 8.05
CA LEU D 331 -14.05 3.39 7.91
C LEU D 331 -14.43 3.73 9.33
N ALA D 332 -13.97 4.88 9.83
CA ALA D 332 -14.27 5.26 11.21
C ALA D 332 -14.72 6.71 11.32
N PHE D 333 -15.32 7.03 12.46
CA PHE D 333 -15.79 8.37 12.72
C PHE D 333 -15.28 8.85 14.08
N VAL D 334 -14.81 10.09 14.14
CA VAL D 334 -14.35 10.68 15.39
C VAL D 334 -15.02 12.04 15.54
N GLY D 335 -15.64 12.26 16.69
CA GLY D 335 -16.30 13.52 16.94
C GLY D 335 -17.81 13.53 16.87
N LEU D 336 -18.42 12.36 16.76
CA LEU D 336 -19.88 12.24 16.69
C LEU D 336 -20.59 12.49 18.02
N ALA D 337 -19.89 12.30 19.13
CA ALA D 337 -20.49 12.46 20.45
C ALA D 337 -21.30 13.75 20.64
N LEU D 338 -22.42 13.63 21.33
CA LEU D 338 -23.29 14.76 21.60
C LEU D 338 -23.32 15.00 23.11
N HIS D 339 -23.43 16.27 23.52
CA HIS D 339 -23.49 16.63 24.94
C HIS D 339 -22.23 16.24 25.69
N VAL D 340 -21.07 16.47 25.08
CA VAL D 340 -19.80 16.10 25.69
C VAL D 340 -18.83 17.29 25.77
N VAL D 341 -17.61 16.99 26.19
CA VAL D 341 -16.54 17.99 26.24
C VAL D 341 -15.71 17.49 25.08
N PRO D 342 -15.91 18.11 23.89
CA PRO D 342 -15.29 17.86 22.59
C PRO D 342 -13.85 17.35 22.47
N PHE D 343 -12.88 18.20 22.79
CA PHE D 343 -11.47 17.82 22.67
C PHE D 343 -11.08 16.53 23.40
N PRO D 344 -11.40 16.39 24.70
CA PRO D 344 -11.06 15.19 25.47
C PRO D 344 -11.71 13.94 24.90
N THR D 345 -12.99 14.06 24.55
CA THR D 345 -13.76 12.95 24.03
C THR D 345 -13.26 12.50 22.66
N SER D 346 -12.90 13.45 21.80
CA SER D 346 -12.39 13.07 20.49
C SER D 346 -11.04 12.43 20.63
N GLN D 347 -10.31 12.81 21.67
CA GLN D 347 -8.99 12.25 21.93
C GLN D 347 -9.13 10.81 22.40
N ALA D 348 -10.08 10.56 23.30
CA ALA D 348 -10.32 9.22 23.82
C ALA D 348 -10.59 8.30 22.64
N GLN D 349 -11.42 8.77 21.71
CA GLN D 349 -11.75 7.98 20.53
C GLN D 349 -10.54 7.77 19.61
N ALA D 350 -9.77 8.83 19.40
CA ALA D 350 -8.59 8.77 18.53
C ALA D 350 -7.56 7.76 19.02
N ALA D 351 -7.28 7.79 20.32
CA ALA D 351 -6.31 6.88 20.93
C ALA D 351 -6.70 5.42 20.69
N PHE D 352 -7.97 5.14 20.88
CA PHE D 352 -8.51 3.79 20.69
C PHE D 352 -8.52 3.46 19.20
N LEU D 353 -8.91 4.44 18.38
CA LEU D 353 -8.97 4.23 16.93
C LEU D 353 -7.59 3.90 16.37
N ALA D 354 -6.56 4.61 16.85
CA ALA D 354 -5.18 4.40 16.39
C ALA D 354 -4.66 3.00 16.72
N ARG D 355 -4.85 2.57 17.96
CA ARG D 355 -4.41 1.26 18.41
C ARG D 355 -5.14 0.12 17.71
N VAL D 356 -6.39 0.36 17.30
CA VAL D 356 -7.14 -0.67 16.62
C VAL D 356 -6.66 -0.80 15.17
N TRP D 357 -6.39 0.34 14.54
CA TRP D 357 -5.93 0.31 13.15
C TRP D 357 -4.48 -0.12 12.95
N SER D 358 -3.67 -0.04 13.99
CA SER D 358 -2.27 -0.47 13.88
C SER D 358 -2.23 -1.96 14.18
N GLY D 359 -3.23 -2.44 14.91
CA GLY D 359 -3.29 -3.85 15.24
C GLY D 359 -2.91 -4.16 16.69
N ARG D 360 -2.55 -3.13 17.45
CA ARG D 360 -2.19 -3.32 18.85
C ARG D 360 -3.40 -3.67 19.72
N LEU D 361 -4.58 -3.54 19.13
CA LEU D 361 -5.83 -3.88 19.80
C LEU D 361 -6.75 -4.49 18.78
N LYS D 362 -7.64 -5.38 19.24
CA LYS D 362 -8.57 -6.04 18.35
C LYS D 362 -10.01 -5.76 18.77
N LEU D 363 -10.86 -5.48 17.78
CA LEU D 363 -12.27 -5.21 18.04
C LEU D 363 -12.99 -6.53 18.31
N PRO D 364 -14.10 -6.50 19.06
CA PRO D 364 -14.83 -7.74 19.34
C PRO D 364 -15.52 -8.23 18.05
N SER D 365 -16.15 -9.41 18.13
CA SER D 365 -16.82 -9.97 16.95
C SER D 365 -17.82 -9.02 16.34
N LYS D 366 -18.09 -9.20 15.05
CA LYS D 366 -19.04 -8.37 14.31
C LYS D 366 -20.45 -8.52 14.88
N GLU D 367 -20.75 -9.70 15.40
CA GLU D 367 -22.06 -9.95 15.96
C GLU D 367 -22.14 -9.25 17.31
N GLU D 368 -21.03 -9.21 18.03
CA GLU D 368 -21.04 -8.54 19.32
C GLU D 368 -21.13 -7.01 19.17
N GLN D 369 -20.62 -6.50 18.07
CA GLN D 369 -20.68 -5.06 17.82
C GLN D 369 -22.12 -4.68 17.53
N LEU D 370 -22.77 -5.50 16.70
CA LEU D 370 -24.16 -5.28 16.34
C LEU D 370 -25.03 -5.39 17.57
N LYS D 371 -24.62 -6.20 18.53
CA LYS D 371 -25.40 -6.36 19.74
C LYS D 371 -25.26 -5.08 20.57
N TRP D 372 -24.05 -4.55 20.61
CA TRP D 372 -23.80 -3.31 21.33
C TRP D 372 -24.78 -2.27 20.77
N GLN D 373 -24.96 -2.31 19.45
CA GLN D 373 -25.85 -1.37 18.79
C GLN D 373 -27.33 -1.61 19.09
N ASP D 374 -27.77 -2.87 19.03
CA ASP D 374 -29.17 -3.22 19.31
C ASP D 374 -29.57 -2.73 20.69
N GLU D 375 -28.68 -2.91 21.65
CA GLU D 375 -28.93 -2.48 23.01
C GLU D 375 -29.00 -0.97 23.15
N LEU D 376 -28.22 -0.25 22.34
CA LEU D 376 -28.24 1.20 22.39
C LEU D 376 -29.60 1.62 21.84
N MSE D 377 -29.94 1.09 20.67
CA MSE D 377 -31.21 1.41 20.02
C MSE D 377 -32.40 1.17 20.96
O MSE D 377 -33.36 1.95 21.00
CB MSE D 377 -31.39 0.55 18.77
CG MSE D 377 -30.58 1.03 17.57
SE MSE D 377 -30.99 2.90 17.25
CE MSE D 377 -32.35 2.74 15.88
N PHE D 378 -32.32 0.08 21.71
CA PHE D 378 -33.36 -0.30 22.65
C PHE D 378 -33.50 0.75 23.75
N SER D 379 -32.38 1.18 24.30
CA SER D 379 -32.37 2.18 25.36
C SER D 379 -32.82 3.57 24.89
N LEU D 380 -32.76 3.82 23.59
CA LEU D 380 -33.17 5.11 23.03
C LEU D 380 -34.68 5.29 22.99
N SER D 381 -35.40 4.17 22.94
CA SER D 381 -36.86 4.20 22.91
C SER D 381 -37.37 5.14 21.81
N GLY D 382 -36.88 4.94 20.60
CA GLY D 382 -37.30 5.77 19.48
C GLY D 382 -36.67 7.14 19.30
N ALA D 383 -36.04 7.67 20.34
CA ALA D 383 -35.39 8.99 20.25
C ALA D 383 -33.98 8.85 19.69
N ASN D 384 -33.92 8.65 18.37
CA ASN D 384 -32.65 8.47 17.67
C ASN D 384 -31.70 9.66 17.72
N ASN D 385 -32.22 10.84 17.94
CA ASN D 385 -31.37 12.02 18.00
C ASN D 385 -30.57 12.06 19.31
N MSE D 386 -30.74 11.02 20.13
CA MSE D 386 -30.01 10.89 21.39
C MSE D 386 -29.02 9.74 21.28
O MSE D 386 -28.28 9.45 22.22
CB MSE D 386 -30.98 10.60 22.54
CG MSE D 386 -31.81 11.78 22.99
SE MSE D 386 -30.75 13.29 23.56
CE MSE D 386 -30.31 12.65 25.33
N TYR D 387 -29.02 9.09 20.12
CA TYR D 387 -28.13 7.96 19.86
C TYR D 387 -26.67 8.23 20.27
N HIS D 388 -26.10 9.36 19.84
CA HIS D 388 -24.72 9.71 20.19
C HIS D 388 -24.56 10.48 21.48
N SER D 389 -25.66 10.75 22.18
CA SER D 389 -25.61 11.51 23.41
C SER D 389 -24.92 10.74 24.54
N LEU D 390 -23.91 11.37 25.15
CA LEU D 390 -23.19 10.75 26.25
C LEU D 390 -23.18 11.69 27.46
N ASP D 391 -24.32 12.34 27.70
CA ASP D 391 -24.41 13.25 28.83
C ASP D 391 -23.95 12.59 30.12
N TYR D 392 -23.17 13.30 30.92
CA TYR D 392 -22.65 12.75 32.18
C TYR D 392 -23.75 12.00 32.93
N PRO D 393 -23.42 10.85 33.54
CA PRO D 393 -22.11 10.19 33.58
C PRO D 393 -21.70 9.34 32.39
N LYS D 394 -22.50 9.28 31.34
CA LYS D 394 -22.14 8.43 30.20
C LYS D 394 -20.80 8.79 29.56
N ASP D 395 -20.47 10.08 29.50
CA ASP D 395 -19.21 10.48 28.88
C ASP D 395 -18.01 10.16 29.77
N ALA D 396 -18.16 10.31 31.07
CA ALA D 396 -17.07 10.01 31.98
C ALA D 396 -16.77 8.52 31.90
N THR D 397 -17.82 7.72 31.89
CA THR D 397 -17.69 6.27 31.82
C THR D 397 -17.10 5.86 30.47
N TYR D 398 -17.58 6.50 29.42
CA TYR D 398 -17.11 6.22 28.07
C TYR D 398 -15.61 6.47 27.88
N ILE D 399 -15.15 7.68 28.20
CA ILE D 399 -13.73 8.00 28.02
C ILE D 399 -12.84 7.13 28.92
N ASN D 400 -13.31 6.82 30.13
CA ASN D 400 -12.52 6.00 31.03
C ASN D 400 -12.45 4.56 30.52
N LYS D 401 -13.54 4.10 29.92
CA LYS D 401 -13.58 2.76 29.37
C LYS D 401 -12.56 2.67 28.23
N LEU D 402 -12.52 3.71 27.39
CA LEU D 402 -11.58 3.72 26.28
C LEU D 402 -10.14 3.84 26.76
N HIS D 403 -9.93 4.61 27.83
CA HIS D 403 -8.60 4.78 28.38
C HIS D 403 -8.09 3.43 28.90
N ASP D 404 -8.96 2.67 29.54
CA ASP D 404 -8.58 1.36 30.07
C ASP D 404 -8.34 0.32 28.98
N TRP D 405 -9.04 0.45 27.85
CA TRP D 405 -8.86 -0.49 26.74
C TRP D 405 -7.54 -0.23 26.04
N CYS D 406 -7.20 1.05 25.90
CA CYS D 406 -5.95 1.43 25.25
C CYS D 406 -4.76 1.00 26.10
N LYS D 407 -4.97 0.95 27.43
CA LYS D 407 -3.89 0.53 28.31
C LYS D 407 -3.48 -0.90 27.98
N GLN D 408 -4.40 -1.64 27.38
CA GLN D 408 -4.13 -3.04 27.03
C GLN D 408 -3.43 -3.24 25.68
N ALA D 409 -3.12 -2.16 24.98
CA ALA D 409 -2.45 -2.32 23.69
C ALA D 409 -1.05 -2.91 23.81
N THR D 410 -0.66 -3.72 22.83
CA THR D 410 0.66 -4.34 22.79
C THR D 410 1.13 -4.43 21.34
N PRO D 411 2.45 -4.34 21.13
CA PRO D 411 3.44 -4.17 22.18
C PRO D 411 3.42 -2.75 22.72
N VAL D 412 4.01 -2.56 23.89
CA VAL D 412 4.09 -1.23 24.49
C VAL D 412 5.07 -0.42 23.64
N LEU D 413 4.74 0.84 23.39
CA LEU D 413 5.64 1.68 22.61
C LEU D 413 6.42 2.56 23.57
N GLU D 414 7.61 2.99 23.15
CA GLU D 414 8.42 3.85 24.01
C GLU D 414 7.67 5.13 24.34
N GLU D 415 6.90 5.61 23.38
CA GLU D 415 6.11 6.84 23.56
C GLU D 415 4.64 6.57 23.28
N GLU D 416 3.88 6.44 24.37
CA GLU D 416 2.46 6.15 24.30
C GLU D 416 1.53 7.38 24.24
N PHE D 417 0.91 7.61 23.08
CA PHE D 417 -0.03 8.72 22.93
C PHE D 417 -1.03 8.51 24.08
N PRO D 418 -1.20 9.52 24.95
CA PRO D 418 -2.12 9.43 26.08
C PRO D 418 -3.62 9.44 25.83
N SER D 419 -4.32 8.74 26.71
CA SER D 419 -5.77 8.65 26.69
C SER D 419 -6.23 9.44 27.90
N PRO D 420 -7.08 10.45 27.69
CA PRO D 420 -7.51 11.21 28.86
C PRO D 420 -8.21 10.29 29.83
N TYR D 421 -8.24 10.71 31.09
CA TYR D 421 -8.90 9.93 32.11
C TYR D 421 -9.52 10.92 33.07
N TRP D 422 -10.77 10.66 33.45
CA TRP D 422 -11.47 11.52 34.36
C TRP D 422 -11.61 10.82 35.71
N GLY D 423 -10.84 11.31 36.68
CA GLY D 423 -10.87 10.74 38.02
C GLY D 423 -11.99 11.36 38.81
N GLU D 424 -11.91 11.23 40.13
CA GLU D 424 -12.92 11.75 41.04
C GLU D 424 -13.14 13.26 40.85
N LYS D 425 -12.04 13.99 40.78
CA LYS D 425 -12.08 15.45 40.62
C LYS D 425 -12.72 15.86 39.29
N GLU D 426 -12.16 15.35 38.18
CA GLU D 426 -12.67 15.67 36.86
C GLU D 426 -14.15 15.37 36.74
N ARG D 427 -14.60 14.22 37.22
CA ARG D 427 -16.02 13.86 37.13
C ARG D 427 -16.91 14.83 37.90
N SER D 428 -16.43 15.31 39.04
CA SER D 428 -17.22 16.23 39.85
C SER D 428 -17.47 17.53 39.09
N ILE D 429 -16.42 18.04 38.45
CA ILE D 429 -16.54 19.27 37.66
C ILE D 429 -17.49 19.06 36.48
N ARG D 430 -17.38 17.90 35.83
CA ARG D 430 -18.24 17.58 34.69
C ARG D 430 -19.69 17.49 35.17
N GLU D 431 -19.88 16.93 36.36
CA GLU D 431 -21.22 16.79 36.90
C GLU D 431 -21.89 18.13 37.19
N ASN D 432 -21.13 19.07 37.75
CA ASN D 432 -21.67 20.39 38.08
C ASN D 432 -21.30 21.43 37.03
N MSE D 433 -20.83 20.96 35.88
CA MSE D 433 -20.40 21.86 34.82
C MSE D 433 -21.28 23.08 34.56
O MSE D 433 -20.78 24.21 34.53
CB MSE D 433 -20.20 21.09 33.50
CG MSE D 433 -19.59 21.93 32.38
SE MSE D 433 -19.00 20.89 30.86
CE MSE D 433 -17.36 20.26 31.61
N TRP D 434 -22.57 22.87 34.36
CA TRP D 434 -23.48 23.97 34.06
C TRP D 434 -23.67 24.94 35.22
N SER D 435 -23.48 24.46 36.44
CA SER D 435 -23.59 25.30 37.62
C SER D 435 -22.31 26.10 37.75
N ILE D 436 -21.18 25.43 37.56
CA ILE D 436 -19.90 26.10 37.66
C ILE D 436 -19.86 27.20 36.59
N ARG D 437 -20.51 26.93 35.46
CA ARG D 437 -20.59 27.89 34.36
C ARG D 437 -21.54 29.02 34.70
N ALA D 438 -22.68 28.68 35.28
CA ALA D 438 -23.69 29.68 35.67
C ALA D 438 -23.11 30.66 36.67
N LYS D 439 -22.32 30.14 37.60
CA LYS D 439 -21.71 30.99 38.59
C LYS D 439 -20.62 31.86 37.95
N PHE D 440 -19.87 31.29 37.01
CA PHE D 440 -18.81 32.04 36.34
C PHE D 440 -19.37 33.26 35.61
N PHE D 441 -20.49 33.08 34.91
CA PHE D 441 -21.10 34.18 34.18
C PHE D 441 -22.21 34.85 34.96
N GLY D 442 -22.26 34.59 36.26
CA GLY D 442 -23.29 35.18 37.12
C GLY D 442 -24.69 35.09 36.57
N ILE D 443 -25.16 33.87 36.29
CA ILE D 443 -26.49 33.69 35.73
C ILE D 443 -27.39 32.70 36.48
N GLU D 444 -28.38 32.16 35.77
CA GLU D 444 -29.38 31.22 36.32
C GLU D 444 -30.02 31.71 37.64
O1 PEO E . 3.46 -49.75 -2.35
O2 PEO E . 3.22 -51.19 -1.99
PA FAD F . 8.28 -51.74 -12.80
O1A FAD F . 6.96 -51.45 -13.41
O2A FAD F . 8.91 -50.72 -11.93
O5B FAD F . 9.36 -52.09 -13.90
C5B FAD F . 9.07 -52.92 -15.03
C4B FAD F . 10.07 -52.47 -16.06
O4B FAD F . 10.18 -53.38 -17.17
C3B FAD F . 9.83 -51.06 -16.67
O3B FAD F . 11.03 -50.31 -16.56
C2B FAD F . 9.42 -51.34 -18.04
O2B FAD F . 9.66 -50.39 -19.04
C1B FAD F . 10.11 -52.64 -18.41
N9A FAD F . 9.42 -53.41 -19.39
C8A FAD F . 8.08 -53.86 -19.44
N7A FAD F . 7.79 -54.55 -20.52
C5A FAD F . 8.96 -54.60 -21.25
C6A FAD F . 9.30 -55.16 -22.49
N6A FAD F . 8.43 -55.85 -23.23
N1A FAD F . 10.60 -55.02 -22.95
C2A FAD F . 11.53 -54.33 -22.23
N3A FAD F . 11.27 -53.71 -20.98
C4A FAD F . 9.90 -53.94 -20.61
N1 FAD F . 6.46 -49.30 -4.13
C2 FAD F . 7.02 -49.03 -2.90
O2 FAD F . 7.77 -49.85 -2.35
N3 FAD F . 6.76 -47.83 -2.31
C4 FAD F . 5.93 -46.80 -2.83
O4 FAD F . 5.76 -45.73 -2.17
C4X FAD F . 5.39 -47.08 -4.08
N5 FAD F . 4.53 -46.09 -4.67
C5X FAD F . 3.98 -46.39 -5.94
C6 FAD F . 3.14 -45.46 -6.58
C7 FAD F . 2.53 -45.69 -7.85
C7M FAD F . 1.63 -44.61 -8.47
C8 FAD F . 2.79 -46.93 -8.50
C8M FAD F . 2.21 -47.30 -9.85
C9 FAD F . 3.60 -47.90 -7.90
C9A FAD F . 4.19 -47.67 -6.64
N10 FAD F . 5.08 -48.62 -5.92
C10 FAD F . 5.63 -48.34 -4.69
C1' FAD F . 5.31 -49.91 -6.50
C2' FAD F . 6.29 -50.17 -7.56
O2' FAD F . 5.60 -51.07 -8.48
C3' FAD F . 7.52 -50.84 -7.03
O3' FAD F . 8.24 -50.02 -6.14
C4' FAD F . 8.59 -51.22 -8.03
O4' FAD F . 8.52 -50.30 -9.16
C5' FAD F . 8.40 -52.60 -8.48
O5' FAD F . 8.88 -52.76 -9.77
P FAD F . 9.12 -53.95 -11.11
O1P FAD F . 10.43 -54.19 -11.69
O2P FAD F . 8.35 -55.13 -10.60
O3P FAD F . 8.13 -53.09 -11.99
N1 MMZ G . -0.23 -49.27 -6.94
C1A MMZ G . -0.72 -48.41 -7.92
C2 MMZ G . -0.03 -48.56 -5.81
S2 MMZ G . 0.61 -49.24 -4.37
N3 MMZ G . -0.37 -47.27 -6.00
C3A MMZ G . -0.81 -47.12 -7.36
C4 MMZ G . -0.39 -46.09 -5.12
C1 GOL H . 7.35 -31.54 -12.13
O1 GOL H . 8.57 -31.44 -11.40
C2 GOL H . 7.51 -31.23 -13.62
O2 GOL H . 8.02 -29.92 -13.87
C3 GOL H . 6.16 -31.39 -14.33
O3 GOL H . 5.86 -32.78 -14.44
O1 PEO I . 26.78 -24.33 -12.54
O2 PEO I . 27.80 -23.29 -12.28
PA FAD J . 15.72 -21.00 -12.87
O1A FAD J . 15.83 -21.02 -14.37
O2A FAD J . 16.04 -22.25 -12.14
O5B FAD J . 14.26 -20.59 -12.42
C5B FAD J . 13.51 -19.54 -13.06
C4B FAD J . 12.07 -19.80 -12.68
O4B FAD J . 11.21 -18.66 -12.99
C3B FAD J . 11.41 -21.03 -13.34
O3B FAD J . 10.73 -21.77 -12.34
C2B FAD J . 10.55 -20.43 -14.36
O2B FAD J . 9.44 -21.13 -14.88
C1B FAD J . 10.07 -19.12 -13.71
N9A FAD J . 9.66 -18.12 -14.66
C8A FAD J . 10.35 -17.54 -15.76
N7A FAD J . 9.65 -16.65 -16.41
C5A FAD J . 8.43 -16.59 -15.74
C6A FAD J . 7.25 -15.82 -15.95
N6A FAD J . 7.13 -14.94 -16.94
N1A FAD J . 6.17 -16.02 -15.08
C2A FAD J . 6.26 -16.91 -14.06
N3A FAD J . 7.39 -17.71 -13.78
C4A FAD J . 8.43 -17.43 -14.75
N1 FAD J . 23.90 -24.84 -10.85
C2 FAD J . 24.67 -25.43 -9.84
O2 FAD J . 24.87 -24.86 -8.76
N3 FAD J . 25.20 -26.66 -10.07
C4 FAD J . 25.02 -27.44 -11.25
O4 FAD J . 25.58 -28.56 -11.33
C4X FAD J . 24.25 -26.84 -12.22
N5 FAD J . 24.03 -27.59 -13.42
C5X FAD J . 23.25 -26.99 -14.44
C6 FAD J . 23.01 -27.67 -15.65
C7 FAD J . 22.23 -27.14 -16.71
C7M FAD J . 22.02 -27.96 -17.99
C8 FAD J . 21.67 -25.85 -16.55
C8M FAD J . 20.83 -25.17 -17.62
C9 FAD J . 21.87 -25.11 -15.36
C9A FAD J . 22.65 -25.64 -14.30
N10 FAD J . 22.95 -24.97 -13.00
C10 FAD J . 23.70 -25.55 -12.00
C1' FAD J . 22.46 -23.65 -12.80
C2' FAD J . 21.07 -23.31 -12.45
O2' FAD J . 20.76 -22.16 -13.29
C3' FAD J . 20.95 -22.94 -11.00
O3' FAD J . 21.22 -24.03 -10.16
C4' FAD J . 19.62 -22.47 -10.49
O4' FAD J . 18.57 -23.24 -11.12
C5' FAD J . 19.44 -21.03 -10.76
O5' FAD J . 18.10 -20.69 -10.73
P FAD J . 16.97 -19.30 -10.91
O1P FAD J . 15.86 -19.11 -10.01
O2P FAD J . 17.92 -18.17 -11.09
O3P FAD J . 16.63 -19.85 -12.35
N1 MMZ K . 24.56 -23.67 -18.01
C1A MMZ K . 24.27 -24.47 -19.15
C2 MMZ K . 25.26 -24.42 -17.12
S2 MMZ K . 25.75 -23.86 -15.56
N3 MMZ K . 25.47 -25.66 -17.66
C3A MMZ K . 24.82 -25.74 -18.95
C4 MMZ K . 26.20 -26.81 -17.14
C1 GOL L . 14.42 -40.60 -17.39
O1 GOL L . 14.54 -40.94 -16.02
C2 GOL L . 13.02 -40.76 -17.99
O2 GOL L . 12.51 -42.10 -17.89
C3 GOL L . 13.01 -40.35 -19.46
O3 GOL L . 13.40 -38.99 -19.51
O1 PEO M . 3.50 48.41 13.68
O2 PEO M . 4.72 49.22 13.75
PA FAD N . -7.59 51.54 14.02
O1A FAD N . -7.54 51.57 12.54
O2A FAD N . -7.25 50.27 14.72
O5B FAD N . -9.00 51.96 14.57
C5B FAD N . -9.73 53.09 14.07
C4B FAD N . -11.18 52.81 14.43
O4B FAD N . -12.08 53.94 14.19
C3B FAD N . -11.83 51.60 13.73
O3B FAD N . -12.44 50.78 14.72
C2B FAD N . -12.77 52.21 12.77
O2B FAD N . -13.86 51.48 12.32
C1B FAD N . -13.22 53.49 13.47
N9A FAD N . -13.70 54.56 12.60
C8A FAD N . -13.09 55.19 11.47
N7A FAD N . -13.83 56.12 10.93
C5A FAD N . -14.99 56.17 11.68
C6A FAD N . -16.18 56.97 11.61
N6A FAD N . -16.38 57.91 10.68
N1A FAD N . -17.17 56.74 12.56
C2A FAD N . -17.03 55.79 13.52
N3A FAD N . -15.90 54.96 13.68
C4A FAD N . -14.92 55.27 12.64
N1 FAD N . 0.54 47.51 15.46
C2 FAD N . 1.34 46.89 16.40
O2 FAD N . 1.60 47.42 17.49
N3 FAD N . 1.86 45.65 16.11
C4 FAD N . 1.64 44.92 14.91
O4 FAD N . 2.17 43.78 14.77
C4X FAD N . 0.82 45.54 14.00
N5 FAD N . 0.55 44.85 12.77
C5X FAD N . -0.29 45.49 11.82
C6 FAD N . -0.59 44.87 10.59
C7 FAD N . -1.42 45.47 9.59
C7M FAD N . -1.69 44.71 8.28
C8 FAD N . -1.96 46.75 9.85
C8M FAD N . -2.86 47.49 8.86
C9 FAD N . -1.69 47.42 11.05
C9A FAD N . -0.87 46.84 12.04
N10 FAD N . -0.51 47.47 13.36
C10 FAD N . 0.29 46.84 14.28
C1' FAD N . -0.97 48.79 13.63
C2' FAD N . -2.32 49.13 14.09
O2' FAD N . -2.65 50.33 13.34
C3' FAD N . -2.38 49.44 15.55
O3' FAD N . -2.08 48.31 16.35
C4' FAD N . -3.69 49.88 16.14
O4' FAD N . -4.77 49.38 15.28
C5' FAD N . -3.78 51.34 16.25
O5' FAD N . -5.09 51.77 16.04
P FAD N . -6.20 53.20 15.96
O1P FAD N . -7.28 53.36 16.93
O2P FAD N . -5.25 54.34 15.78
O3P FAD N . -6.63 52.69 14.52
N1 MMZ O . 0.76 49.13 8.24
C1A MMZ O . 0.28 48.55 7.06
C2 MMZ O . 1.50 48.19 8.91
S2 MMZ O . 2.07 48.41 10.53
N3 MMZ O . 1.62 47.09 8.10
C3A MMZ O . 0.76 47.25 6.96
C4 MMZ O . 2.48 45.91 8.17
C1 GOL P . -9.30 32.18 8.77
O1 GOL P . -9.23 31.79 10.13
C2 GOL P . -10.73 32.16 8.17
O2 GOL P . -11.35 30.87 8.24
C3 GOL P . -10.69 32.61 6.70
O3 GOL P . -10.30 33.97 6.66
O1 PEO Q . -19.99 22.55 23.56
O2 PEO Q . -20.24 21.28 24.31
PA FAD R . -15.38 20.86 13.21
O1A FAD R . -16.74 21.18 12.70
O2A FAD R . -14.71 21.87 14.07
O5B FAD R . -14.38 20.58 12.04
C5B FAD R . -14.71 19.75 10.92
C4B FAD R . -13.74 20.18 9.86
O4B FAD R . -13.75 19.30 8.68
C3B FAD R . -13.93 21.61 9.31
O3B FAD R . -12.67 22.27 9.33
C2B FAD R . -14.49 21.39 7.98
O2B FAD R . -14.37 22.37 6.99
C1B FAD R . -13.86 20.09 7.50
N9A FAD R . -14.63 19.39 6.52
C8A FAD R . -15.97 18.96 6.55
N7A FAD R . -16.36 18.34 5.47
C5A FAD R . -15.23 18.34 4.64
C6A FAD R . -14.99 17.83 3.34
N6A FAD R . -15.92 17.21 2.62
N1A FAD R . -13.71 18.01 2.80
C2A FAD R . -12.74 18.65 3.50
N3A FAD R . -12.90 19.18 4.80
C4A FAD R . -14.24 18.94 5.26
N1 FAD R . -16.81 22.96 22.12
C2 FAD R . -16.21 23.19 23.35
O2 FAD R . -15.42 22.37 23.86
N3 FAD R . -16.47 24.36 24.00
C4 FAD R . -17.32 25.39 23.53
O4 FAD R . -17.48 26.42 24.24
C4X FAD R . -17.90 25.15 22.31
N5 FAD R . -18.76 26.17 21.79
C5X FAD R . -19.37 25.93 20.53
C6 FAD R . -20.24 26.89 19.96
C7 FAD R . -20.88 26.72 18.70
C7M FAD R . -21.80 27.82 18.17
C8 FAD R . -20.65 25.51 17.98
C8M FAD R . -21.28 25.21 16.64
C9 FAD R . -19.79 24.52 18.50
C9A FAD R . -19.15 24.68 19.76
N10 FAD R . -18.24 23.70 20.41
C10 FAD R . -17.64 23.94 21.63
C1' FAD R . -18.00 22.44 19.76
C2' FAD R . -17.07 22.19 18.65
O2' FAD R . -17.82 21.31 17.77
C3' FAD R . -15.83 21.49 19.10
O3' FAD R . -15.05 22.31 19.97
C4' FAD R . -14.81 21.08 18.07
O4' FAD R . -14.75 22.11 17.04
C5' FAD R . -15.14 19.77 17.46
O5' FAD R . -14.61 19.67 16.18
P FAD R . -14.45 18.59 14.76
O1P FAD R . -13.17 18.38 14.10
O2P FAD R . -15.19 17.39 15.23
O3P FAD R . -15.49 19.49 13.97
N1 MMZ S . -23.70 23.34 19.33
C1A MMZ S . -24.54 24.36 18.84
C2 MMZ S . -23.07 23.80 20.43
S2 MMZ S . -21.84 22.93 21.26
N3 MMZ S . -23.52 25.03 20.75
C3A MMZ S . -24.42 25.46 19.71
C4 MMZ S . -23.27 25.90 21.90
C1 GOL T . -16.15 41.05 14.77
O1 GOL T . -14.95 41.09 15.53
C2 GOL T . -15.99 41.49 13.33
O2 GOL T . -15.51 42.84 13.21
C3 GOL T . -17.32 41.40 12.59
O3 GOL T . -17.74 40.04 12.61
#